data_9R3Y
#
_entry.id   9R3Y
#
loop_
_entity.id
_entity.type
_entity.pdbx_description
1 polymer 'Actin nucleation-promoting factor WASL'
2 polymer 'Secreted effector protein EspF(U)'
#
loop_
_entity_poly.entity_id
_entity_poly.type
_entity_poly.pdbx_seq_one_letter_code
_entity_poly.pdbx_strand_id
1 'polypeptide(L)' GSHMSNFQHIGHVGWDPNTGFDLNNLDPELKNLFDMCGISEAQLKDRETSKVIYDFIEKTGGVEAVKNELRRQ A
2 'polypeptide(L)' GLPDVAQRLMQHLAEHGIQPARNMAEHIPPAPNWPAPTPPVQNEQSRP B
#
# COMPACT_ATOMS: atom_id res chain seq x y z
N GLY A 1 7.47 -21.25 -10.38
CA GLY A 1 6.17 -21.32 -9.65
C GLY A 1 5.32 -20.09 -9.88
N SER A 2 4.03 -20.18 -9.58
CA SER A 2 3.06 -19.06 -9.71
C SER A 2 1.82 -19.28 -8.84
N HIS A 3 1.05 -18.21 -8.60
CA HIS A 3 -0.18 -18.20 -7.80
C HIS A 3 -1.36 -18.93 -8.48
N MET A 4 -2.31 -19.39 -7.67
CA MET A 4 -3.52 -20.12 -8.08
C MET A 4 -4.67 -19.19 -8.50
N SER A 5 -5.46 -19.62 -9.48
CA SER A 5 -6.55 -18.85 -10.09
C SER A 5 -7.86 -18.83 -9.28
N ASN A 6 -7.80 -18.56 -7.97
CA ASN A 6 -9.00 -18.43 -7.12
C ASN A 6 -9.73 -17.10 -7.36
N PHE A 7 -9.02 -15.97 -7.20
CA PHE A 7 -9.53 -14.61 -7.43
C PHE A 7 -10.88 -14.30 -6.73
N GLN A 8 -10.97 -14.67 -5.44
CA GLN A 8 -12.19 -14.60 -4.62
C GLN A 8 -12.26 -13.40 -3.67
N HIS A 9 -11.14 -12.74 -3.41
CA HIS A 9 -11.00 -11.63 -2.44
C HIS A 9 -10.28 -10.42 -3.08
N ILE A 10 -10.55 -10.15 -4.35
CA ILE A 10 -9.88 -9.10 -5.14
C ILE A 10 -10.49 -7.71 -4.85
N GLY A 11 -9.67 -6.66 -4.89
CA GLY A 11 -10.11 -5.27 -4.71
C GLY A 11 -10.57 -4.54 -5.96
N HIS A 12 -11.86 -4.22 -5.99
CA HIS A 12 -12.51 -3.35 -6.99
C HIS A 12 -12.01 -1.90 -6.90
N VAL A 13 -11.21 -1.49 -7.88
CA VAL A 13 -10.67 -0.13 -8.11
C VAL A 13 -10.23 -0.03 -9.58
N GLY A 14 -10.12 1.17 -10.16
CA GLY A 14 -9.72 1.38 -11.55
C GLY A 14 -8.22 1.14 -11.85
N TRP A 15 -7.56 0.16 -11.23
CA TRP A 15 -6.15 -0.16 -11.51
C TRP A 15 -6.00 -1.04 -12.76
N ASP A 16 -4.97 -0.76 -13.56
CA ASP A 16 -4.58 -1.53 -14.73
C ASP A 16 -3.05 -1.66 -14.84
N PRO A 17 -2.50 -2.84 -15.19
CA PRO A 17 -1.05 -3.08 -15.26
C PRO A 17 -0.33 -2.24 -16.34
N ASN A 18 -1.09 -1.62 -17.25
CA ASN A 18 -0.62 -0.84 -18.39
C ASN A 18 -0.38 0.65 -18.10
N THR A 19 -0.98 1.17 -17.03
CA THR A 19 -0.96 2.62 -16.65
C THR A 19 -1.09 2.86 -15.14
N GLY A 20 -1.34 1.84 -14.34
CA GLY A 20 -1.52 1.89 -12.90
C GLY A 20 -2.93 2.33 -12.48
N PHE A 21 -3.05 3.02 -11.33
CA PHE A 21 -4.34 3.47 -10.78
C PHE A 21 -5.00 4.58 -11.63
N ASP A 22 -6.31 4.47 -11.87
CA ASP A 22 -7.14 5.53 -12.44
C ASP A 22 -7.57 6.51 -11.34
N LEU A 23 -7.14 7.78 -11.41
CA LEU A 23 -7.48 8.78 -10.38
C LEU A 23 -9.01 8.98 -10.25
N ASN A 24 -9.75 8.83 -11.35
CA ASN A 24 -11.21 8.99 -11.40
C ASN A 24 -11.98 7.88 -10.68
N ASN A 25 -11.31 6.75 -10.41
CA ASN A 25 -11.85 5.58 -9.74
C ASN A 25 -11.08 5.20 -8.46
N LEU A 26 -10.15 6.03 -7.99
CA LEU A 26 -9.42 5.81 -6.75
C LEU A 26 -10.29 6.12 -5.52
N ASP A 27 -10.42 5.14 -4.61
CA ASP A 27 -11.26 5.26 -3.41
C ASP A 27 -10.65 6.26 -2.41
N PRO A 28 -11.44 7.16 -1.82
CA PRO A 28 -10.95 8.19 -0.92
C PRO A 28 -10.53 7.61 0.44
N GLU A 29 -11.12 6.50 0.89
CA GLU A 29 -10.68 5.82 2.10
C GLU A 29 -9.39 5.02 1.86
N LEU A 30 -9.24 4.34 0.71
CA LEU A 30 -7.95 3.72 0.36
C LEU A 30 -6.84 4.79 0.23
N LYS A 31 -7.18 5.99 -0.25
CA LYS A 31 -6.25 7.14 -0.32
C LYS A 31 -5.75 7.61 1.04
N ASN A 32 -6.50 7.39 2.12
CA ASN A 32 -6.07 7.73 3.49
C ASN A 32 -4.68 7.13 3.80
N LEU A 33 -4.53 5.84 3.46
CA LEU A 33 -3.32 5.07 3.71
C LEU A 33 -2.17 5.52 2.81
N PHE A 34 -2.46 5.75 1.53
CA PHE A 34 -1.48 6.17 0.53
C PHE A 34 -0.84 7.51 0.92
N ASP A 35 -1.68 8.43 1.40
CA ASP A 35 -1.24 9.75 1.85
C ASP A 35 -0.48 9.70 3.18
N MET A 36 -0.91 8.87 4.13
CA MET A 36 -0.19 8.67 5.40
C MET A 36 1.24 8.16 5.17
N CYS A 37 1.45 7.32 4.16
CA CYS A 37 2.77 6.84 3.76
C CYS A 37 3.63 7.90 3.05
N GLY A 38 3.03 8.95 2.48
CA GLY A 38 3.73 9.96 1.71
C GLY A 38 3.79 9.70 0.20
N ILE A 39 2.85 8.94 -0.36
CA ILE A 39 2.85 8.56 -1.78
C ILE A 39 2.19 9.66 -2.64
N SER A 40 2.79 9.98 -3.78
CA SER A 40 2.28 10.93 -4.77
C SER A 40 1.45 10.24 -5.85
N GLU A 41 0.61 10.99 -6.56
CA GLU A 41 -0.15 10.47 -7.71
C GLU A 41 0.77 9.97 -8.84
N ALA A 42 1.99 10.51 -8.96
CA ALA A 42 3.00 10.03 -9.91
C ALA A 42 3.42 8.58 -9.66
N GLN A 43 3.57 8.18 -8.38
CA GLN A 43 3.87 6.79 -8.02
C GLN A 43 2.69 5.86 -8.33
N LEU A 44 1.45 6.38 -8.23
CA LEU A 44 0.22 5.64 -8.53
C LEU A 44 0.01 5.42 -10.04
N LYS A 45 0.58 6.28 -10.90
CA LYS A 45 0.60 6.15 -12.36
C LYS A 45 1.79 5.36 -12.93
N ASP A 46 2.82 5.06 -12.14
CA ASP A 46 3.89 4.15 -12.57
C ASP A 46 3.39 2.70 -12.53
N ARG A 47 3.61 1.92 -13.60
CA ARG A 47 3.16 0.53 -13.69
C ARG A 47 3.74 -0.32 -12.57
N GLU A 48 5.07 -0.36 -12.48
CA GLU A 48 5.82 -1.21 -11.54
C GLU A 48 5.57 -0.83 -10.08
N THR A 49 5.57 0.47 -9.78
CA THR A 49 5.31 1.00 -8.43
C THR A 49 3.86 0.72 -8.03
N SER A 50 2.87 1.08 -8.85
CA SER A 50 1.46 0.84 -8.52
C SER A 50 1.11 -0.66 -8.45
N LYS A 51 1.83 -1.53 -9.18
CA LYS A 51 1.73 -2.99 -9.08
C LYS A 51 2.14 -3.50 -7.69
N VAL A 52 3.16 -2.90 -7.06
CA VAL A 52 3.56 -3.19 -5.67
C VAL A 52 2.50 -2.70 -4.69
N ILE A 53 2.02 -1.47 -4.89
CA ILE A 53 1.02 -0.86 -4.01
C ILE A 53 -0.30 -1.64 -4.04
N TYR A 54 -0.84 -1.96 -5.24
CA TYR A 54 -2.10 -2.68 -5.39
C TYR A 54 -2.06 -4.07 -4.76
N ASP A 55 -0.90 -4.73 -4.77
CA ASP A 55 -0.69 -6.03 -4.13
C ASP A 55 -1.17 -6.03 -2.67
N PHE A 56 -0.96 -4.93 -1.93
CA PHE A 56 -1.33 -4.84 -0.52
C PHE A 56 -2.86 -4.87 -0.33
N ILE A 57 -3.61 -4.25 -1.25
CA ILE A 57 -5.07 -4.18 -1.22
C ILE A 57 -5.68 -5.57 -1.47
N GLU A 58 -5.37 -6.19 -2.61
CA GLU A 58 -5.86 -7.56 -2.87
C GLU A 58 -5.38 -8.58 -1.83
N LYS A 59 -4.19 -8.38 -1.22
CA LYS A 59 -3.63 -9.24 -0.17
C LYS A 59 -4.48 -9.25 1.10
N THR A 60 -4.90 -8.10 1.62
CA THR A 60 -5.79 -8.06 2.80
C THR A 60 -7.22 -8.57 2.48
N GLY A 61 -7.61 -8.55 1.20
CA GLY A 61 -8.94 -8.99 0.73
C GLY A 61 -9.71 -7.94 -0.08
N GLY A 62 -9.01 -7.14 -0.89
CA GLY A 62 -9.57 -6.05 -1.66
C GLY A 62 -9.77 -4.72 -0.91
N VAL A 63 -10.48 -3.78 -1.54
CA VAL A 63 -10.64 -2.42 -1.00
C VAL A 63 -11.50 -2.41 0.26
N GLU A 64 -12.55 -3.23 0.35
CA GLU A 64 -13.43 -3.29 1.53
C GLU A 64 -12.65 -3.75 2.78
N ALA A 65 -11.57 -4.51 2.59
CA ALA A 65 -10.70 -4.93 3.67
C ALA A 65 -9.86 -3.77 4.22
N VAL A 66 -9.13 -3.03 3.38
CA VAL A 66 -8.36 -1.84 3.84
C VAL A 66 -9.26 -0.74 4.42
N LYS A 67 -10.44 -0.55 3.83
CA LYS A 67 -11.49 0.38 4.30
C LYS A 67 -12.01 0.05 5.70
N ASN A 68 -11.93 -1.23 6.11
CA ASN A 68 -12.18 -1.70 7.47
C ASN A 68 -10.93 -1.73 8.36
N GLU A 69 -9.76 -2.08 7.82
CA GLU A 69 -8.55 -2.23 8.62
C GLU A 69 -8.15 -0.91 9.29
N LEU A 70 -8.19 0.20 8.55
CA LEU A 70 -7.90 1.53 9.12
C LEU A 70 -9.04 2.05 10.02
N ARG A 71 -10.25 1.48 9.93
CA ARG A 71 -11.41 1.78 10.78
C ARG A 71 -11.34 1.08 12.15
N ARG A 72 -10.52 0.04 12.33
CA ARG A 72 -10.29 -0.61 13.65
C ARG A 72 -9.73 0.39 14.69
N GLN A 73 -9.81 0.04 15.97
CA GLN A 73 -9.30 0.85 17.09
C GLN A 73 -8.70 -0.01 18.20
N GLY B 1 -4.85 9.94 14.52
CA GLY B 1 -4.00 8.86 15.06
C GLY B 1 -4.04 7.64 14.17
N LEU B 2 -3.96 6.45 14.79
CA LEU B 2 -4.02 5.11 14.19
C LEU B 2 -3.13 4.89 12.94
N PRO B 3 -1.79 4.84 13.07
CA PRO B 3 -0.85 4.65 11.97
C PRO B 3 -0.52 3.18 11.61
N ASP B 4 -0.95 2.16 12.38
CA ASP B 4 -0.52 0.76 12.17
C ASP B 4 -0.83 0.18 10.79
N VAL B 5 -1.89 0.63 10.12
CA VAL B 5 -2.29 0.16 8.78
C VAL B 5 -1.44 0.81 7.68
N ALA B 6 -1.10 2.09 7.82
CA ALA B 6 -0.12 2.77 6.97
C ALA B 6 1.29 2.19 7.17
N GLN B 7 1.67 1.90 8.42
CA GLN B 7 2.89 1.16 8.73
C GLN B 7 2.89 -0.22 8.04
N ARG B 8 1.76 -0.94 8.01
CA ARG B 8 1.58 -2.20 7.27
C ARG B 8 1.75 -2.04 5.76
N LEU B 9 1.25 -0.94 5.16
CA LEU B 9 1.49 -0.60 3.75
C LEU B 9 2.98 -0.34 3.48
N MET B 10 3.66 0.44 4.34
CA MET B 10 5.11 0.66 4.24
C MET B 10 5.93 -0.64 4.35
N GLN B 11 5.59 -1.51 5.31
CA GLN B 11 6.20 -2.83 5.47
C GLN B 11 5.99 -3.73 4.24
N HIS B 12 4.87 -3.59 3.52
CA HIS B 12 4.61 -4.30 2.27
C HIS B 12 5.45 -3.75 1.10
N LEU B 13 5.54 -2.42 0.94
CA LEU B 13 6.43 -1.80 -0.06
C LEU B 13 7.90 -2.15 0.19
N ALA B 14 8.33 -2.28 1.45
CA ALA B 14 9.67 -2.70 1.83
C ALA B 14 10.02 -4.14 1.37
N GLU B 15 9.04 -5.02 1.14
CA GLU B 15 9.29 -6.33 0.50
C GLU B 15 9.73 -6.21 -0.96
N HIS B 16 9.43 -5.09 -1.63
CA HIS B 16 9.87 -4.77 -3.00
C HIS B 16 10.90 -3.64 -3.05
N GLY B 17 11.20 -3.02 -1.89
CA GLY B 17 12.19 -1.93 -1.73
C GLY B 17 11.71 -0.54 -2.15
N ILE B 18 10.39 -0.32 -2.29
CA ILE B 18 9.82 0.94 -2.79
C ILE B 18 9.88 2.02 -1.70
N GLN B 19 9.99 3.29 -2.09
CA GLN B 19 10.01 4.46 -1.20
C GLN B 19 8.82 5.41 -1.47
N PRO B 20 8.31 6.13 -0.46
CA PRO B 20 7.31 7.17 -0.67
C PRO B 20 7.90 8.44 -1.31
N ALA B 21 7.04 9.22 -1.97
CA ALA B 21 7.43 10.49 -2.59
C ALA B 21 7.84 11.56 -1.56
N ARG B 22 7.30 11.52 -0.33
CA ARG B 22 7.76 12.35 0.80
C ARG B 22 9.06 11.87 1.44
N ASN B 23 9.54 10.67 1.10
CA ASN B 23 10.81 10.07 1.54
C ASN B 23 11.02 10.14 3.07
N MET B 24 9.94 9.93 3.86
CA MET B 24 9.91 9.96 5.34
C MET B 24 10.36 11.28 6.01
N ALA B 25 10.25 12.41 5.29
CA ALA B 25 10.50 13.76 5.80
C ALA B 25 9.26 14.46 6.41
N GLU B 26 8.10 13.82 6.34
CA GLU B 26 6.83 14.32 6.92
C GLU B 26 6.74 14.02 8.43
N HIS B 27 5.76 14.60 9.13
CA HIS B 27 5.50 14.36 10.55
C HIS B 27 4.01 14.54 10.90
N ILE B 28 3.53 13.78 11.89
CA ILE B 28 2.18 13.79 12.48
C ILE B 28 1.07 13.41 11.49
N PRO B 29 0.57 12.15 11.47
CA PRO B 29 -0.59 11.74 10.68
C PRO B 29 -1.90 12.45 11.12
N PRO B 30 -2.96 12.43 10.29
CA PRO B 30 -4.20 13.16 10.54
C PRO B 30 -4.99 12.71 11.79
N ALA B 31 -5.97 13.53 12.16
CA ALA B 31 -6.87 13.45 13.32
C ALA B 31 -6.20 13.48 14.72
N PRO B 32 -6.85 14.09 15.73
CA PRO B 32 -6.37 14.11 17.11
C PRO B 32 -6.33 12.70 17.73
N ASN B 33 -5.39 12.47 18.65
CA ASN B 33 -5.15 11.15 19.24
C ASN B 33 -5.96 10.92 20.54
N TRP B 34 -7.16 11.51 20.64
CA TRP B 34 -8.05 11.48 21.80
C TRP B 34 -8.53 10.05 22.17
N PRO B 35 -8.30 9.57 23.41
CA PRO B 35 -8.81 8.28 23.89
C PRO B 35 -10.34 8.18 23.93
N ALA B 36 -10.85 6.96 24.12
CA ALA B 36 -12.27 6.66 24.23
C ALA B 36 -12.93 7.47 25.37
N PRO B 37 -14.12 8.06 25.15
CA PRO B 37 -14.77 8.95 26.10
C PRO B 37 -15.32 8.26 27.36
N THR B 38 -15.57 9.10 28.38
CA THR B 38 -16.16 8.76 29.68
C THR B 38 -15.34 7.74 30.51
N PRO B 39 -14.04 8.02 30.81
CA PRO B 39 -13.17 7.13 31.58
C PRO B 39 -13.35 7.22 33.12
N PRO B 40 -13.10 6.14 33.87
CA PRO B 40 -13.09 6.10 35.34
C PRO B 40 -11.69 6.29 35.97
N VAL B 41 -11.66 6.58 37.28
CA VAL B 41 -10.46 6.56 38.15
C VAL B 41 -10.75 5.79 39.46
N GLN B 42 -9.71 5.47 40.24
CA GLN B 42 -9.82 4.62 41.45
C GLN B 42 -10.61 5.24 42.62
N ASN B 43 -10.97 4.41 43.62
CA ASN B 43 -11.72 4.79 44.81
C ASN B 43 -10.88 5.55 45.85
N GLU B 44 -11.53 6.08 46.91
CA GLU B 44 -10.92 6.82 48.03
C GLU B 44 -10.10 5.93 49.00
N GLN B 45 -9.21 5.09 48.46
CA GLN B 45 -8.41 4.08 49.19
C GLN B 45 -7.47 4.67 50.25
N SER B 46 -7.02 5.93 50.12
CA SER B 46 -6.17 6.61 51.12
C SER B 46 -6.81 6.62 52.52
N ARG B 47 -6.00 6.44 53.57
CA ARG B 47 -6.49 6.38 54.96
C ARG B 47 -7.02 7.73 55.45
N PRO B 48 -8.05 7.75 56.33
CA PRO B 48 -8.48 8.95 57.05
C PRO B 48 -7.47 9.41 58.12
N GLY A 1 -2.86 -24.83 5.23
CA GLY A 1 -3.69 -23.78 5.83
C GLY A 1 -5.11 -23.82 5.28
N SER A 2 -6.05 -23.16 5.96
CA SER A 2 -7.47 -23.08 5.56
C SER A 2 -7.82 -21.80 4.79
N HIS A 3 -6.87 -20.89 4.58
CA HIS A 3 -7.07 -19.63 3.85
C HIS A 3 -6.81 -19.77 2.35
N MET A 4 -7.60 -19.03 1.55
CA MET A 4 -7.40 -18.82 0.11
C MET A 4 -7.90 -17.42 -0.30
N SER A 5 -7.31 -16.83 -1.34
CA SER A 5 -7.73 -15.55 -1.92
C SER A 5 -8.95 -15.74 -2.81
N ASN A 6 -10.17 -15.61 -2.26
CA ASN A 6 -11.40 -15.67 -3.04
C ASN A 6 -11.54 -14.43 -3.93
N PHE A 7 -12.08 -14.60 -5.15
CA PHE A 7 -12.24 -13.49 -6.11
C PHE A 7 -13.28 -12.45 -5.66
N GLN A 8 -14.19 -12.84 -4.77
CA GLN A 8 -15.11 -11.92 -4.07
C GLN A 8 -14.36 -10.84 -3.29
N HIS A 9 -13.20 -11.19 -2.73
CA HIS A 9 -12.34 -10.34 -1.91
C HIS A 9 -11.20 -9.72 -2.74
N ILE A 10 -11.49 -9.24 -3.96
CA ILE A 10 -10.54 -8.54 -4.85
C ILE A 10 -10.90 -7.06 -4.96
N GLY A 11 -9.89 -6.19 -4.96
CA GLY A 11 -10.04 -4.74 -4.94
C GLY A 11 -10.68 -4.12 -6.18
N HIS A 12 -11.95 -3.74 -6.07
CA HIS A 12 -12.68 -2.99 -7.09
C HIS A 12 -12.13 -1.56 -7.27
N VAL A 13 -11.37 -1.34 -8.35
CA VAL A 13 -10.71 -0.06 -8.67
C VAL A 13 -10.32 -0.02 -10.16
N GLY A 14 -10.08 1.17 -10.72
CA GLY A 14 -9.65 1.34 -12.12
C GLY A 14 -8.14 1.18 -12.38
N TRP A 15 -7.45 0.22 -11.75
CA TRP A 15 -6.01 0.00 -11.99
C TRP A 15 -5.75 -0.79 -13.29
N ASP A 16 -4.66 -0.48 -14.00
CA ASP A 16 -4.14 -1.25 -15.15
C ASP A 16 -2.61 -1.35 -15.13
N PRO A 17 -2.02 -2.46 -15.60
CA PRO A 17 -0.56 -2.58 -15.77
C PRO A 17 0.01 -1.65 -16.85
N ASN A 18 -0.84 -0.91 -17.55
CA ASN A 18 -0.51 0.03 -18.62
C ASN A 18 -0.25 1.49 -18.15
N THR A 19 -0.85 1.86 -17.01
CA THR A 19 -0.88 3.25 -16.49
C THR A 19 -1.10 3.35 -14.97
N GLY A 20 -1.17 2.23 -14.25
CA GLY A 20 -1.40 2.20 -12.81
C GLY A 20 -2.84 2.55 -12.43
N PHE A 21 -3.02 3.23 -11.30
CA PHE A 21 -4.33 3.58 -10.77
C PHE A 21 -5.03 4.69 -11.57
N ASP A 22 -6.31 4.50 -11.93
CA ASP A 22 -7.14 5.59 -12.49
C ASP A 22 -7.67 6.51 -11.38
N LEU A 23 -7.17 7.73 -11.31
CA LEU A 23 -7.54 8.74 -10.31
C LEU A 23 -9.05 9.06 -10.32
N ASN A 24 -9.69 8.93 -11.48
CA ASN A 24 -11.10 9.22 -11.71
C ASN A 24 -12.06 8.16 -11.12
N ASN A 25 -11.49 7.02 -10.74
CA ASN A 25 -12.17 5.86 -10.15
C ASN A 25 -11.58 5.44 -8.78
N LEU A 26 -10.66 6.23 -8.20
CA LEU A 26 -9.99 5.91 -6.94
C LEU A 26 -10.88 6.14 -5.70
N ASP A 27 -10.70 5.31 -4.66
CA ASP A 27 -11.39 5.44 -3.37
C ASP A 27 -10.64 6.38 -2.40
N PRO A 28 -11.33 7.25 -1.64
CA PRO A 28 -10.72 8.20 -0.72
C PRO A 28 -10.23 7.54 0.58
N GLU A 29 -10.89 6.48 1.05
CA GLU A 29 -10.40 5.73 2.22
C GLU A 29 -9.21 4.84 1.85
N LEU A 30 -9.16 4.26 0.64
CA LEU A 30 -7.92 3.62 0.18
C LEU A 30 -6.80 4.67 0.00
N LYS A 31 -7.13 5.87 -0.48
CA LYS A 31 -6.18 7.00 -0.64
C LYS A 31 -5.63 7.51 0.69
N ASN A 32 -6.37 7.41 1.80
CA ASN A 32 -5.88 7.80 3.13
C ASN A 32 -4.57 7.08 3.49
N LEU A 33 -4.49 5.78 3.20
CA LEU A 33 -3.30 4.98 3.48
C LEU A 33 -2.14 5.40 2.59
N PHE A 34 -2.42 5.67 1.32
CA PHE A 34 -1.43 6.09 0.34
C PHE A 34 -0.79 7.41 0.77
N ASP A 35 -1.64 8.34 1.22
CA ASP A 35 -1.22 9.68 1.66
C ASP A 35 -0.50 9.65 3.01
N MET A 36 -0.98 8.89 4.01
CA MET A 36 -0.28 8.74 5.29
C MET A 36 1.12 8.12 5.14
N CYS A 37 1.34 7.28 4.13
CA CYS A 37 2.65 6.76 3.76
C CYS A 37 3.54 7.78 3.03
N GLY A 38 2.99 8.86 2.48
CA GLY A 38 3.73 9.86 1.73
C GLY A 38 3.80 9.61 0.22
N ILE A 39 2.89 8.80 -0.33
CA ILE A 39 2.85 8.47 -1.76
C ILE A 39 2.18 9.62 -2.54
N SER A 40 2.70 9.94 -3.74
CA SER A 40 2.16 10.93 -4.66
C SER A 40 1.48 10.27 -5.87
N GLU A 41 0.63 11.01 -6.59
CA GLU A 41 -0.06 10.56 -7.81
C GLU A 41 0.94 10.04 -8.87
N ALA A 42 2.14 10.62 -8.95
CA ALA A 42 3.20 10.14 -9.82
C ALA A 42 3.55 8.66 -9.57
N GLN A 43 3.65 8.25 -8.31
CA GLN A 43 3.90 6.86 -7.94
C GLN A 43 2.67 5.97 -8.24
N LEU A 44 1.45 6.52 -8.15
CA LEU A 44 0.21 5.80 -8.44
C LEU A 44 0.00 5.56 -9.95
N LYS A 45 0.52 6.43 -10.80
CA LYS A 45 0.57 6.25 -12.27
C LYS A 45 1.78 5.45 -12.75
N ASP A 46 2.82 5.29 -11.93
CA ASP A 46 3.99 4.45 -12.27
C ASP A 46 3.56 2.97 -12.32
N ARG A 47 3.70 2.33 -13.47
CA ARG A 47 3.28 0.93 -13.69
C ARG A 47 3.90 -0.05 -12.69
N GLU A 48 5.20 0.04 -12.50
CA GLU A 48 5.95 -0.90 -11.64
C GLU A 48 5.63 -0.70 -10.15
N THR A 49 5.57 0.56 -9.71
CA THR A 49 5.26 0.95 -8.32
C THR A 49 3.81 0.63 -7.98
N SER A 50 2.86 1.09 -8.79
CA SER A 50 1.43 0.86 -8.55
C SER A 50 1.05 -0.62 -8.52
N LYS A 51 1.73 -1.48 -9.30
CA LYS A 51 1.62 -2.96 -9.22
C LYS A 51 1.92 -3.49 -7.81
N VAL A 52 2.97 -2.98 -7.16
CA VAL A 52 3.37 -3.36 -5.79
C VAL A 52 2.38 -2.82 -4.75
N ILE A 53 1.88 -1.61 -4.97
CA ILE A 53 0.89 -0.98 -4.09
C ILE A 53 -0.44 -1.77 -4.12
N TYR A 54 -0.95 -2.07 -5.31
CA TYR A 54 -2.20 -2.84 -5.47
C TYR A 54 -2.11 -4.22 -4.81
N ASP A 55 -0.93 -4.85 -4.85
CA ASP A 55 -0.68 -6.16 -4.24
C ASP A 55 -1.06 -6.21 -2.75
N PHE A 56 -0.92 -5.10 -2.02
CA PHE A 56 -1.27 -5.02 -0.60
C PHE A 56 -2.79 -5.07 -0.37
N ILE A 57 -3.55 -4.44 -1.26
CA ILE A 57 -5.02 -4.33 -1.16
C ILE A 57 -5.66 -5.70 -1.41
N GLU A 58 -5.37 -6.33 -2.55
CA GLU A 58 -5.86 -7.69 -2.82
C GLU A 58 -5.36 -8.72 -1.76
N LYS A 59 -4.20 -8.48 -1.13
CA LYS A 59 -3.62 -9.34 -0.07
C LYS A 59 -4.46 -9.36 1.19
N THR A 60 -4.81 -8.19 1.75
CA THR A 60 -5.73 -8.17 2.91
C THR A 60 -7.11 -8.72 2.54
N GLY A 61 -7.54 -8.52 1.29
CA GLY A 61 -8.87 -8.97 0.83
C GLY A 61 -9.67 -7.90 0.08
N GLY A 62 -9.02 -7.16 -0.83
CA GLY A 62 -9.64 -6.08 -1.59
C GLY A 62 -9.78 -4.77 -0.81
N VAL A 63 -10.47 -3.80 -1.40
CA VAL A 63 -10.60 -2.45 -0.84
C VAL A 63 -11.49 -2.44 0.40
N GLU A 64 -12.54 -3.26 0.43
CA GLU A 64 -13.42 -3.37 1.60
C GLU A 64 -12.64 -3.73 2.86
N ALA A 65 -11.57 -4.52 2.73
CA ALA A 65 -10.72 -4.91 3.85
C ALA A 65 -9.93 -3.73 4.42
N VAL A 66 -9.12 -3.04 3.60
CA VAL A 66 -8.35 -1.87 4.07
C VAL A 66 -9.25 -0.75 4.60
N LYS A 67 -10.39 -0.50 3.94
CA LYS A 67 -11.38 0.51 4.35
C LYS A 67 -11.94 0.26 5.76
N ASN A 68 -12.04 -1.01 6.16
CA ASN A 68 -12.37 -1.43 7.52
C ASN A 68 -11.14 -1.41 8.44
N GLU A 69 -10.00 -1.92 7.99
CA GLU A 69 -8.80 -2.07 8.83
C GLU A 69 -8.28 -0.72 9.33
N LEU A 70 -8.34 0.36 8.52
CA LEU A 70 -7.94 1.73 8.92
C LEU A 70 -9.01 2.47 9.77
N ARG A 71 -10.27 1.98 9.77
CA ARG A 71 -11.35 2.44 10.65
C ARG A 71 -11.23 1.84 12.07
N ARG A 72 -10.74 0.60 12.16
CA ARG A 72 -10.62 -0.23 13.37
C ARG A 72 -9.50 0.21 14.33
N GLN A 73 -9.75 1.34 15.00
CA GLN A 73 -8.98 1.94 16.11
C GLN A 73 -7.46 1.92 15.92
N GLY B 1 -0.17 8.10 19.80
CA GLY B 1 -0.60 6.94 18.99
C GLY B 1 -0.14 7.09 17.56
N LEU B 2 -0.33 6.05 16.74
CA LEU B 2 0.11 6.00 15.34
C LEU B 2 -0.87 5.22 14.44
N PRO B 3 -1.14 5.65 13.19
CA PRO B 3 -1.92 4.90 12.21
C PRO B 3 -1.20 3.59 11.83
N ASP B 4 -1.77 2.44 12.21
CA ASP B 4 -1.15 1.12 12.03
C ASP B 4 -1.21 0.57 10.60
N VAL B 5 -2.32 0.74 9.87
CA VAL B 5 -2.47 0.16 8.52
C VAL B 5 -1.54 0.82 7.50
N ALA B 6 -1.19 2.10 7.71
CA ALA B 6 -0.13 2.77 6.94
C ALA B 6 1.24 2.07 7.12
N GLN B 7 1.58 1.63 8.34
CA GLN B 7 2.80 0.85 8.61
C GLN B 7 2.79 -0.48 7.85
N ARG B 8 1.63 -1.15 7.79
CA ARG B 8 1.46 -2.40 7.02
C ARG B 8 1.62 -2.20 5.51
N LEU B 9 1.13 -1.09 4.95
CA LEU B 9 1.39 -0.72 3.55
C LEU B 9 2.89 -0.49 3.31
N MET B 10 3.58 0.28 4.17
CA MET B 10 5.04 0.47 4.09
C MET B 10 5.81 -0.86 4.17
N GLN B 11 5.44 -1.74 5.09
CA GLN B 11 6.02 -3.07 5.27
C GLN B 11 5.72 -4.04 4.10
N HIS B 12 4.76 -3.72 3.23
CA HIS B 12 4.48 -4.44 1.99
C HIS B 12 5.29 -3.91 0.80
N LEU B 13 5.39 -2.59 0.62
CA LEU B 13 6.28 -1.99 -0.40
C LEU B 13 7.75 -2.38 -0.18
N ALA B 14 8.14 -2.61 1.07
CA ALA B 14 9.45 -3.10 1.46
C ALA B 14 9.80 -4.47 0.82
N GLU B 15 8.82 -5.30 0.47
CA GLU B 15 9.01 -6.60 -0.19
C GLU B 15 9.62 -6.47 -1.61
N HIS B 16 9.48 -5.30 -2.24
CA HIS B 16 10.05 -4.97 -3.56
C HIS B 16 11.12 -3.85 -3.50
N GLY B 17 11.23 -3.18 -2.35
CA GLY B 17 12.15 -2.07 -2.11
C GLY B 17 11.63 -0.69 -2.58
N ILE B 18 10.31 -0.50 -2.61
CA ILE B 18 9.68 0.74 -3.12
C ILE B 18 9.58 1.77 -1.97
N GLN B 19 9.81 3.06 -2.23
CA GLN B 19 9.74 4.11 -1.21
C GLN B 19 8.66 5.18 -1.54
N PRO B 20 8.16 5.95 -0.54
CA PRO B 20 7.21 7.02 -0.78
C PRO B 20 7.85 8.27 -1.39
N ALA B 21 7.03 9.17 -1.94
CA ALA B 21 7.51 10.44 -2.49
C ALA B 21 7.99 11.42 -1.40
N ARG B 22 7.31 11.44 -0.25
CA ARG B 22 7.69 12.23 0.94
C ARG B 22 8.76 11.52 1.78
N ASN B 23 9.84 11.06 1.12
CA ASN B 23 10.90 10.27 1.77
C ASN B 23 11.76 11.10 2.76
N MET B 24 12.54 10.40 3.58
CA MET B 24 13.51 10.93 4.55
C MET B 24 14.93 10.36 4.34
N ALA B 25 15.19 9.77 3.17
CA ALA B 25 16.39 9.03 2.76
C ALA B 25 17.68 9.88 2.53
N GLU B 26 17.97 10.84 3.41
CA GLU B 26 19.16 11.72 3.32
C GLU B 26 20.48 11.02 3.71
N HIS B 27 20.41 10.09 4.66
CA HIS B 27 21.54 9.25 5.09
C HIS B 27 21.95 8.22 4.01
N ILE B 28 23.22 7.79 4.01
CA ILE B 28 23.71 6.78 3.07
C ILE B 28 23.40 5.35 3.57
N PRO B 29 22.54 4.56 2.87
CA PRO B 29 22.14 3.24 3.33
C PRO B 29 23.33 2.25 3.33
N PRO B 30 23.34 1.25 4.23
CA PRO B 30 24.43 0.27 4.38
C PRO B 30 24.47 -0.79 3.26
N ALA B 31 23.64 -0.64 2.24
CA ALA B 31 23.51 -1.57 1.12
C ALA B 31 24.78 -1.58 0.24
N PRO B 32 25.29 -2.77 -0.15
CA PRO B 32 26.54 -2.90 -0.89
C PRO B 32 26.44 -2.56 -2.39
N ASN B 33 25.24 -2.56 -2.96
CA ASN B 33 24.95 -2.37 -4.39
C ASN B 33 23.51 -1.86 -4.61
N TRP B 34 23.27 -1.15 -5.73
CA TRP B 34 21.91 -0.80 -6.21
C TRP B 34 21.39 -1.87 -7.21
N PRO B 35 20.09 -1.89 -7.54
CA PRO B 35 19.54 -2.75 -8.60
C PRO B 35 20.08 -2.43 -10.01
N ALA B 36 20.05 -3.40 -10.91
CA ALA B 36 20.30 -3.18 -12.34
C ALA B 36 19.10 -2.47 -13.01
N PRO B 37 19.32 -1.63 -14.04
CA PRO B 37 18.24 -1.05 -14.84
C PRO B 37 17.54 -2.12 -15.68
N THR B 38 16.26 -1.89 -16.01
CA THR B 38 15.43 -2.79 -16.82
C THR B 38 14.79 -2.03 -17.99
N PRO B 39 15.55 -1.71 -19.06
CA PRO B 39 15.06 -0.97 -20.21
C PRO B 39 13.93 -1.72 -20.94
N PRO B 40 13.05 -1.00 -21.68
CA PRO B 40 11.87 -1.58 -22.34
C PRO B 40 12.26 -2.57 -23.45
N VAL B 41 11.97 -3.86 -23.24
CA VAL B 41 12.38 -4.94 -24.14
C VAL B 41 11.37 -6.10 -24.18
N GLN B 42 11.26 -6.72 -25.35
CA GLN B 42 10.31 -7.78 -25.69
C GLN B 42 10.36 -9.01 -24.76
N ASN B 43 9.21 -9.67 -24.57
CA ASN B 43 9.09 -10.93 -23.81
C ASN B 43 9.70 -12.11 -24.59
N GLU B 44 10.25 -13.12 -23.90
CA GLU B 44 10.74 -14.34 -24.53
C GLU B 44 9.61 -15.32 -24.90
N GLN B 45 8.90 -15.02 -26.01
CA GLN B 45 7.78 -15.80 -26.55
C GLN B 45 8.20 -17.20 -27.06
N SER B 46 7.21 -18.06 -27.31
CA SER B 46 7.41 -19.39 -27.90
C SER B 46 7.97 -19.37 -29.33
N ARG B 47 8.62 -20.48 -29.72
CA ARG B 47 9.22 -20.76 -31.04
C ARG B 47 10.14 -19.61 -31.51
N PRO B 48 11.32 -19.41 -30.88
CA PRO B 48 12.29 -18.38 -31.25
C PRO B 48 12.92 -18.64 -32.63
N GLY A 1 -11.76 -24.58 -14.63
CA GLY A 1 -11.73 -23.58 -13.55
C GLY A 1 -12.08 -24.24 -12.23
N SER A 2 -11.24 -24.07 -11.21
CA SER A 2 -11.44 -24.68 -9.89
C SER A 2 -12.75 -24.22 -9.22
N HIS A 3 -13.40 -25.13 -8.49
CA HIS A 3 -14.72 -24.93 -7.88
C HIS A 3 -14.81 -23.65 -7.02
N MET A 4 -15.74 -22.76 -7.37
CA MET A 4 -16.02 -21.49 -6.68
C MET A 4 -14.78 -20.60 -6.43
N SER A 5 -13.75 -20.69 -7.28
CA SER A 5 -12.50 -19.89 -7.22
C SER A 5 -12.68 -18.42 -7.66
N ASN A 6 -13.81 -17.83 -7.29
CA ASN A 6 -14.26 -16.49 -7.68
C ASN A 6 -13.38 -15.36 -7.12
N PHE A 7 -13.47 -14.17 -7.74
CA PHE A 7 -12.73 -12.94 -7.42
C PHE A 7 -13.17 -12.21 -6.12
N GLN A 8 -13.71 -12.97 -5.15
CA GLN A 8 -14.29 -12.52 -3.88
C GLN A 8 -13.36 -11.64 -3.02
N HIS A 9 -12.04 -11.82 -3.15
CA HIS A 9 -10.99 -11.17 -2.37
C HIS A 9 -10.14 -10.18 -3.18
N ILE A 10 -10.62 -9.80 -4.37
CA ILE A 10 -9.98 -8.80 -5.24
C ILE A 10 -10.53 -7.40 -4.95
N GLY A 11 -9.65 -6.38 -4.95
CA GLY A 11 -10.00 -4.96 -4.82
C GLY A 11 -10.55 -4.34 -6.10
N HIS A 12 -11.82 -3.91 -6.09
CA HIS A 12 -12.43 -3.17 -7.20
C HIS A 12 -11.91 -1.72 -7.27
N VAL A 13 -11.23 -1.40 -8.37
CA VAL A 13 -10.57 -0.10 -8.62
C VAL A 13 -10.14 0.00 -10.09
N GLY A 14 -10.01 1.20 -10.65
CA GLY A 14 -9.55 1.46 -12.03
C GLY A 14 -8.04 1.27 -12.26
N TRP A 15 -7.41 0.24 -11.71
CA TRP A 15 -5.98 -0.06 -11.93
C TRP A 15 -5.72 -0.81 -13.25
N ASP A 16 -4.62 -0.49 -13.94
CA ASP A 16 -4.14 -1.14 -15.17
C ASP A 16 -2.60 -1.32 -15.21
N PRO A 17 -2.09 -2.44 -15.75
CA PRO A 17 -0.65 -2.75 -15.89
C PRO A 17 0.08 -1.94 -16.98
N ASN A 18 -0.52 -0.86 -17.44
CA ASN A 18 -0.02 0.08 -18.43
C ASN A 18 0.07 1.54 -17.95
N THR A 19 -0.73 1.92 -16.96
CA THR A 19 -0.82 3.31 -16.45
C THR A 19 -1.12 3.41 -14.94
N GLY A 20 -1.24 2.27 -14.27
CA GLY A 20 -1.46 2.19 -12.83
C GLY A 20 -2.87 2.59 -12.41
N PHE A 21 -3.01 3.27 -11.28
CA PHE A 21 -4.31 3.64 -10.67
C PHE A 21 -5.02 4.80 -11.38
N ASP A 22 -6.31 4.67 -11.71
CA ASP A 22 -7.13 5.80 -12.15
C ASP A 22 -7.60 6.63 -10.93
N LEU A 23 -7.13 7.89 -10.80
CA LEU A 23 -7.45 8.74 -9.65
C LEU A 23 -8.97 9.00 -9.51
N ASN A 24 -9.71 9.07 -10.61
CA ASN A 24 -11.15 9.36 -10.62
C ASN A 24 -11.98 8.22 -9.98
N ASN A 25 -11.51 6.99 -10.12
CA ASN A 25 -12.10 5.77 -9.58
C ASN A 25 -11.39 5.25 -8.32
N LEU A 26 -10.44 5.99 -7.76
CA LEU A 26 -9.78 5.64 -6.52
C LEU A 26 -10.70 5.90 -5.31
N ASP A 27 -10.64 5.04 -4.31
CA ASP A 27 -11.38 5.22 -3.07
C ASP A 27 -10.71 6.25 -2.13
N PRO A 28 -11.47 7.14 -1.48
CA PRO A 28 -10.93 8.17 -0.60
C PRO A 28 -10.44 7.61 0.73
N GLU A 29 -10.99 6.47 1.19
CA GLU A 29 -10.49 5.79 2.39
C GLU A 29 -9.21 5.03 2.08
N LEU A 30 -9.14 4.33 0.94
CA LEU A 30 -7.88 3.73 0.50
C LEU A 30 -6.80 4.82 0.26
N LYS A 31 -7.19 6.02 -0.22
CA LYS A 31 -6.28 7.17 -0.36
C LYS A 31 -5.72 7.68 0.98
N ASN A 32 -6.44 7.53 2.09
CA ASN A 32 -5.94 7.89 3.43
C ASN A 32 -4.57 7.25 3.68
N LEU A 33 -4.47 5.95 3.40
CA LEU A 33 -3.27 5.16 3.64
C LEU A 33 -2.12 5.61 2.73
N PHE A 34 -2.42 5.82 1.45
CA PHE A 34 -1.43 6.21 0.44
C PHE A 34 -0.78 7.57 0.79
N ASP A 35 -1.61 8.49 1.25
CA ASP A 35 -1.17 9.83 1.64
C ASP A 35 -0.39 9.83 2.96
N MET A 36 -0.85 9.11 3.98
CA MET A 36 -0.15 8.98 5.26
C MET A 36 1.23 8.33 5.12
N CYS A 37 1.40 7.43 4.14
CA CYS A 37 2.70 6.87 3.74
C CYS A 37 3.61 7.86 3.00
N GLY A 38 3.06 8.88 2.34
CA GLY A 38 3.80 9.85 1.54
C GLY A 38 3.83 9.59 0.02
N ILE A 39 2.88 8.83 -0.53
CA ILE A 39 2.87 8.44 -1.95
C ILE A 39 2.17 9.53 -2.80
N SER A 40 2.82 9.96 -3.89
CA SER A 40 2.29 10.94 -4.85
C SER A 40 1.48 10.28 -5.97
N GLU A 41 0.66 11.07 -6.66
CA GLU A 41 -0.06 10.64 -7.87
C GLU A 41 0.92 10.12 -8.94
N ALA A 42 2.12 10.71 -9.06
CA ALA A 42 3.15 10.26 -9.99
C ALA A 42 3.60 8.81 -9.76
N GLN A 43 3.69 8.38 -8.49
CA GLN A 43 3.99 6.99 -8.13
C GLN A 43 2.79 6.06 -8.39
N LEU A 44 1.55 6.57 -8.25
CA LEU A 44 0.31 5.83 -8.54
C LEU A 44 0.07 5.64 -10.05
N LYS A 45 0.57 6.54 -10.89
CA LYS A 45 0.57 6.43 -12.38
C LYS A 45 1.76 5.66 -12.95
N ASP A 46 2.67 5.16 -12.11
CA ASP A 46 3.78 4.29 -12.51
C ASP A 46 3.35 2.81 -12.55
N ARG A 47 3.71 2.08 -13.60
CA ARG A 47 3.41 0.63 -13.72
C ARG A 47 4.01 -0.20 -12.60
N GLU A 48 5.33 -0.17 -12.45
CA GLU A 48 6.08 -1.04 -11.52
C GLU A 48 5.75 -0.72 -10.06
N THR A 49 5.69 0.56 -9.70
CA THR A 49 5.34 1.01 -8.34
C THR A 49 3.89 0.67 -7.99
N SER A 50 2.91 1.09 -8.81
CA SER A 50 1.49 0.85 -8.49
C SER A 50 1.13 -0.64 -8.45
N LYS A 51 1.82 -1.48 -9.23
CA LYS A 51 1.74 -2.95 -9.16
C LYS A 51 2.10 -3.48 -7.78
N VAL A 52 3.14 -2.96 -7.10
CA VAL A 52 3.49 -3.37 -5.73
C VAL A 52 2.47 -2.83 -4.72
N ILE A 53 2.00 -1.60 -4.92
CA ILE A 53 1.01 -0.98 -4.02
C ILE A 53 -0.31 -1.76 -4.03
N TYR A 54 -0.87 -2.06 -5.20
CA TYR A 54 -2.13 -2.77 -5.34
C TYR A 54 -2.11 -4.16 -4.68
N ASP A 55 -0.96 -4.82 -4.69
CA ASP A 55 -0.77 -6.14 -4.08
C ASP A 55 -1.19 -6.18 -2.60
N PHE A 56 -0.99 -5.08 -1.87
CA PHE A 56 -1.31 -4.95 -0.45
C PHE A 56 -2.83 -4.95 -0.22
N ILE A 57 -3.58 -4.38 -1.15
CA ILE A 57 -5.04 -4.25 -1.07
C ILE A 57 -5.70 -5.61 -1.34
N GLU A 58 -5.41 -6.24 -2.48
CA GLU A 58 -5.91 -7.59 -2.75
C GLU A 58 -5.44 -8.62 -1.70
N LYS A 59 -4.23 -8.48 -1.13
CA LYS A 59 -3.70 -9.39 -0.09
C LYS A 59 -4.62 -9.51 1.12
N THR A 60 -5.07 -8.40 1.68
CA THR A 60 -6.00 -8.42 2.83
C THR A 60 -7.43 -8.84 2.46
N GLY A 61 -7.78 -8.76 1.17
CA GLY A 61 -9.12 -9.06 0.65
C GLY A 61 -9.80 -7.89 -0.07
N GLY A 62 -9.08 -7.17 -0.94
CA GLY A 62 -9.60 -6.03 -1.68
C GLY A 62 -9.79 -4.75 -0.87
N VAL A 63 -10.49 -3.78 -1.46
CA VAL A 63 -10.65 -2.44 -0.87
C VAL A 63 -11.53 -2.49 0.38
N GLU A 64 -12.58 -3.30 0.36
CA GLU A 64 -13.53 -3.44 1.47
C GLU A 64 -12.84 -3.93 2.75
N ALA A 65 -11.72 -4.66 2.62
CA ALA A 65 -10.89 -5.08 3.73
C ALA A 65 -10.08 -3.91 4.33
N VAL A 66 -9.23 -3.23 3.54
CA VAL A 66 -8.40 -2.11 4.05
C VAL A 66 -9.24 -0.97 4.61
N LYS A 67 -10.38 -0.66 3.97
CA LYS A 67 -11.38 0.31 4.45
C LYS A 67 -11.85 0.02 5.86
N ASN A 68 -11.98 -1.27 6.21
CA ASN A 68 -12.36 -1.72 7.55
C ASN A 68 -11.16 -1.81 8.49
N GLU A 69 -9.98 -2.20 8.00
CA GLU A 69 -8.78 -2.32 8.83
C GLU A 69 -8.28 -0.94 9.29
N LEU A 70 -8.17 0.05 8.39
CA LEU A 70 -7.67 1.39 8.74
C LEU A 70 -8.65 2.15 9.67
N ARG A 71 -9.93 1.76 9.71
CA ARG A 71 -10.95 2.35 10.59
C ARG A 71 -10.73 2.05 12.08
N ARG A 72 -10.18 0.88 12.40
CA ARG A 72 -10.01 0.38 13.78
C ARG A 72 -8.98 1.20 14.56
N GLN A 73 -9.33 1.58 15.80
CA GLN A 73 -8.47 2.24 16.80
C GLN A 73 -7.71 3.46 16.25
N GLY B 1 -5.67 8.05 15.14
CA GLY B 1 -4.69 7.59 16.15
C GLY B 1 -3.39 7.17 15.50
N LEU B 2 -2.86 6.01 15.86
CA LEU B 2 -1.69 5.38 15.25
C LEU B 2 -2.07 4.73 13.90
N PRO B 3 -1.51 5.17 12.76
CA PRO B 3 -1.82 4.63 11.43
C PRO B 3 -1.08 3.32 11.16
N ASP B 4 -1.31 2.30 11.98
CA ASP B 4 -0.65 0.99 11.89
C ASP B 4 -0.91 0.27 10.55
N VAL B 5 -2.07 0.49 9.90
CA VAL B 5 -2.35 -0.02 8.55
C VAL B 5 -1.50 0.68 7.47
N ALA B 6 -1.19 1.98 7.63
CA ALA B 6 -0.22 2.68 6.78
C ALA B 6 1.22 2.19 7.03
N GLN B 7 1.60 1.94 8.30
CA GLN B 7 2.88 1.32 8.64
C GLN B 7 3.02 -0.07 7.98
N ARG B 8 1.95 -0.88 7.95
CA ARG B 8 1.91 -2.13 7.18
C ARG B 8 1.99 -1.92 5.66
N LEU B 9 1.41 -0.86 5.09
CA LEU B 9 1.57 -0.51 3.67
C LEU B 9 3.05 -0.23 3.34
N MET B 10 3.75 0.55 4.17
CA MET B 10 5.19 0.82 4.00
C MET B 10 6.06 -0.46 4.09
N GLN B 11 5.75 -1.36 5.04
CA GLN B 11 6.41 -2.67 5.15
C GLN B 11 6.03 -3.64 4.02
N HIS B 12 4.89 -3.47 3.34
CA HIS B 12 4.55 -4.27 2.15
C HIS B 12 5.38 -3.83 0.94
N LEU B 13 5.56 -2.53 0.74
CA LEU B 13 6.47 -2.00 -0.28
C LEU B 13 7.93 -2.42 -0.02
N ALA B 14 8.33 -2.59 1.24
CA ALA B 14 9.65 -3.07 1.62
C ALA B 14 9.94 -4.51 1.13
N GLU B 15 8.93 -5.31 0.81
CA GLU B 15 9.11 -6.65 0.20
C GLU B 15 9.70 -6.59 -1.21
N HIS B 16 9.48 -5.48 -1.93
CA HIS B 16 10.10 -5.19 -3.24
C HIS B 16 11.15 -4.07 -3.17
N GLY B 17 11.24 -3.37 -2.04
CA GLY B 17 12.15 -2.24 -1.81
C GLY B 17 11.61 -0.87 -2.27
N ILE B 18 10.28 -0.72 -2.39
CA ILE B 18 9.66 0.51 -2.92
C ILE B 18 9.50 1.57 -1.81
N GLN B 19 9.62 2.84 -2.20
CA GLN B 19 9.62 4.01 -1.31
C GLN B 19 8.47 4.98 -1.64
N PRO B 20 8.07 5.85 -0.69
CA PRO B 20 7.12 6.92 -0.94
C PRO B 20 7.75 8.10 -1.70
N ALA B 21 6.94 9.02 -2.21
CA ALA B 21 7.42 10.28 -2.79
C ALA B 21 7.94 11.26 -1.71
N ARG B 22 7.32 11.28 -0.53
CA ARG B 22 7.83 11.98 0.66
C ARG B 22 8.84 11.10 1.40
N ASN B 23 9.85 10.61 0.68
CA ASN B 23 10.92 9.80 1.26
C ASN B 23 11.79 10.62 2.24
N MET B 24 12.67 9.94 2.98
CA MET B 24 13.61 10.54 3.92
C MET B 24 14.97 9.83 3.85
N ALA B 25 15.96 10.45 4.47
CA ALA B 25 17.31 9.94 4.75
C ALA B 25 17.57 9.70 6.26
N GLU B 26 16.57 9.94 7.11
CA GLU B 26 16.62 9.84 8.59
C GLU B 26 16.82 8.40 9.12
N HIS B 27 17.11 8.25 10.42
CA HIS B 27 17.20 6.95 11.10
C HIS B 27 15.83 6.29 11.35
N ILE B 28 15.81 5.01 11.74
CA ILE B 28 14.60 4.31 12.20
C ILE B 28 14.19 4.70 13.64
N PRO B 29 12.87 4.74 13.96
CA PRO B 29 12.36 5.16 15.28
C PRO B 29 12.64 4.12 16.39
N PRO B 30 12.45 4.48 17.67
CA PRO B 30 12.47 3.52 18.78
C PRO B 30 11.29 2.54 18.68
N ALA B 31 11.56 1.27 19.02
CA ALA B 31 10.61 0.15 18.94
C ALA B 31 11.09 -1.06 19.78
N PRO B 32 10.17 -1.87 20.35
CA PRO B 32 10.49 -3.04 21.17
C PRO B 32 11.18 -4.17 20.39
N ASN B 33 11.92 -5.01 21.12
CA ASN B 33 12.71 -6.12 20.57
C ASN B 33 11.91 -7.32 20.05
N TRP B 34 10.60 -7.38 20.31
CA TRP B 34 9.64 -8.46 19.98
C TRP B 34 9.92 -9.79 20.71
N PRO B 35 9.06 -10.23 21.65
CA PRO B 35 9.16 -11.54 22.31
C PRO B 35 8.69 -12.67 21.38
N ALA B 36 9.58 -13.06 20.47
CA ALA B 36 9.35 -14.06 19.42
C ALA B 36 8.90 -15.44 19.98
N PRO B 37 8.09 -16.21 19.24
CA PRO B 37 7.56 -17.49 19.70
C PRO B 37 8.65 -18.57 19.83
N THR B 38 8.93 -18.99 21.07
CA THR B 38 9.89 -20.04 21.49
C THR B 38 11.10 -20.25 20.55
N PRO B 39 12.14 -19.39 20.66
CA PRO B 39 13.41 -19.55 19.94
C PRO B 39 14.14 -20.86 20.32
N PRO B 40 15.03 -21.39 19.45
CA PRO B 40 15.94 -22.47 19.80
C PRO B 40 16.96 -22.02 20.85
N VAL B 41 17.39 -22.94 21.72
CA VAL B 41 18.29 -22.65 22.85
C VAL B 41 19.07 -23.88 23.32
N GLN B 42 20.35 -23.68 23.65
CA GLN B 42 21.31 -24.69 24.12
C GLN B 42 20.91 -25.41 25.44
N ASN B 43 21.52 -26.57 25.69
CA ASN B 43 21.33 -27.34 26.92
C ASN B 43 22.62 -27.97 27.48
N GLU B 44 22.73 -28.03 28.81
CA GLU B 44 23.83 -28.61 29.60
C GLU B 44 23.58 -30.11 29.86
N GLN B 45 24.41 -30.97 29.27
CA GLN B 45 24.31 -32.44 29.37
C GLN B 45 25.65 -33.14 29.02
N SER B 46 25.93 -34.27 29.68
CA SER B 46 27.11 -35.11 29.42
C SER B 46 26.75 -36.30 28.52
N ARG B 47 27.65 -36.65 27.59
CA ARG B 47 27.49 -37.73 26.58
C ARG B 47 26.20 -37.61 25.74
N PRO B 48 25.96 -36.46 25.05
CA PRO B 48 24.79 -36.26 24.19
C PRO B 48 24.77 -37.19 22.96
N GLY A 1 -29.69 -14.66 -4.41
CA GLY A 1 -29.15 -15.93 -3.86
C GLY A 1 -27.65 -15.94 -3.91
N SER A 2 -26.99 -16.32 -2.81
CA SER A 2 -25.52 -16.28 -2.68
C SER A 2 -24.78 -17.16 -3.71
N HIS A 3 -23.70 -16.59 -4.26
CA HIS A 3 -22.73 -17.21 -5.18
C HIS A 3 -21.40 -16.43 -5.16
N MET A 4 -20.27 -17.12 -5.22
CA MET A 4 -18.93 -16.53 -5.10
C MET A 4 -17.92 -17.20 -6.06
N SER A 5 -16.91 -16.45 -6.47
CA SER A 5 -15.76 -16.94 -7.26
C SER A 5 -14.47 -16.93 -6.43
N ASN A 6 -13.36 -17.41 -7.00
CA ASN A 6 -12.02 -17.26 -6.41
C ASN A 6 -11.56 -15.78 -6.35
N PHE A 7 -12.26 -14.87 -7.05
CA PHE A 7 -12.03 -13.42 -7.08
C PHE A 7 -12.93 -12.61 -6.13
N GLN A 8 -13.72 -13.28 -5.27
CA GLN A 8 -14.72 -12.64 -4.38
C GLN A 8 -14.17 -11.56 -3.44
N HIS A 9 -12.86 -11.58 -3.18
CA HIS A 9 -12.14 -10.68 -2.28
C HIS A 9 -10.98 -9.95 -2.99
N ILE A 10 -11.09 -9.71 -4.30
CA ILE A 10 -10.18 -8.83 -5.04
C ILE A 10 -10.63 -7.37 -4.92
N GLY A 11 -9.68 -6.42 -4.91
CA GLY A 11 -9.99 -4.98 -4.84
C GLY A 11 -10.62 -4.42 -6.11
N HIS A 12 -11.88 -3.97 -6.04
CA HIS A 12 -12.53 -3.24 -7.13
C HIS A 12 -12.06 -1.78 -7.17
N VAL A 13 -11.34 -1.41 -8.23
CA VAL A 13 -10.77 -0.07 -8.46
C VAL A 13 -10.30 0.04 -9.93
N GLY A 14 -10.28 1.25 -10.49
CA GLY A 14 -9.76 1.54 -11.83
C GLY A 14 -8.24 1.39 -12.00
N TRP A 15 -7.61 0.38 -11.39
CA TRP A 15 -6.21 0.02 -11.65
C TRP A 15 -6.08 -0.82 -12.93
N ASP A 16 -4.99 -0.67 -13.67
CA ASP A 16 -4.63 -1.53 -14.81
C ASP A 16 -3.11 -1.65 -14.99
N PRO A 17 -2.60 -2.80 -15.48
CA PRO A 17 -1.18 -3.04 -15.72
C PRO A 17 -0.57 -2.17 -16.85
N ASN A 18 -1.40 -1.39 -17.54
CA ASN A 18 -1.02 -0.48 -18.62
C ASN A 18 -0.61 0.94 -18.16
N THR A 19 -1.17 1.43 -17.05
CA THR A 19 -0.99 2.81 -16.56
C THR A 19 -1.06 2.96 -15.02
N GLY A 20 -1.37 1.88 -14.28
CA GLY A 20 -1.54 1.92 -12.82
C GLY A 20 -2.94 2.37 -12.44
N PHE A 21 -3.08 3.13 -11.35
CA PHE A 21 -4.37 3.59 -10.83
C PHE A 21 -5.03 4.69 -11.68
N ASP A 22 -6.36 4.69 -11.78
CA ASP A 22 -7.17 5.80 -12.33
C ASP A 22 -7.50 6.79 -11.20
N LEU A 23 -6.78 7.91 -11.14
CA LEU A 23 -6.94 8.91 -10.09
C LEU A 23 -8.33 9.54 -10.03
N ASN A 24 -9.09 9.48 -11.12
CA ASN A 24 -10.47 9.99 -11.20
C ASN A 24 -11.50 9.09 -10.48
N ASN A 25 -11.22 7.78 -10.41
CA ASN A 25 -12.07 6.73 -9.83
C ASN A 25 -11.47 6.06 -8.57
N LEU A 26 -10.38 6.59 -8.01
CA LEU A 26 -9.73 6.08 -6.81
C LEU A 26 -10.60 6.30 -5.55
N ASP A 27 -10.57 5.37 -4.61
CA ASP A 27 -11.34 5.43 -3.37
C ASP A 27 -10.72 6.39 -2.33
N PRO A 28 -11.52 7.22 -1.65
CA PRO A 28 -11.04 8.23 -0.72
C PRO A 28 -10.63 7.66 0.64
N GLU A 29 -11.16 6.49 1.04
CA GLU A 29 -10.69 5.77 2.23
C GLU A 29 -9.38 5.06 1.93
N LEU A 30 -9.25 4.39 0.76
CA LEU A 30 -7.96 3.80 0.37
C LEU A 30 -6.86 4.88 0.20
N LYS A 31 -7.22 6.08 -0.27
CA LYS A 31 -6.27 7.19 -0.45
C LYS A 31 -5.63 7.67 0.87
N ASN A 32 -6.33 7.55 2.00
CA ASN A 32 -5.80 7.94 3.32
C ASN A 32 -4.50 7.21 3.66
N LEU A 33 -4.46 5.90 3.39
CA LEU A 33 -3.27 5.07 3.63
C LEU A 33 -2.11 5.49 2.73
N PHE A 34 -2.42 5.79 1.47
CA PHE A 34 -1.43 6.22 0.48
C PHE A 34 -0.80 7.56 0.88
N ASP A 35 -1.63 8.48 1.38
CA ASP A 35 -1.21 9.81 1.79
C ASP A 35 -0.49 9.81 3.15
N MET A 36 -0.91 8.99 4.11
CA MET A 36 -0.20 8.83 5.38
C MET A 36 1.23 8.33 5.16
N CYS A 37 1.44 7.43 4.20
CA CYS A 37 2.75 6.89 3.82
C CYS A 37 3.64 7.85 3.01
N GLY A 38 3.08 8.93 2.44
CA GLY A 38 3.81 9.92 1.65
C GLY A 38 3.86 9.64 0.14
N ILE A 39 2.94 8.82 -0.40
CA ILE A 39 2.91 8.45 -1.83
C ILE A 39 2.22 9.56 -2.65
N SER A 40 2.81 9.96 -3.78
CA SER A 40 2.24 10.94 -4.73
C SER A 40 1.48 10.25 -5.87
N GLU A 41 0.62 10.98 -6.58
CA GLU A 41 -0.12 10.48 -7.74
C GLU A 41 0.80 9.93 -8.83
N ALA A 42 1.98 10.55 -9.00
CA ALA A 42 3.01 10.08 -9.92
C ALA A 42 3.47 8.64 -9.65
N GLN A 43 3.57 8.23 -8.37
CA GLN A 43 3.87 6.84 -8.01
C GLN A 43 2.69 5.91 -8.34
N LEU A 44 1.45 6.42 -8.26
CA LEU A 44 0.22 5.67 -8.57
C LEU A 44 0.00 5.47 -10.09
N LYS A 45 0.53 6.39 -10.91
CA LYS A 45 0.60 6.29 -12.39
C LYS A 45 1.82 5.52 -12.90
N ASP A 46 2.75 5.14 -12.04
CA ASP A 46 3.89 4.28 -12.38
C ASP A 46 3.46 2.81 -12.43
N ARG A 47 3.61 2.17 -13.59
CA ARG A 47 3.23 0.75 -13.80
C ARG A 47 3.91 -0.22 -12.83
N GLU A 48 5.21 -0.07 -12.62
CA GLU A 48 5.98 -0.95 -11.74
C GLU A 48 5.66 -0.72 -10.26
N THR A 49 5.62 0.55 -9.82
CA THR A 49 5.33 0.89 -8.42
C THR A 49 3.87 0.61 -8.04
N SER A 50 2.89 1.02 -8.84
CA SER A 50 1.47 0.78 -8.55
C SER A 50 1.13 -0.72 -8.50
N LYS A 51 1.82 -1.57 -9.28
CA LYS A 51 1.73 -3.03 -9.22
C LYS A 51 2.20 -3.62 -7.87
N VAL A 52 3.16 -2.98 -7.18
CA VAL A 52 3.54 -3.33 -5.80
C VAL A 52 2.52 -2.80 -4.80
N ILE A 53 2.04 -1.57 -4.99
CA ILE A 53 1.07 -0.93 -4.08
C ILE A 53 -0.26 -1.70 -4.05
N TYR A 54 -0.86 -2.00 -5.22
CA TYR A 54 -2.15 -2.68 -5.30
C TYR A 54 -2.14 -4.07 -4.64
N ASP A 55 -0.99 -4.75 -4.67
CA ASP A 55 -0.79 -6.06 -4.06
C ASP A 55 -1.18 -6.08 -2.58
N PHE A 56 -0.98 -4.97 -1.86
CA PHE A 56 -1.32 -4.83 -0.44
C PHE A 56 -2.83 -4.88 -0.21
N ILE A 57 -3.60 -4.30 -1.13
CA ILE A 57 -5.06 -4.20 -1.06
C ILE A 57 -5.70 -5.57 -1.31
N GLU A 58 -5.39 -6.21 -2.44
CA GLU A 58 -5.88 -7.57 -2.70
C GLU A 58 -5.42 -8.58 -1.62
N LYS A 59 -4.23 -8.40 -1.02
CA LYS A 59 -3.66 -9.31 0.00
C LYS A 59 -4.49 -9.40 1.27
N THR A 60 -5.00 -8.26 1.76
CA THR A 60 -5.91 -8.25 2.92
C THR A 60 -7.34 -8.69 2.57
N GLY A 61 -7.70 -8.62 1.28
CA GLY A 61 -9.03 -8.98 0.75
C GLY A 61 -9.76 -7.89 -0.04
N GLY A 62 -9.05 -7.10 -0.85
CA GLY A 62 -9.64 -6.03 -1.65
C GLY A 62 -9.82 -4.70 -0.90
N VAL A 63 -10.49 -3.74 -1.53
CA VAL A 63 -10.63 -2.37 -0.99
C VAL A 63 -11.48 -2.38 0.28
N GLU A 64 -12.54 -3.19 0.31
CA GLU A 64 -13.43 -3.31 1.46
C GLU A 64 -12.69 -3.80 2.73
N ALA A 65 -11.57 -4.52 2.56
CA ALA A 65 -10.75 -4.99 3.66
C ALA A 65 -9.89 -3.86 4.26
N VAL A 66 -9.12 -3.13 3.44
CA VAL A 66 -8.34 -1.97 3.93
C VAL A 66 -9.25 -0.88 4.50
N LYS A 67 -10.40 -0.64 3.88
CA LYS A 67 -11.47 0.24 4.37
C LYS A 67 -12.03 -0.19 5.74
N ASN A 68 -12.01 -1.49 6.06
CA ASN A 68 -12.36 -2.05 7.38
C ASN A 68 -11.17 -2.05 8.36
N GLU A 69 -9.93 -2.12 7.88
CA GLU A 69 -8.74 -2.18 8.73
C GLU A 69 -8.47 -0.80 9.35
N LEU A 70 -8.41 0.28 8.56
CA LEU A 70 -8.26 1.65 9.11
C LEU A 70 -9.51 2.22 9.80
N ARG A 71 -10.63 1.51 9.72
CA ARG A 71 -11.88 1.74 10.46
C ARG A 71 -11.84 1.23 11.91
N ARG A 72 -10.90 0.36 12.27
CA ARG A 72 -10.74 -0.16 13.66
C ARG A 72 -10.33 0.95 14.63
N GLN A 73 -10.81 0.91 15.87
CA GLN A 73 -10.48 1.82 16.96
C GLN A 73 -10.38 1.10 18.30
N GLY B 1 4.22 7.38 16.30
CA GLY B 1 3.36 7.87 15.21
C GLY B 1 3.28 6.85 14.08
N LEU B 2 2.50 7.19 13.05
CA LEU B 2 2.13 6.34 11.90
C LEU B 2 1.32 5.09 12.32
N PRO B 3 -0.02 5.09 12.15
CA PRO B 3 -0.89 3.97 12.52
C PRO B 3 -0.48 2.63 11.89
N ASP B 4 -0.67 1.53 12.61
CA ASP B 4 -0.23 0.19 12.21
C ASP B 4 -0.69 -0.25 10.80
N VAL B 5 -1.93 0.03 10.41
CA VAL B 5 -2.44 -0.24 9.03
C VAL B 5 -1.76 0.58 7.93
N ALA B 6 -1.26 1.78 8.24
CA ALA B 6 -0.41 2.55 7.33
C ALA B 6 1.03 2.01 7.34
N GLN B 7 1.59 1.66 8.51
CA GLN B 7 2.86 0.99 8.64
C GLN B 7 2.92 -0.32 7.85
N ARG B 8 1.83 -1.11 7.83
CA ARG B 8 1.73 -2.34 7.03
C ARG B 8 1.74 -2.11 5.52
N LEU B 9 1.32 -0.94 5.00
CA LEU B 9 1.54 -0.59 3.59
C LEU B 9 3.05 -0.37 3.34
N MET B 10 3.76 0.29 4.24
CA MET B 10 5.22 0.46 4.14
C MET B 10 6.00 -0.87 4.28
N GLN B 11 5.57 -1.78 5.18
CA GLN B 11 6.10 -3.14 5.27
C GLN B 11 5.84 -3.96 4.00
N HIS B 12 4.74 -3.68 3.27
CA HIS B 12 4.42 -4.36 2.01
C HIS B 12 5.26 -3.82 0.84
N LEU B 13 5.45 -2.49 0.73
CA LEU B 13 6.36 -1.90 -0.26
C LEU B 13 7.81 -2.35 -0.06
N ALA B 14 8.20 -2.66 1.18
CA ALA B 14 9.49 -3.23 1.52
C ALA B 14 9.72 -4.66 0.97
N GLU B 15 8.71 -5.33 0.40
CA GLU B 15 8.90 -6.60 -0.31
C GLU B 15 9.67 -6.42 -1.64
N HIS B 16 9.53 -5.25 -2.27
CA HIS B 16 10.21 -4.85 -3.50
C HIS B 16 11.20 -3.69 -3.30
N GLY B 17 11.25 -3.12 -2.09
CA GLY B 17 12.12 -1.99 -1.74
C GLY B 17 11.70 -0.67 -2.39
N ILE B 18 10.41 -0.35 -2.37
CA ILE B 18 9.84 0.87 -2.95
C ILE B 18 9.83 2.00 -1.90
N GLN B 19 10.10 3.24 -2.31
CA GLN B 19 10.07 4.43 -1.45
C GLN B 19 8.86 5.35 -1.74
N PRO B 20 8.39 6.14 -0.76
CA PRO B 20 7.39 7.19 -0.99
C PRO B 20 7.98 8.43 -1.66
N ALA B 21 7.09 9.31 -2.14
CA ALA B 21 7.47 10.60 -2.70
C ALA B 21 7.90 11.60 -1.61
N ARG B 22 7.24 11.61 -0.45
CA ARG B 22 7.63 12.39 0.73
C ARG B 22 8.66 11.61 1.56
N ASN B 23 9.86 11.44 1.01
CA ASN B 23 10.94 10.65 1.59
C ASN B 23 11.52 11.29 2.88
N MET B 24 12.31 10.51 3.63
CA MET B 24 12.93 10.90 4.89
C MET B 24 14.37 10.42 4.99
N ALA B 25 15.17 11.19 5.73
CA ALA B 25 16.61 11.05 5.93
C ALA B 25 17.01 9.72 6.60
N GLU B 26 17.02 8.65 5.80
CA GLU B 26 17.43 7.28 6.16
C GLU B 26 16.71 6.72 7.42
N HIS B 27 15.45 7.11 7.61
CA HIS B 27 14.55 6.68 8.69
C HIS B 27 14.10 5.22 8.52
N ILE B 28 13.75 4.53 9.62
CA ILE B 28 13.31 3.12 9.60
C ILE B 28 12.07 2.86 10.49
N PRO B 29 11.25 1.82 10.18
CA PRO B 29 10.12 1.40 11.02
C PRO B 29 10.58 0.88 12.40
N PRO B 30 9.65 0.69 13.37
CA PRO B 30 9.95 0.03 14.65
C PRO B 30 10.20 -1.48 14.53
N ALA B 31 9.97 -2.02 13.34
CA ALA B 31 10.29 -3.37 12.89
C ALA B 31 10.98 -3.27 11.51
N PRO B 32 12.31 -3.07 11.45
CA PRO B 32 13.06 -2.83 10.20
C PRO B 32 13.04 -3.98 9.19
N ASN B 33 13.34 -3.66 7.93
CA ASN B 33 13.43 -4.58 6.79
C ASN B 33 14.84 -4.59 6.16
N TRP B 34 15.19 -5.62 5.39
CA TRP B 34 16.40 -5.62 4.55
C TRP B 34 16.17 -6.34 3.21
N PRO B 35 15.70 -5.61 2.17
CA PRO B 35 15.37 -6.19 0.88
C PRO B 35 16.58 -6.40 -0.03
N ALA B 36 16.54 -7.45 -0.85
CA ALA B 36 17.49 -7.72 -1.95
C ALA B 36 16.74 -8.18 -3.23
N PRO B 37 15.97 -7.27 -3.89
CA PRO B 37 15.11 -7.61 -5.04
C PRO B 37 15.90 -7.87 -6.33
N THR B 38 15.40 -8.76 -7.19
CA THR B 38 16.07 -9.14 -8.44
C THR B 38 16.04 -8.03 -9.51
N PRO B 39 17.19 -7.64 -10.08
CA PRO B 39 17.25 -6.76 -11.25
C PRO B 39 16.88 -7.54 -12.54
N PRO B 40 15.98 -7.01 -13.39
CA PRO B 40 15.56 -7.67 -14.63
C PRO B 40 16.63 -7.62 -15.72
N VAL B 41 16.48 -8.45 -16.76
CA VAL B 41 17.29 -8.39 -17.99
C VAL B 41 16.45 -8.78 -19.22
N GLN B 42 16.52 -7.96 -20.28
CA GLN B 42 15.77 -8.23 -21.52
C GLN B 42 16.41 -9.35 -22.35
N ASN B 43 15.59 -10.25 -22.91
CA ASN B 43 16.07 -11.34 -23.78
C ASN B 43 16.61 -10.84 -25.14
N GLU B 44 16.12 -9.70 -25.62
CA GLU B 44 16.64 -8.92 -26.75
C GLU B 44 16.10 -7.49 -26.66
N GLN B 45 16.74 -6.52 -27.32
CA GLN B 45 16.29 -5.12 -27.38
C GLN B 45 14.84 -4.99 -27.86
N SER B 46 14.14 -3.92 -27.47
CA SER B 46 12.82 -3.58 -28.03
C SER B 46 12.97 -3.16 -29.49
N ARG B 47 12.40 -3.94 -30.42
CA ARG B 47 12.53 -3.73 -31.88
C ARG B 47 11.43 -4.48 -32.68
N PRO B 48 11.18 -4.10 -33.95
CA PRO B 48 10.34 -4.88 -34.87
C PRO B 48 10.95 -6.25 -35.21
N GLY A 1 -2.73 -27.38 -2.37
CA GLY A 1 -2.65 -26.30 -1.37
C GLY A 1 -1.79 -25.16 -1.87
N SER A 2 -1.95 -23.99 -1.25
CA SER A 2 -1.24 -22.76 -1.62
C SER A 2 -1.15 -21.75 -0.46
N HIS A 3 -0.26 -20.77 -0.60
CA HIS A 3 -0.13 -19.58 0.27
C HIS A 3 0.19 -18.30 -0.54
N MET A 4 -0.29 -18.28 -1.78
CA MET A 4 -0.19 -17.16 -2.73
C MET A 4 -1.24 -17.34 -3.83
N SER A 5 -1.86 -16.24 -4.25
CA SER A 5 -2.87 -16.20 -5.33
C SER A 5 -2.58 -15.05 -6.31
N ASN A 6 -3.24 -15.07 -7.47
CA ASN A 6 -3.05 -14.09 -8.55
C ASN A 6 -4.30 -13.23 -8.82
N PHE A 7 -5.50 -13.75 -8.58
CA PHE A 7 -6.79 -13.06 -8.76
C PHE A 7 -7.87 -13.41 -7.69
N GLN A 8 -7.47 -14.04 -6.59
CA GLN A 8 -8.36 -14.31 -5.45
C GLN A 8 -8.52 -13.07 -4.56
N HIS A 9 -9.73 -12.82 -4.05
CA HIS A 9 -10.08 -11.69 -3.16
C HIS A 9 -9.71 -10.30 -3.71
N ILE A 10 -9.76 -10.13 -5.04
CA ILE A 10 -9.46 -8.86 -5.70
C ILE A 10 -10.47 -7.77 -5.29
N GLY A 11 -9.93 -6.58 -4.96
CA GLY A 11 -10.68 -5.35 -4.72
C GLY A 11 -11.01 -4.54 -5.98
N HIS A 12 -12.23 -4.02 -6.05
CA HIS A 12 -12.71 -3.15 -7.13
C HIS A 12 -11.94 -1.82 -7.21
N VAL A 13 -11.23 -1.61 -8.31
CA VAL A 13 -10.58 -0.34 -8.70
C VAL A 13 -10.22 -0.38 -10.20
N GLY A 14 -10.13 0.78 -10.86
CA GLY A 14 -9.76 0.90 -12.28
C GLY A 14 -8.27 0.68 -12.61
N TRP A 15 -7.51 -0.11 -11.83
CA TRP A 15 -6.06 -0.32 -12.01
C TRP A 15 -5.73 -1.12 -13.27
N ASP A 16 -4.71 -0.69 -14.02
CA ASP A 16 -4.28 -1.29 -15.29
C ASP A 16 -2.74 -1.47 -15.36
N PRO A 17 -2.21 -2.60 -15.84
CA PRO A 17 -0.76 -2.86 -15.98
C PRO A 17 -0.05 -2.01 -17.05
N ASN A 18 -0.76 -1.05 -17.63
CA ASN A 18 -0.30 -0.10 -18.65
C ASN A 18 -0.11 1.35 -18.16
N THR A 19 -0.78 1.72 -17.07
CA THR A 19 -0.82 3.10 -16.54
C THR A 19 -1.03 3.18 -15.02
N GLY A 20 -1.28 2.06 -14.34
CA GLY A 20 -1.51 1.98 -12.91
C GLY A 20 -2.92 2.40 -12.51
N PHE A 21 -3.05 3.10 -11.38
CA PHE A 21 -4.32 3.49 -10.78
C PHE A 21 -5.08 4.58 -11.56
N ASP A 22 -6.31 4.28 -12.00
CA ASP A 22 -7.21 5.31 -12.52
C ASP A 22 -7.75 6.13 -11.34
N LEU A 23 -7.24 7.36 -11.17
CA LEU A 23 -7.62 8.24 -10.06
C LEU A 23 -9.14 8.47 -9.98
N ASN A 24 -9.84 8.49 -11.13
CA ASN A 24 -11.29 8.69 -11.20
C ASN A 24 -12.10 7.53 -10.57
N ASN A 25 -11.52 6.33 -10.53
CA ASN A 25 -12.09 5.13 -9.94
C ASN A 25 -11.43 4.73 -8.60
N LEU A 26 -10.44 5.48 -8.12
CA LEU A 26 -9.77 5.23 -6.85
C LEU A 26 -10.64 5.66 -5.66
N ASP A 27 -10.65 4.86 -4.59
CA ASP A 27 -11.44 5.09 -3.37
C ASP A 27 -10.80 6.14 -2.44
N PRO A 28 -11.57 7.08 -1.86
CA PRO A 28 -11.04 8.12 -1.00
C PRO A 28 -10.60 7.57 0.37
N GLU A 29 -11.21 6.48 0.86
CA GLU A 29 -10.75 5.83 2.09
C GLU A 29 -9.43 5.08 1.85
N LEU A 30 -9.29 4.39 0.72
CA LEU A 30 -8.01 3.77 0.32
C LEU A 30 -6.91 4.82 0.11
N LYS A 31 -7.24 6.02 -0.40
CA LYS A 31 -6.26 7.10 -0.60
C LYS A 31 -5.61 7.58 0.71
N ASN A 32 -6.33 7.53 1.83
CA ASN A 32 -5.79 7.90 3.14
C ASN A 32 -4.50 7.14 3.49
N LEU A 33 -4.49 5.85 3.19
CA LEU A 33 -3.35 4.99 3.47
C LEU A 33 -2.14 5.37 2.61
N PHE A 34 -2.42 5.64 1.33
CA PHE A 34 -1.38 6.01 0.35
C PHE A 34 -0.71 7.33 0.74
N ASP A 35 -1.52 8.29 1.19
CA ASP A 35 -1.04 9.61 1.61
C ASP A 35 -0.25 9.54 2.93
N MET A 36 -0.72 8.76 3.91
CA MET A 36 0.01 8.53 5.17
C MET A 36 1.40 7.91 4.94
N CYS A 37 1.56 7.10 3.89
CA CYS A 37 2.84 6.54 3.47
C CYS A 37 3.76 7.51 2.71
N GLY A 38 3.25 8.65 2.23
CA GLY A 38 4.00 9.65 1.48
C GLY A 38 3.97 9.45 -0.04
N ILE A 39 3.05 8.63 -0.56
CA ILE A 39 2.98 8.33 -2.00
C ILE A 39 2.31 9.48 -2.74
N SER A 40 2.94 9.97 -3.82
CA SER A 40 2.32 10.96 -4.71
C SER A 40 1.50 10.28 -5.81
N GLU A 41 0.53 11.00 -6.37
CA GLU A 41 -0.28 10.51 -7.49
C GLU A 41 0.57 10.18 -8.72
N ALA A 42 1.77 10.75 -8.85
CA ALA A 42 2.71 10.41 -9.91
C ALA A 42 3.23 8.97 -9.79
N GLN A 43 3.40 8.47 -8.55
CA GLN A 43 3.78 7.07 -8.32
C GLN A 43 2.60 6.11 -8.58
N LEU A 44 1.36 6.56 -8.31
CA LEU A 44 0.14 5.80 -8.59
C LEU A 44 -0.10 5.58 -10.08
N LYS A 45 0.40 6.51 -10.91
CA LYS A 45 0.46 6.42 -12.37
C LYS A 45 1.73 5.72 -12.92
N ASP A 46 2.63 5.26 -12.04
CA ASP A 46 3.79 4.44 -12.39
C ASP A 46 3.44 2.94 -12.30
N ARG A 47 3.69 2.17 -13.37
CA ARG A 47 3.37 0.74 -13.48
C ARG A 47 3.93 -0.12 -12.35
N GLU A 48 5.25 -0.15 -12.17
CA GLU A 48 5.89 -1.06 -11.21
C GLU A 48 5.57 -0.68 -9.75
N THR A 49 5.57 0.62 -9.43
CA THR A 49 5.19 1.13 -8.10
C THR A 49 3.73 0.78 -7.80
N SER A 50 2.78 1.17 -8.65
CA SER A 50 1.35 0.88 -8.42
C SER A 50 1.05 -0.62 -8.35
N LYS A 51 1.80 -1.46 -9.08
CA LYS A 51 1.71 -2.94 -9.01
C LYS A 51 2.10 -3.48 -7.63
N VAL A 52 3.13 -2.93 -6.97
CA VAL A 52 3.52 -3.32 -5.59
C VAL A 52 2.49 -2.80 -4.59
N ILE A 53 2.00 -1.58 -4.79
CA ILE A 53 1.01 -0.96 -3.92
C ILE A 53 -0.32 -1.73 -3.95
N TYR A 54 -0.83 -2.05 -5.14
CA TYR A 54 -2.10 -2.74 -5.29
C TYR A 54 -2.08 -4.13 -4.63
N ASP A 55 -0.94 -4.81 -4.70
CA ASP A 55 -0.74 -6.13 -4.11
C ASP A 55 -1.09 -6.16 -2.62
N PHE A 56 -0.85 -5.07 -1.87
CA PHE A 56 -1.15 -5.00 -0.44
C PHE A 56 -2.66 -5.04 -0.16
N ILE A 57 -3.44 -4.47 -1.08
CA ILE A 57 -4.88 -4.26 -1.00
C ILE A 57 -5.63 -5.57 -1.28
N GLU A 58 -5.41 -6.17 -2.45
CA GLU A 58 -5.95 -7.52 -2.74
C GLU A 58 -5.52 -8.56 -1.68
N LYS A 59 -4.32 -8.41 -1.09
CA LYS A 59 -3.78 -9.34 -0.09
C LYS A 59 -4.58 -9.37 1.20
N THR A 60 -4.95 -8.22 1.75
CA THR A 60 -5.85 -8.16 2.93
C THR A 60 -7.28 -8.61 2.59
N GLY A 61 -7.69 -8.46 1.32
CA GLY A 61 -9.04 -8.80 0.82
C GLY A 61 -9.70 -7.70 -0.02
N GLY A 62 -8.93 -7.06 -0.91
CA GLY A 62 -9.38 -5.93 -1.72
C GLY A 62 -9.62 -4.65 -0.94
N VAL A 63 -10.31 -3.69 -1.56
CA VAL A 63 -10.54 -2.36 -0.99
C VAL A 63 -11.43 -2.43 0.24
N GLU A 64 -12.44 -3.31 0.26
CA GLU A 64 -13.36 -3.47 1.39
C GLU A 64 -12.62 -3.87 2.68
N ALA A 65 -11.53 -4.63 2.56
CA ALA A 65 -10.71 -5.03 3.69
C ALA A 65 -9.96 -3.84 4.29
N VAL A 66 -9.16 -3.10 3.50
CA VAL A 66 -8.45 -1.91 4.00
C VAL A 66 -9.41 -0.83 4.51
N LYS A 67 -10.56 -0.63 3.85
CA LYS A 67 -11.66 0.24 4.29
C LYS A 67 -12.22 -0.11 5.67
N ASN A 68 -12.09 -1.37 6.09
CA ASN A 68 -12.40 -1.82 7.46
C ASN A 68 -11.18 -1.67 8.38
N GLU A 69 -9.98 -2.03 7.93
CA GLU A 69 -8.77 -2.04 8.76
C GLU A 69 -8.32 -0.63 9.18
N LEU A 70 -8.55 0.40 8.36
CA LEU A 70 -8.24 1.79 8.69
C LEU A 70 -9.34 2.50 9.50
N ARG A 71 -10.55 1.95 9.59
CA ARG A 71 -11.67 2.46 10.41
C ARG A 71 -11.44 2.29 11.92
N ARG A 72 -10.63 1.29 12.30
CA ARG A 72 -10.36 0.86 13.69
C ARG A 72 -9.73 1.90 14.62
N GLN A 73 -10.03 1.76 15.91
CA GLN A 73 -9.43 2.46 17.05
C GLN A 73 -8.06 1.89 17.41
N GLY B 1 0.12 10.72 14.55
CA GLY B 1 0.32 9.27 14.67
C GLY B 1 0.31 8.57 13.32
N LEU B 2 0.50 7.25 13.31
CA LEU B 2 0.56 6.42 12.10
C LEU B 2 -0.02 5.02 12.41
N PRO B 3 -1.12 4.57 11.78
CA PRO B 3 -1.80 3.31 12.12
C PRO B 3 -1.18 2.03 11.53
N ASP B 4 -1.55 0.89 12.10
CA ASP B 4 -1.03 -0.46 11.75
C ASP B 4 -1.24 -0.83 10.27
N VAL B 5 -2.44 -0.56 9.75
CA VAL B 5 -2.84 -0.66 8.33
C VAL B 5 -1.92 0.13 7.38
N ALA B 6 -1.29 1.22 7.84
CA ALA B 6 -0.38 2.03 7.04
C ALA B 6 1.10 1.63 7.23
N GLN B 7 1.55 1.28 8.44
CA GLN B 7 2.92 0.76 8.62
C GLN B 7 3.12 -0.59 7.89
N ARG B 8 2.08 -1.44 7.82
CA ARG B 8 2.12 -2.66 7.00
C ARG B 8 2.08 -2.41 5.49
N LEU B 9 1.54 -1.27 5.02
CA LEU B 9 1.66 -0.82 3.62
C LEU B 9 3.12 -0.40 3.33
N MET B 10 3.71 0.46 4.18
CA MET B 10 5.13 0.87 4.06
C MET B 10 6.09 -0.33 4.06
N GLN B 11 5.89 -1.28 4.98
CA GLN B 11 6.68 -2.51 5.07
C GLN B 11 6.41 -3.49 3.91
N HIS B 12 5.28 -3.38 3.19
CA HIS B 12 5.04 -4.11 1.94
C HIS B 12 5.81 -3.52 0.75
N LEU B 13 5.86 -2.18 0.62
CA LEU B 13 6.72 -1.54 -0.38
C LEU B 13 8.20 -1.90 -0.14
N ALA B 14 8.61 -2.01 1.13
CA ALA B 14 9.97 -2.43 1.50
C ALA B 14 10.31 -3.88 1.11
N GLU B 15 9.32 -4.79 0.96
CA GLU B 15 9.56 -6.16 0.44
C GLU B 15 10.01 -6.16 -1.03
N HIS B 16 9.72 -5.09 -1.77
CA HIS B 16 10.15 -4.88 -3.16
C HIS B 16 11.17 -3.73 -3.34
N GLY B 17 11.41 -2.98 -2.27
CA GLY B 17 12.37 -1.86 -2.21
C GLY B 17 11.86 -0.57 -2.85
N ILE B 18 10.55 -0.32 -2.89
CA ILE B 18 9.97 0.92 -3.43
C ILE B 18 10.06 2.04 -2.38
N GLN B 19 10.30 3.28 -2.79
CA GLN B 19 10.33 4.46 -1.92
C GLN B 19 9.16 5.42 -2.21
N PRO B 20 8.57 6.07 -1.19
CA PRO B 20 7.51 7.07 -1.37
C PRO B 20 8.04 8.40 -1.92
N ALA B 21 7.16 9.24 -2.43
CA ALA B 21 7.52 10.56 -2.97
C ALA B 21 7.97 11.53 -1.87
N ARG B 22 7.36 11.47 -0.68
CA ARG B 22 7.80 12.21 0.53
C ARG B 22 8.98 11.48 1.20
N ASN B 23 10.02 11.15 0.45
CA ASN B 23 11.16 10.34 0.89
C ASN B 23 12.06 10.98 1.98
N MET B 24 11.95 12.28 2.24
CA MET B 24 12.70 13.01 3.29
C MET B 24 11.84 13.54 4.44
N ALA B 25 10.59 13.07 4.52
CA ALA B 25 9.57 13.57 5.47
C ALA B 25 9.40 12.84 6.82
N GLU B 26 10.10 11.74 7.03
CA GLU B 26 10.07 10.98 8.30
C GLU B 26 11.28 11.34 9.21
N HIS B 27 11.00 11.90 10.39
CA HIS B 27 12.02 12.41 11.32
C HIS B 27 12.61 11.34 12.26
N ILE B 28 13.92 11.44 12.52
CA ILE B 28 14.68 10.70 13.54
C ILE B 28 15.73 11.60 14.24
N PRO B 29 16.15 11.26 15.48
CA PRO B 29 17.27 11.89 16.17
C PRO B 29 18.64 11.70 15.45
N PRO B 30 19.70 12.41 15.87
CA PRO B 30 21.06 12.15 15.43
C PRO B 30 21.60 10.80 15.95
N ALA B 31 21.97 9.90 15.03
CA ALA B 31 22.62 8.61 15.26
C ALA B 31 21.92 7.65 16.25
N PRO B 32 20.65 7.23 16.01
CA PRO B 32 19.93 6.28 16.87
C PRO B 32 20.46 4.83 16.79
N ASN B 33 21.39 4.52 15.87
CA ASN B 33 22.00 3.19 15.73
C ASN B 33 23.45 3.28 15.21
N TRP B 34 24.36 2.53 15.85
CA TRP B 34 25.80 2.47 15.53
C TRP B 34 26.34 1.02 15.65
N PRO B 35 26.14 0.15 14.64
CA PRO B 35 26.74 -1.19 14.56
C PRO B 35 28.27 -1.18 14.35
N ALA B 36 28.90 -2.35 14.39
CA ALA B 36 30.30 -2.52 13.99
C ALA B 36 30.43 -2.55 12.44
N PRO B 37 31.25 -1.68 11.82
CA PRO B 37 31.38 -1.61 10.36
C PRO B 37 32.07 -2.83 9.72
N THR B 38 31.80 -3.03 8.43
CA THR B 38 32.44 -4.01 7.53
C THR B 38 32.87 -3.29 6.23
N PRO B 39 34.12 -3.46 5.74
CA PRO B 39 34.63 -2.73 4.57
C PRO B 39 34.04 -3.25 3.24
N PRO B 40 33.75 -2.37 2.25
CA PRO B 40 33.08 -2.72 0.99
C PRO B 40 34.03 -3.28 -0.09
N VAL B 41 34.99 -4.14 0.30
CA VAL B 41 35.85 -4.87 -0.65
C VAL B 41 35.02 -5.83 -1.50
N GLN B 42 35.40 -5.96 -2.77
CA GLN B 42 34.65 -6.74 -3.78
C GLN B 42 35.30 -8.11 -4.07
N ASN B 43 34.53 -9.01 -4.69
CA ASN B 43 34.91 -10.38 -5.02
C ASN B 43 36.24 -10.44 -5.82
N GLU B 44 37.10 -11.38 -5.43
CA GLU B 44 38.43 -11.60 -5.99
C GLU B 44 38.39 -12.16 -7.42
N GLN B 45 39.44 -11.85 -8.20
CA GLN B 45 39.63 -12.32 -9.58
C GLN B 45 39.72 -13.86 -9.68
N SER B 46 39.25 -14.40 -10.81
CA SER B 46 39.39 -15.80 -11.20
C SER B 46 39.43 -15.92 -12.73
N ARG B 47 39.96 -17.06 -13.24
CA ARG B 47 40.23 -17.37 -14.67
C ARG B 47 41.35 -16.50 -15.31
N PRO B 48 42.02 -16.97 -16.39
CA PRO B 48 43.15 -16.28 -17.04
C PRO B 48 42.84 -14.90 -17.62
N GLY A 1 -7.44 -19.82 5.14
CA GLY A 1 -8.41 -20.77 4.59
C GLY A 1 -9.08 -20.21 3.34
N SER A 2 -10.41 -20.12 3.33
CA SER A 2 -11.24 -19.48 2.28
C SER A 2 -10.97 -20.01 0.86
N HIS A 3 -10.87 -21.34 0.70
CA HIS A 3 -10.50 -22.00 -0.56
C HIS A 3 -11.67 -22.07 -1.56
N MET A 4 -12.04 -20.90 -2.11
CA MET A 4 -13.16 -20.72 -3.04
C MET A 4 -12.83 -19.70 -4.14
N SER A 5 -13.33 -19.94 -5.36
CA SER A 5 -13.15 -19.09 -6.55
C SER A 5 -14.13 -17.90 -6.53
N ASN A 6 -13.94 -16.97 -5.60
CA ASN A 6 -14.80 -15.82 -5.34
C ASN A 6 -13.95 -14.54 -5.27
N PHE A 7 -14.32 -13.50 -6.02
CA PHE A 7 -13.56 -12.24 -6.07
C PHE A 7 -13.75 -11.33 -4.84
N GLN A 8 -14.30 -11.84 -3.74
CA GLN A 8 -14.39 -11.20 -2.41
C GLN A 8 -13.06 -10.63 -1.89
N HIS A 9 -11.94 -11.12 -2.42
CA HIS A 9 -10.58 -10.73 -2.03
C HIS A 9 -9.80 -9.94 -3.10
N ILE A 10 -10.46 -9.56 -4.20
CA ILE A 10 -9.88 -8.73 -5.25
C ILE A 10 -10.32 -7.28 -5.09
N GLY A 11 -9.38 -6.33 -5.06
CA GLY A 11 -9.69 -4.90 -5.00
C GLY A 11 -10.40 -4.38 -6.24
N HIS A 12 -11.68 -4.02 -6.09
CA HIS A 12 -12.47 -3.33 -7.12
C HIS A 12 -12.06 -1.85 -7.23
N VAL A 13 -11.29 -1.52 -8.27
CA VAL A 13 -10.72 -0.19 -8.54
C VAL A 13 -10.25 -0.12 -10.00
N GLY A 14 -10.16 1.08 -10.59
CA GLY A 14 -9.69 1.28 -11.96
C GLY A 14 -8.17 1.13 -12.14
N TRP A 15 -7.54 0.11 -11.58
CA TRP A 15 -6.11 -0.20 -11.82
C TRP A 15 -5.89 -1.07 -13.07
N ASP A 16 -4.81 -0.81 -13.83
CA ASP A 16 -4.35 -1.62 -14.96
C ASP A 16 -2.82 -1.63 -15.09
N PRO A 17 -2.19 -2.73 -15.53
CA PRO A 17 -0.73 -2.84 -15.70
C PRO A 17 -0.14 -1.96 -16.81
N ASN A 18 -0.98 -1.21 -17.52
CA ASN A 18 -0.62 -0.27 -18.58
C ASN A 18 -0.45 1.17 -18.09
N THR A 19 -1.17 1.62 -17.07
CA THR A 19 -1.17 3.02 -16.58
C THR A 19 -1.29 3.13 -15.05
N GLY A 20 -1.39 1.99 -14.35
CA GLY A 20 -1.58 1.94 -12.91
C GLY A 20 -2.99 2.37 -12.52
N PHE A 21 -3.13 3.10 -11.42
CA PHE A 21 -4.42 3.52 -10.88
C PHE A 21 -5.08 4.65 -11.72
N ASP A 22 -6.38 4.53 -12.00
CA ASP A 22 -7.22 5.61 -12.52
C ASP A 22 -7.65 6.47 -11.33
N LEU A 23 -7.07 7.66 -11.17
CA LEU A 23 -7.32 8.53 -10.00
C LEU A 23 -8.80 8.90 -9.82
N ASN A 24 -9.58 8.93 -10.90
CA ASN A 24 -11.00 9.22 -10.87
C ASN A 24 -11.80 8.09 -10.18
N ASN A 25 -11.46 6.83 -10.46
CA ASN A 25 -12.11 5.64 -9.91
C ASN A 25 -11.44 5.13 -8.62
N LEU A 26 -10.41 5.82 -8.12
CA LEU A 26 -9.79 5.53 -6.85
C LEU A 26 -10.76 5.75 -5.68
N ASP A 27 -10.59 4.98 -4.60
CA ASP A 27 -11.36 5.14 -3.37
C ASP A 27 -10.68 6.16 -2.41
N PRO A 28 -11.41 7.11 -1.82
CA PRO A 28 -10.89 8.12 -0.91
C PRO A 28 -10.49 7.53 0.46
N GLU A 29 -11.10 6.43 0.89
CA GLU A 29 -10.69 5.71 2.10
C GLU A 29 -9.41 4.92 1.87
N LEU A 30 -9.24 4.29 0.70
CA LEU A 30 -7.96 3.65 0.34
C LEU A 30 -6.84 4.70 0.19
N LYS A 31 -7.18 5.90 -0.31
CA LYS A 31 -6.26 7.03 -0.44
C LYS A 31 -5.71 7.53 0.90
N ASN A 32 -6.44 7.35 2.00
CA ASN A 32 -5.99 7.75 3.34
C ASN A 32 -4.64 7.13 3.71
N LEU A 33 -4.47 5.84 3.43
CA LEU A 33 -3.24 5.10 3.71
C LEU A 33 -2.10 5.56 2.81
N PHE A 34 -2.40 5.77 1.52
CA PHE A 34 -1.43 6.18 0.52
C PHE A 34 -0.78 7.53 0.90
N ASP A 35 -1.63 8.45 1.34
CA ASP A 35 -1.22 9.79 1.73
C ASP A 35 -0.48 9.82 3.08
N MET A 36 -0.95 9.07 4.09
CA MET A 36 -0.25 8.96 5.38
C MET A 36 1.12 8.27 5.28
N CYS A 37 1.40 7.56 4.18
CA CYS A 37 2.72 7.03 3.83
C CYS A 37 3.62 8.01 3.04
N GLY A 38 3.06 9.06 2.42
CA GLY A 38 3.79 10.01 1.60
C GLY A 38 3.84 9.68 0.11
N ILE A 39 2.92 8.86 -0.40
CA ILE A 39 2.87 8.44 -1.80
C ILE A 39 2.21 9.53 -2.66
N SER A 40 2.86 9.98 -3.73
CA SER A 40 2.26 10.90 -4.72
C SER A 40 1.47 10.12 -5.78
N GLU A 41 0.55 10.82 -6.42
CA GLU A 41 -0.20 10.40 -7.62
C GLU A 41 0.72 9.87 -8.72
N ALA A 42 1.91 10.46 -8.89
CA ALA A 42 2.93 9.97 -9.82
C ALA A 42 3.37 8.52 -9.55
N GLN A 43 3.49 8.12 -8.28
CA GLN A 43 3.81 6.75 -7.88
C GLN A 43 2.63 5.81 -8.22
N LEU A 44 1.39 6.32 -8.16
CA LEU A 44 0.16 5.58 -8.50
C LEU A 44 -0.03 5.41 -10.03
N LYS A 45 0.54 6.33 -10.83
CA LYS A 45 0.59 6.28 -12.31
C LYS A 45 1.80 5.53 -12.87
N ASP A 46 2.83 5.26 -12.06
CA ASP A 46 3.93 4.36 -12.42
C ASP A 46 3.45 2.90 -12.37
N ARG A 47 3.64 2.15 -13.46
CA ARG A 47 3.11 0.77 -13.59
C ARG A 47 3.66 -0.18 -12.53
N GLU A 48 4.98 -0.31 -12.49
CA GLU A 48 5.68 -1.28 -11.61
C GLU A 48 5.57 -0.91 -10.13
N THR A 49 5.56 0.39 -9.81
CA THR A 49 5.26 0.90 -8.47
C THR A 49 3.81 0.61 -8.07
N SER A 50 2.82 1.04 -8.85
CA SER A 50 1.40 0.84 -8.50
C SER A 50 1.01 -0.64 -8.42
N LYS A 51 1.69 -1.52 -9.16
CA LYS A 51 1.59 -2.99 -9.06
C LYS A 51 1.93 -3.50 -7.64
N VAL A 52 3.00 -2.96 -7.02
CA VAL A 52 3.40 -3.28 -5.63
C VAL A 52 2.37 -2.73 -4.64
N ILE A 53 1.87 -1.52 -4.89
CA ILE A 53 0.89 -0.89 -4.02
C ILE A 53 -0.44 -1.66 -4.03
N TYR A 54 -0.96 -1.99 -5.22
CA TYR A 54 -2.20 -2.76 -5.37
C TYR A 54 -2.13 -4.13 -4.70
N ASP A 55 -0.95 -4.76 -4.71
CA ASP A 55 -0.72 -6.06 -4.08
C ASP A 55 -1.13 -6.09 -2.59
N PHE A 56 -0.95 -4.97 -1.87
CA PHE A 56 -1.29 -4.88 -0.44
C PHE A 56 -2.81 -4.93 -0.21
N ILE A 57 -3.56 -4.34 -1.14
CA ILE A 57 -5.01 -4.25 -1.10
C ILE A 57 -5.64 -5.61 -1.37
N GLU A 58 -5.32 -6.23 -2.50
CA GLU A 58 -5.81 -7.59 -2.78
C GLU A 58 -5.34 -8.62 -1.72
N LYS A 59 -4.17 -8.41 -1.09
CA LYS A 59 -3.64 -9.29 -0.03
C LYS A 59 -4.54 -9.37 1.20
N THR A 60 -4.97 -8.23 1.74
CA THR A 60 -5.90 -8.21 2.89
C THR A 60 -7.33 -8.63 2.51
N GLY A 61 -7.68 -8.53 1.21
CA GLY A 61 -9.00 -8.91 0.68
C GLY A 61 -9.71 -7.85 -0.15
N GLY A 62 -9.00 -7.12 -1.00
CA GLY A 62 -9.52 -6.01 -1.81
C GLY A 62 -9.68 -4.69 -1.04
N VAL A 63 -10.37 -3.73 -1.65
CA VAL A 63 -10.49 -2.37 -1.09
C VAL A 63 -11.35 -2.37 0.17
N GLU A 64 -12.43 -3.15 0.21
CA GLU A 64 -13.33 -3.22 1.36
C GLU A 64 -12.67 -3.78 2.62
N ALA A 65 -11.55 -4.49 2.45
CA ALA A 65 -10.70 -4.91 3.54
C ALA A 65 -9.87 -3.75 4.10
N VAL A 66 -9.03 -3.08 3.29
CA VAL A 66 -8.20 -1.96 3.77
C VAL A 66 -9.04 -0.83 4.37
N LYS A 67 -10.19 -0.52 3.76
CA LYS A 67 -11.16 0.49 4.24
C LYS A 67 -11.69 0.22 5.65
N ASN A 68 -11.78 -1.06 6.04
CA ASN A 68 -12.13 -1.53 7.38
C ASN A 68 -10.91 -1.72 8.29
N GLU A 69 -9.77 -2.16 7.76
CA GLU A 69 -8.53 -2.37 8.50
C GLU A 69 -8.04 -1.06 9.15
N LEU A 70 -7.93 0.02 8.35
CA LEU A 70 -7.47 1.34 8.83
C LEU A 70 -8.44 1.98 9.84
N ARG A 71 -9.66 1.43 9.96
CA ARG A 71 -10.69 1.88 10.90
C ARG A 71 -10.58 1.26 12.31
N ARG A 72 -10.10 0.01 12.44
CA ARG A 72 -10.08 -0.74 13.71
C ARG A 72 -9.29 -0.04 14.83
N GLN A 73 -9.58 -0.43 16.07
CA GLN A 73 -9.07 0.16 17.32
C GLN A 73 -7.56 0.02 17.49
N GLY B 1 -2.89 7.05 19.18
CA GLY B 1 -2.29 5.89 18.52
C GLY B 1 -1.88 6.22 17.10
N LEU B 2 -0.68 5.81 16.68
CA LEU B 2 -0.20 5.97 15.30
C LEU B 2 -0.79 4.88 14.37
N PRO B 3 -1.07 5.17 13.08
CA PRO B 3 -1.74 4.24 12.15
C PRO B 3 -0.96 2.96 11.82
N ASP B 4 -1.34 1.86 12.47
CA ASP B 4 -0.80 0.50 12.27
C ASP B 4 -0.89 0.03 10.80
N VAL B 5 -1.98 0.38 10.09
CA VAL B 5 -2.24 -0.07 8.72
C VAL B 5 -1.41 0.70 7.69
N ALA B 6 -1.05 1.96 7.96
CA ALA B 6 -0.10 2.71 7.15
C ALA B 6 1.33 2.12 7.30
N GLN B 7 1.72 1.78 8.54
CA GLN B 7 3.00 1.11 8.80
C GLN B 7 3.08 -0.27 8.13
N ARG B 8 1.96 -1.03 8.09
CA ARG B 8 1.85 -2.28 7.32
C ARG B 8 1.96 -2.07 5.81
N LEU B 9 1.35 -1.03 5.23
CA LEU B 9 1.54 -0.66 3.81
C LEU B 9 3.03 -0.37 3.51
N MET B 10 3.72 0.37 4.37
CA MET B 10 5.17 0.64 4.21
C MET B 10 6.02 -0.63 4.20
N GLN B 11 5.81 -1.57 5.14
CA GLN B 11 6.52 -2.87 5.10
C GLN B 11 6.21 -3.66 3.83
N HIS B 12 4.97 -3.58 3.31
CA HIS B 12 4.58 -4.32 2.11
C HIS B 12 5.28 -3.81 0.84
N LEU B 13 5.50 -2.50 0.72
CA LEU B 13 6.33 -1.90 -0.33
C LEU B 13 7.82 -2.24 -0.15
N ALA B 14 8.29 -2.33 1.10
CA ALA B 14 9.69 -2.58 1.43
C ALA B 14 10.16 -3.97 0.95
N GLU B 15 9.27 -4.96 0.91
CA GLU B 15 9.52 -6.29 0.33
C GLU B 15 9.89 -6.25 -1.17
N HIS B 16 9.45 -5.22 -1.89
CA HIS B 16 9.81 -4.95 -3.30
C HIS B 16 10.83 -3.81 -3.43
N GLY B 17 11.15 -3.11 -2.33
CA GLY B 17 12.11 -2.01 -2.30
C GLY B 17 11.54 -0.68 -2.84
N ILE B 18 10.22 -0.51 -2.79
CA ILE B 18 9.56 0.75 -3.16
C ILE B 18 9.63 1.72 -1.97
N GLN B 19 9.69 3.02 -2.26
CA GLN B 19 9.64 4.06 -1.24
C GLN B 19 8.70 5.21 -1.64
N PRO B 20 8.15 5.97 -0.66
CA PRO B 20 7.21 7.03 -0.93
C PRO B 20 7.89 8.32 -1.39
N ALA B 21 7.13 9.20 -2.06
CA ALA B 21 7.60 10.47 -2.61
C ALA B 21 8.16 11.43 -1.52
N ARG B 22 7.59 11.36 -0.30
CA ARG B 22 8.03 12.16 0.86
C ARG B 22 9.30 11.62 1.54
N ASN B 23 9.85 10.49 1.10
CA ASN B 23 11.09 9.86 1.58
C ASN B 23 11.22 9.75 3.13
N MET B 24 10.11 9.51 3.84
CA MET B 24 10.03 9.45 5.31
C MET B 24 10.43 10.73 6.07
N ALA B 25 10.22 11.89 5.45
CA ALA B 25 10.55 13.21 6.03
C ALA B 25 9.55 13.76 7.06
N GLU B 26 8.41 13.09 7.25
CA GLU B 26 7.43 13.44 8.28
C GLU B 26 7.89 12.96 9.66
N HIS B 27 7.97 13.87 10.65
CA HIS B 27 8.37 13.51 12.02
C HIS B 27 7.27 12.72 12.73
N ILE B 28 7.65 11.71 13.52
CA ILE B 28 6.74 10.82 14.26
C ILE B 28 7.21 10.63 15.71
N PRO B 29 6.30 10.58 16.72
CA PRO B 29 6.64 10.30 18.13
C PRO B 29 7.35 8.96 18.41
N PRO B 30 7.87 8.75 19.63
CA PRO B 30 8.43 7.47 20.06
C PRO B 30 7.40 6.32 20.08
N ALA B 31 7.89 5.08 19.92
CA ALA B 31 7.13 3.83 19.96
C ALA B 31 5.81 3.84 19.14
N PRO B 32 5.85 4.04 17.80
CA PRO B 32 4.66 4.17 16.95
C PRO B 32 3.84 2.87 16.74
N ASN B 33 4.24 1.75 17.34
CA ASN B 33 3.53 0.46 17.26
C ASN B 33 3.64 -0.34 18.58
N TRP B 34 2.57 -1.04 18.96
CA TRP B 34 2.53 -1.91 20.14
C TRP B 34 2.96 -3.36 19.81
N PRO B 35 4.05 -3.89 20.40
CA PRO B 35 4.53 -5.25 20.12
C PRO B 35 3.60 -6.35 20.65
N ALA B 36 3.30 -7.34 19.80
CA ALA B 36 2.54 -8.54 20.12
C ALA B 36 2.82 -9.71 19.14
N PRO B 37 2.76 -10.98 19.59
CA PRO B 37 2.81 -12.16 18.72
C PRO B 37 1.55 -12.31 17.85
N THR B 38 1.66 -13.10 16.78
CA THR B 38 0.59 -13.36 15.81
C THR B 38 -0.57 -14.15 16.44
N PRO B 39 -1.83 -13.70 16.27
CA PRO B 39 -3.00 -14.39 16.80
C PRO B 39 -3.34 -15.67 16.01
N PRO B 40 -3.88 -16.71 16.68
CA PRO B 40 -4.20 -18.00 16.05
C PRO B 40 -5.43 -17.90 15.13
N VAL B 41 -5.46 -18.78 14.11
CA VAL B 41 -6.60 -18.98 13.21
C VAL B 41 -7.64 -19.92 13.84
N GLN B 42 -8.92 -19.59 13.64
CA GLN B 42 -10.07 -20.27 14.23
C GLN B 42 -11.18 -20.53 13.20
N ASN B 43 -11.41 -19.58 12.29
CA ASN B 43 -12.36 -19.72 11.20
C ASN B 43 -11.68 -20.29 9.94
N GLU B 44 -12.39 -21.16 9.23
CA GLU B 44 -11.95 -21.71 7.94
C GLU B 44 -12.26 -20.74 6.80
N GLN B 45 -13.33 -19.93 6.92
CA GLN B 45 -13.76 -18.92 5.96
C GLN B 45 -14.75 -17.91 6.59
N SER B 46 -14.90 -16.72 6.00
CA SER B 46 -15.89 -15.72 6.42
C SER B 46 -17.33 -16.02 5.95
N ARG B 47 -17.49 -16.70 4.81
CA ARG B 47 -18.78 -17.09 4.22
C ARG B 47 -19.55 -18.13 5.08
N PRO B 48 -20.83 -17.91 5.44
CA PRO B 48 -21.63 -18.84 6.26
C PRO B 48 -21.97 -20.15 5.55
N GLY A 1 2.39 -21.01 -5.00
CA GLY A 1 1.05 -21.54 -5.31
C GLY A 1 -0.05 -20.50 -5.12
N SER A 2 -1.29 -21.00 -5.05
CA SER A 2 -2.55 -20.25 -4.90
C SER A 2 -2.73 -19.53 -3.55
N HIS A 3 -1.73 -19.59 -2.66
CA HIS A 3 -1.73 -19.08 -1.29
C HIS A 3 -1.87 -17.54 -1.25
N MET A 4 -2.93 -17.06 -0.59
CA MET A 4 -3.33 -15.66 -0.41
C MET A 4 -3.54 -14.85 -1.72
N SER A 5 -3.58 -15.52 -2.88
CA SER A 5 -3.64 -14.91 -4.22
C SER A 5 -4.92 -15.16 -5.03
N ASN A 6 -5.85 -16.04 -4.60
CA ASN A 6 -7.05 -16.39 -5.38
C ASN A 6 -7.99 -15.20 -5.63
N PHE A 7 -8.78 -15.25 -6.70
CA PHE A 7 -9.67 -14.16 -7.12
C PHE A 7 -11.00 -14.07 -6.34
N GLN A 8 -11.06 -14.64 -5.15
CA GLN A 8 -12.24 -14.61 -4.27
C GLN A 8 -12.52 -13.20 -3.71
N HIS A 9 -11.48 -12.47 -3.32
CA HIS A 9 -11.58 -11.15 -2.67
C HIS A 9 -10.59 -10.15 -3.29
N ILE A 10 -10.88 -9.66 -4.50
CA ILE A 10 -10.01 -8.73 -5.26
C ILE A 10 -10.57 -7.29 -5.26
N GLY A 11 -9.68 -6.32 -5.08
CA GLY A 11 -10.02 -4.90 -4.94
C GLY A 11 -10.61 -4.26 -6.19
N HIS A 12 -11.87 -3.82 -6.12
CA HIS A 12 -12.56 -3.11 -7.22
C HIS A 12 -12.10 -1.64 -7.32
N VAL A 13 -11.48 -1.29 -8.45
CA VAL A 13 -10.86 0.04 -8.73
C VAL A 13 -10.43 0.12 -10.20
N GLY A 14 -10.29 1.33 -10.76
CA GLY A 14 -9.77 1.57 -12.11
C GLY A 14 -8.25 1.43 -12.25
N TRP A 15 -7.61 0.43 -11.62
CA TRP A 15 -6.18 0.14 -11.80
C TRP A 15 -5.92 -0.70 -13.06
N ASP A 16 -4.84 -0.41 -13.79
CA ASP A 16 -4.36 -1.17 -14.95
C ASP A 16 -2.83 -1.30 -14.97
N PRO A 17 -2.27 -2.44 -15.40
CA PRO A 17 -0.81 -2.63 -15.51
C PRO A 17 -0.14 -1.73 -16.57
N ASN A 18 -0.94 -1.04 -17.38
CA ASN A 18 -0.52 -0.15 -18.46
C ASN A 18 -0.28 1.31 -18.05
N THR A 19 -0.92 1.77 -16.97
CA THR A 19 -0.90 3.17 -16.50
C THR A 19 -1.12 3.36 -14.98
N GLY A 20 -1.32 2.26 -14.25
CA GLY A 20 -1.53 2.25 -12.80
C GLY A 20 -2.94 2.69 -12.38
N PHE A 21 -3.06 3.41 -11.27
CA PHE A 21 -4.34 3.82 -10.67
C PHE A 21 -5.03 4.99 -11.41
N ASP A 22 -6.31 4.86 -11.75
CA ASP A 22 -7.14 5.98 -12.22
C ASP A 22 -7.60 6.84 -11.02
N LEU A 23 -7.08 8.06 -10.87
CA LEU A 23 -7.43 8.93 -9.74
C LEU A 23 -8.96 9.20 -9.68
N ASN A 24 -9.62 9.27 -10.84
CA ASN A 24 -11.05 9.53 -10.99
C ASN A 24 -11.96 8.38 -10.50
N ASN A 25 -11.37 7.21 -10.27
CA ASN A 25 -12.01 6.02 -9.70
C ASN A 25 -11.31 5.51 -8.42
N LEU A 26 -10.35 6.25 -7.85
CA LEU A 26 -9.67 5.86 -6.60
C LEU A 26 -10.51 6.21 -5.36
N ASP A 27 -10.57 5.28 -4.39
CA ASP A 27 -11.36 5.42 -3.17
C ASP A 27 -10.68 6.35 -2.14
N PRO A 28 -11.41 7.25 -1.46
CA PRO A 28 -10.86 8.19 -0.50
C PRO A 28 -10.41 7.53 0.81
N GLU A 29 -11.05 6.44 1.25
CA GLU A 29 -10.61 5.70 2.44
C GLU A 29 -9.37 4.87 2.12
N LEU A 30 -9.29 4.23 0.95
CA LEU A 30 -8.02 3.61 0.52
C LEU A 30 -6.91 4.68 0.32
N LYS A 31 -7.25 5.88 -0.16
CA LYS A 31 -6.30 6.99 -0.36
C LYS A 31 -5.70 7.53 0.94
N ASN A 32 -6.42 7.46 2.07
CA ASN A 32 -5.89 7.87 3.38
C ASN A 32 -4.56 7.17 3.69
N LEU A 33 -4.52 5.86 3.44
CA LEU A 33 -3.32 5.04 3.67
C LEU A 33 -2.18 5.43 2.72
N PHE A 34 -2.50 5.69 1.45
CA PHE A 34 -1.50 6.07 0.44
C PHE A 34 -0.83 7.41 0.79
N ASP A 35 -1.64 8.35 1.25
CA ASP A 35 -1.18 9.69 1.62
C ASP A 35 -0.41 9.69 2.95
N MET A 36 -0.84 8.93 3.95
CA MET A 36 -0.08 8.76 5.21
C MET A 36 1.25 8.02 5.00
N CYS A 37 1.39 7.26 3.90
CA CYS A 37 2.67 6.68 3.47
C CYS A 37 3.58 7.64 2.70
N GLY A 38 3.08 8.77 2.19
CA GLY A 38 3.87 9.73 1.42
C GLY A 38 3.96 9.44 -0.08
N ILE A 39 2.97 8.74 -0.64
CA ILE A 39 2.95 8.34 -2.06
C ILE A 39 2.33 9.47 -2.90
N SER A 40 3.02 9.94 -3.94
CA SER A 40 2.50 10.96 -4.88
C SER A 40 1.75 10.32 -6.05
N GLU A 41 0.95 11.12 -6.77
CA GLU A 41 0.21 10.70 -7.97
C GLU A 41 1.14 10.08 -9.03
N ALA A 42 2.37 10.58 -9.21
CA ALA A 42 3.35 10.00 -10.12
C ALA A 42 3.71 8.54 -9.80
N GLN A 43 3.71 8.16 -8.52
CA GLN A 43 3.93 6.77 -8.08
C GLN A 43 2.69 5.91 -8.30
N LEU A 44 1.49 6.50 -8.19
CA LEU A 44 0.21 5.84 -8.48
C LEU A 44 0.00 5.61 -9.98
N LYS A 45 0.56 6.49 -10.83
CA LYS A 45 0.61 6.37 -12.30
C LYS A 45 1.86 5.64 -12.82
N ASP A 46 2.76 5.22 -11.94
CA ASP A 46 3.86 4.32 -12.29
C ASP A 46 3.34 2.88 -12.30
N ARG A 47 3.54 2.17 -13.40
CA ARG A 47 3.08 0.79 -13.59
C ARG A 47 3.67 -0.15 -12.54
N GLU A 48 4.98 -0.09 -12.40
CA GLU A 48 5.79 -0.98 -11.54
C GLU A 48 5.53 -0.74 -10.05
N THR A 49 5.46 0.52 -9.64
CA THR A 49 5.19 0.95 -8.25
C THR A 49 3.73 0.70 -7.87
N SER A 50 2.76 1.13 -8.69
CA SER A 50 1.33 0.93 -8.38
C SER A 50 0.96 -0.54 -8.31
N LYS A 51 1.63 -1.42 -9.06
CA LYS A 51 1.50 -2.89 -8.92
C LYS A 51 1.85 -3.37 -7.49
N VAL A 52 2.91 -2.83 -6.88
CA VAL A 52 3.34 -3.16 -5.50
C VAL A 52 2.36 -2.59 -4.48
N ILE A 53 1.84 -1.39 -4.73
CA ILE A 53 0.86 -0.76 -3.85
C ILE A 53 -0.47 -1.52 -3.89
N TYR A 54 -0.99 -1.81 -5.09
CA TYR A 54 -2.23 -2.57 -5.27
C TYR A 54 -2.16 -3.97 -4.63
N ASP A 55 -0.98 -4.59 -4.64
CA ASP A 55 -0.73 -5.89 -4.00
C ASP A 55 -1.18 -5.90 -2.52
N PHE A 56 -0.98 -4.80 -1.79
CA PHE A 56 -1.37 -4.72 -0.39
C PHE A 56 -2.88 -4.85 -0.20
N ILE A 57 -3.64 -4.23 -1.12
CA ILE A 57 -5.11 -4.23 -1.12
C ILE A 57 -5.64 -5.63 -1.43
N GLU A 58 -5.28 -6.22 -2.57
CA GLU A 58 -5.68 -7.60 -2.88
C GLU A 58 -5.23 -8.58 -1.78
N LYS A 59 -4.05 -8.35 -1.14
CA LYS A 59 -3.51 -9.20 -0.07
C LYS A 59 -4.40 -9.26 1.14
N THR A 60 -4.83 -8.12 1.67
CA THR A 60 -5.71 -8.13 2.85
C THR A 60 -7.14 -8.59 2.51
N GLY A 61 -7.52 -8.54 1.22
CA GLY A 61 -8.82 -8.99 0.71
C GLY A 61 -9.61 -7.97 -0.13
N GLY A 62 -8.95 -7.18 -0.98
CA GLY A 62 -9.58 -6.11 -1.75
C GLY A 62 -9.79 -4.81 -0.95
N VAL A 63 -10.53 -3.86 -1.53
CA VAL A 63 -10.69 -2.52 -0.94
C VAL A 63 -11.57 -2.55 0.31
N GLU A 64 -12.62 -3.38 0.34
CA GLU A 64 -13.50 -3.53 1.51
C GLU A 64 -12.71 -3.99 2.75
N ALA A 65 -11.57 -4.66 2.57
CA ALA A 65 -10.70 -5.07 3.66
C ALA A 65 -9.94 -3.86 4.24
N VAL A 66 -9.12 -3.15 3.44
CA VAL A 66 -8.34 -1.99 3.93
C VAL A 66 -9.24 -0.89 4.50
N LYS A 67 -10.40 -0.65 3.87
CA LYS A 67 -11.42 0.31 4.31
C LYS A 67 -12.00 -0.05 5.68
N ASN A 68 -12.03 -1.35 6.03
CA ASN A 68 -12.38 -1.81 7.37
C ASN A 68 -11.19 -1.83 8.33
N GLU A 69 -9.99 -2.16 7.86
CA GLU A 69 -8.79 -2.27 8.69
C GLU A 69 -8.46 -0.93 9.37
N LEU A 70 -8.53 0.20 8.64
CA LEU A 70 -8.32 1.53 9.23
C LEU A 70 -9.54 2.11 9.98
N ARG A 71 -10.72 1.50 9.81
CA ARG A 71 -11.97 1.86 10.50
C ARG A 71 -12.01 1.31 11.93
N ARG A 72 -11.49 0.09 12.14
CA ARG A 72 -11.28 -0.51 13.48
C ARG A 72 -10.03 0.05 14.18
N GLN A 73 -9.78 -0.37 15.43
CA GLN A 73 -8.65 0.09 16.28
C GLN A 73 -8.19 -0.93 17.33
N GLY B 1 -2.83 8.81 18.30
CA GLY B 1 -3.60 7.87 17.46
C GLY B 1 -2.88 7.62 16.15
N LEU B 2 -1.76 6.89 16.19
CA LEU B 2 -0.93 6.62 15.00
C LEU B 2 -1.58 5.59 14.04
N PRO B 3 -1.32 5.66 12.73
CA PRO B 3 -1.96 4.79 11.73
C PRO B 3 -1.26 3.42 11.56
N ASP B 4 -1.65 2.44 12.35
CA ASP B 4 -1.09 1.08 12.35
C ASP B 4 -1.23 0.35 10.99
N VAL B 5 -2.27 0.67 10.22
CA VAL B 5 -2.53 0.09 8.88
C VAL B 5 -1.72 0.80 7.80
N ALA B 6 -1.42 2.09 7.95
CA ALA B 6 -0.46 2.77 7.08
C ALA B 6 0.95 2.19 7.30
N GLN B 7 1.31 1.85 8.54
CA GLN B 7 2.53 1.08 8.81
C GLN B 7 2.49 -0.31 8.13
N ARG B 8 1.34 -0.99 8.11
CA ARG B 8 1.16 -2.27 7.38
C ARG B 8 1.40 -2.12 5.87
N LEU B 9 0.97 -1.00 5.25
CA LEU B 9 1.30 -0.66 3.86
C LEU B 9 2.80 -0.34 3.68
N MET B 10 3.41 0.44 4.59
CA MET B 10 4.86 0.76 4.58
C MET B 10 5.74 -0.51 4.67
N GLN B 11 5.28 -1.52 5.40
CA GLN B 11 5.91 -2.85 5.48
C GLN B 11 5.66 -3.71 4.23
N HIS B 12 4.52 -3.56 3.55
CA HIS B 12 4.24 -4.30 2.31
C HIS B 12 5.15 -3.86 1.15
N LEU B 13 5.35 -2.55 0.98
CA LEU B 13 6.25 -2.01 -0.04
C LEU B 13 7.70 -2.49 0.16
N ALA B 14 8.13 -2.73 1.40
CA ALA B 14 9.47 -3.22 1.74
C ALA B 14 9.74 -4.66 1.25
N GLU B 15 8.69 -5.48 1.06
CA GLU B 15 8.80 -6.84 0.50
C GLU B 15 9.34 -6.83 -0.94
N HIS B 16 8.97 -5.81 -1.72
CA HIS B 16 9.46 -5.56 -3.08
C HIS B 16 10.61 -4.54 -3.10
N GLY B 17 10.76 -3.72 -2.03
CA GLY B 17 11.82 -2.73 -1.84
C GLY B 17 11.48 -1.30 -2.29
N ILE B 18 10.20 -0.93 -2.34
CA ILE B 18 9.70 0.38 -2.84
C ILE B 18 9.71 1.45 -1.74
N GLN B 19 9.98 2.70 -2.11
CA GLN B 19 10.05 3.87 -1.21
C GLN B 19 9.03 4.97 -1.59
N PRO B 20 8.49 5.75 -0.63
CA PRO B 20 7.52 6.81 -0.90
C PRO B 20 8.15 8.10 -1.44
N ALA B 21 7.35 8.91 -2.14
CA ALA B 21 7.79 10.16 -2.74
C ALA B 21 8.17 11.22 -1.68
N ARG B 22 7.44 11.29 -0.55
CA ARG B 22 7.69 12.26 0.54
C ARG B 22 8.81 11.84 1.51
N ASN B 23 9.48 10.70 1.25
CA ASN B 23 10.66 10.22 1.99
C ASN B 23 10.47 10.15 3.54
N MET B 24 9.26 9.85 4.00
CA MET B 24 8.85 9.88 5.41
C MET B 24 9.55 8.79 6.25
N ALA B 25 10.21 9.25 7.30
CA ALA B 25 10.83 8.44 8.34
C ALA B 25 9.78 7.85 9.31
N GLU B 26 9.05 6.82 8.87
CA GLU B 26 8.05 6.12 9.69
C GLU B 26 8.75 5.27 10.79
N HIS B 27 8.61 5.70 12.06
CA HIS B 27 9.29 5.19 13.26
C HIS B 27 9.14 3.70 13.60
N ILE B 28 10.22 3.09 14.11
CA ILE B 28 10.34 1.68 14.52
C ILE B 28 11.28 1.48 15.73
N PRO B 29 11.14 0.36 16.50
CA PRO B 29 12.10 -0.07 17.52
C PRO B 29 13.45 -0.52 16.90
N PRO B 30 14.47 -0.89 17.71
CA PRO B 30 15.75 -1.39 17.20
C PRO B 30 15.64 -2.77 16.52
N ALA B 31 16.20 -2.91 15.32
CA ALA B 31 16.30 -4.14 14.52
C ALA B 31 15.05 -5.04 14.51
N PRO B 32 13.94 -4.62 13.87
CA PRO B 32 12.78 -5.48 13.63
C PRO B 32 13.14 -6.68 12.73
N ASN B 33 12.38 -7.76 12.82
CA ASN B 33 12.46 -8.89 11.88
C ASN B 33 11.77 -8.53 10.55
N TRP B 34 12.40 -7.65 9.76
CA TRP B 34 11.88 -7.12 8.50
C TRP B 34 13.02 -6.84 7.49
N PRO B 35 12.73 -6.71 6.18
CA PRO B 35 13.74 -6.35 5.19
C PRO B 35 14.04 -4.84 5.32
N ALA B 36 15.13 -4.50 6.01
CA ALA B 36 15.51 -3.13 6.35
C ALA B 36 15.75 -2.21 5.13
N PRO B 37 15.67 -0.86 5.30
CA PRO B 37 15.90 0.10 4.22
C PRO B 37 17.23 -0.16 3.51
N THR B 38 17.17 -0.35 2.20
CA THR B 38 18.33 -0.76 1.38
C THR B 38 18.27 -0.08 0.02
N PRO B 39 19.24 0.81 -0.32
CA PRO B 39 19.33 1.42 -1.64
C PRO B 39 19.57 0.42 -2.78
N PRO B 40 19.26 0.78 -4.04
CA PRO B 40 19.52 -0.04 -5.21
C PRO B 40 21.02 -0.32 -5.44
N VAL B 41 21.35 -1.53 -5.88
CA VAL B 41 22.71 -2.02 -6.13
C VAL B 41 22.74 -3.03 -7.27
N GLN B 42 23.91 -3.17 -7.91
CA GLN B 42 24.19 -4.10 -9.01
C GLN B 42 25.59 -4.72 -8.90
N ASN B 43 25.80 -5.87 -9.55
CA ASN B 43 27.14 -6.41 -9.74
C ASN B 43 27.83 -5.58 -10.85
N GLU B 44 29.06 -5.13 -10.62
CA GLU B 44 29.82 -4.24 -11.50
C GLU B 44 31.31 -4.61 -11.52
N GLN B 45 31.95 -4.45 -12.68
CA GLN B 45 33.39 -4.57 -12.89
C GLN B 45 33.84 -3.54 -13.94
N SER B 46 34.97 -2.86 -13.70
CA SER B 46 35.44 -1.78 -14.58
C SER B 46 36.01 -2.28 -15.91
N ARG B 47 36.73 -3.39 -15.89
CA ARG B 47 37.25 -4.16 -17.03
C ARG B 47 36.86 -5.63 -16.91
N PRO B 48 35.63 -6.01 -17.31
CA PRO B 48 35.17 -7.40 -17.34
C PRO B 48 35.95 -8.24 -18.37
N GLY A 1 -21.52 -22.40 -15.13
CA GLY A 1 -21.21 -21.16 -15.86
C GLY A 1 -20.18 -20.33 -15.14
N SER A 2 -20.60 -19.43 -14.24
CA SER A 2 -19.76 -18.47 -13.51
C SER A 2 -18.82 -19.06 -12.44
N HIS A 3 -18.64 -20.38 -12.42
CA HIS A 3 -17.67 -21.08 -11.58
C HIS A 3 -16.26 -20.47 -11.73
N MET A 4 -15.51 -20.40 -10.63
CA MET A 4 -14.20 -19.72 -10.52
C MET A 4 -14.22 -18.19 -10.70
N SER A 5 -15.39 -17.54 -10.85
CA SER A 5 -15.53 -16.07 -10.80
C SER A 5 -15.50 -15.54 -9.35
N ASN A 6 -14.53 -16.01 -8.57
CA ASN A 6 -14.40 -15.77 -7.13
C ASN A 6 -13.45 -14.60 -6.83
N PHE A 7 -13.82 -13.39 -7.27
CA PHE A 7 -13.03 -12.16 -7.10
C PHE A 7 -13.58 -11.23 -6.00
N GLN A 8 -14.40 -11.74 -5.07
CA GLN A 8 -15.05 -10.94 -4.02
C GLN A 8 -14.06 -10.28 -3.05
N HIS A 9 -12.91 -10.91 -2.82
CA HIS A 9 -11.81 -10.40 -2.01
C HIS A 9 -10.71 -9.71 -2.85
N ILE A 10 -11.00 -9.38 -4.12
CA ILE A 10 -10.16 -8.54 -4.98
C ILE A 10 -10.68 -7.11 -4.98
N GLY A 11 -9.79 -6.14 -4.76
CA GLY A 11 -10.14 -4.73 -4.61
C GLY A 11 -10.58 -4.03 -5.89
N HIS A 12 -11.86 -3.69 -5.97
CA HIS A 12 -12.43 -2.94 -7.09
C HIS A 12 -11.94 -1.48 -7.12
N VAL A 13 -11.30 -1.08 -8.21
CA VAL A 13 -10.69 0.23 -8.48
C VAL A 13 -10.21 0.27 -9.95
N GLY A 14 -10.11 1.44 -10.56
CA GLY A 14 -9.61 1.63 -11.94
C GLY A 14 -8.10 1.44 -12.12
N TRP A 15 -7.49 0.42 -11.51
CA TRP A 15 -6.10 0.04 -11.78
C TRP A 15 -5.98 -0.84 -13.03
N ASP A 16 -4.92 -0.61 -13.83
CA ASP A 16 -4.56 -1.42 -14.99
C ASP A 16 -3.03 -1.56 -15.13
N PRO A 17 -2.51 -2.74 -15.55
CA PRO A 17 -1.07 -2.99 -15.67
C PRO A 17 -0.36 -2.11 -16.73
N ASN A 18 -1.13 -1.38 -17.54
CA ASN A 18 -0.68 -0.51 -18.63
C ASN A 18 -0.23 0.88 -18.16
N THR A 19 -0.88 1.42 -17.13
CA THR A 19 -0.66 2.81 -16.65
C THR A 19 -0.97 3.01 -15.15
N GLY A 20 -1.29 1.94 -14.42
CA GLY A 20 -1.51 1.98 -12.99
C GLY A 20 -2.90 2.44 -12.60
N PHE A 21 -3.01 3.12 -11.46
CA PHE A 21 -4.29 3.59 -10.91
C PHE A 21 -4.91 4.75 -11.72
N ASP A 22 -6.20 4.70 -12.00
CA ASP A 22 -6.95 5.85 -12.54
C ASP A 22 -7.29 6.82 -11.41
N LEU A 23 -6.65 7.99 -11.42
CA LEU A 23 -6.84 9.02 -10.39
C LEU A 23 -8.30 9.51 -10.29
N ASN A 24 -9.07 9.40 -11.37
CA ASN A 24 -10.46 9.84 -11.41
C ASN A 24 -11.42 8.91 -10.65
N ASN A 25 -11.08 7.61 -10.52
CA ASN A 25 -11.90 6.58 -9.87
C ASN A 25 -11.33 6.10 -8.52
N LEU A 26 -10.18 6.64 -8.08
CA LEU A 26 -9.52 6.25 -6.83
C LEU A 26 -10.39 6.51 -5.58
N ASP A 27 -10.49 5.53 -4.69
CA ASP A 27 -11.32 5.58 -3.47
C ASP A 27 -10.72 6.53 -2.41
N PRO A 28 -11.53 7.35 -1.74
CA PRO A 28 -11.05 8.36 -0.80
C PRO A 28 -10.65 7.73 0.56
N GLU A 29 -11.24 6.60 0.93
CA GLU A 29 -10.86 5.85 2.13
C GLU A 29 -9.57 5.05 1.87
N LEU A 30 -9.40 4.45 0.68
CA LEU A 30 -8.10 3.85 0.32
C LEU A 30 -6.99 4.92 0.22
N LYS A 31 -7.33 6.14 -0.24
CA LYS A 31 -6.38 7.26 -0.34
C LYS A 31 -5.75 7.63 1.01
N ASN A 32 -6.48 7.45 2.12
CA ASN A 32 -5.98 7.75 3.47
C ASN A 32 -4.66 7.04 3.77
N LEU A 33 -4.57 5.74 3.44
CA LEU A 33 -3.36 4.95 3.65
C LEU A 33 -2.22 5.36 2.72
N PHE A 34 -2.54 5.68 1.46
CA PHE A 34 -1.54 6.10 0.47
C PHE A 34 -0.87 7.41 0.89
N ASP A 35 -1.69 8.32 1.39
CA ASP A 35 -1.28 9.67 1.80
C ASP A 35 -0.62 9.67 3.18
N MET A 36 -1.06 8.84 4.13
CA MET A 36 -0.36 8.64 5.41
C MET A 36 1.05 8.07 5.23
N CYS A 37 1.27 7.29 4.16
CA CYS A 37 2.60 6.82 3.76
C CYS A 37 3.41 7.85 2.96
N GLY A 38 2.77 8.87 2.37
CA GLY A 38 3.43 9.90 1.57
C GLY A 38 3.62 9.54 0.09
N ILE A 39 2.68 8.79 -0.49
CA ILE A 39 2.73 8.37 -1.90
C ILE A 39 2.10 9.47 -2.78
N SER A 40 2.83 9.95 -3.79
CA SER A 40 2.29 10.89 -4.77
C SER A 40 1.54 10.16 -5.87
N GLU A 41 0.65 10.87 -6.55
CA GLU A 41 -0.06 10.41 -7.76
C GLU A 41 0.92 9.92 -8.84
N ALA A 42 2.10 10.52 -8.95
CA ALA A 42 3.18 10.08 -9.83
C ALA A 42 3.62 8.62 -9.58
N GLN A 43 3.63 8.18 -8.32
CA GLN A 43 3.93 6.79 -7.97
C GLN A 43 2.76 5.85 -8.33
N LEU A 44 1.52 6.37 -8.27
CA LEU A 44 0.30 5.62 -8.59
C LEU A 44 0.10 5.43 -10.10
N LYS A 45 0.67 6.31 -10.94
CA LYS A 45 0.75 6.17 -12.41
C LYS A 45 1.93 5.35 -12.92
N ASP A 46 2.95 5.09 -12.11
CA ASP A 46 4.05 4.22 -12.53
C ASP A 46 3.55 2.77 -12.59
N ARG A 47 3.77 2.07 -13.70
CA ARG A 47 3.36 0.66 -13.84
C ARG A 47 3.96 -0.20 -12.74
N GLU A 48 5.28 -0.19 -12.60
CA GLU A 48 6.01 -1.06 -11.67
C GLU A 48 5.71 -0.74 -10.21
N THR A 49 5.72 0.54 -9.83
CA THR A 49 5.41 0.98 -8.45
C THR A 49 3.96 0.66 -8.09
N SER A 50 2.99 1.04 -8.92
CA SER A 50 1.56 0.80 -8.62
C SER A 50 1.20 -0.69 -8.57
N LYS A 51 1.87 -1.54 -9.37
CA LYS A 51 1.80 -3.01 -9.34
C LYS A 51 2.26 -3.60 -7.99
N VAL A 52 3.17 -2.94 -7.26
CA VAL A 52 3.51 -3.34 -5.89
C VAL A 52 2.49 -2.78 -4.88
N ILE A 53 2.03 -1.53 -5.08
CA ILE A 53 1.05 -0.90 -4.17
C ILE A 53 -0.28 -1.66 -4.16
N TYR A 54 -0.87 -1.94 -5.33
CA TYR A 54 -2.17 -2.60 -5.43
C TYR A 54 -2.17 -4.00 -4.80
N ASP A 55 -1.03 -4.71 -4.87
CA ASP A 55 -0.84 -6.02 -4.27
C ASP A 55 -1.19 -6.05 -2.77
N PHE A 56 -0.94 -4.94 -2.06
CA PHE A 56 -1.22 -4.82 -0.62
C PHE A 56 -2.73 -4.83 -0.32
N ILE A 57 -3.52 -4.24 -1.22
CA ILE A 57 -4.97 -4.12 -1.09
C ILE A 57 -5.63 -5.47 -1.33
N GLU A 58 -5.41 -6.09 -2.49
CA GLU A 58 -5.92 -7.43 -2.76
C GLU A 58 -5.43 -8.48 -1.73
N LYS A 59 -4.23 -8.28 -1.15
CA LYS A 59 -3.65 -9.13 -0.08
C LYS A 59 -4.50 -9.19 1.18
N THR A 60 -4.90 -8.07 1.77
CA THR A 60 -5.80 -8.08 2.95
C THR A 60 -7.22 -8.56 2.60
N GLY A 61 -7.60 -8.47 1.31
CA GLY A 61 -8.92 -8.86 0.81
C GLY A 61 -9.65 -7.76 0.03
N GLY A 62 -8.93 -6.93 -0.72
CA GLY A 62 -9.49 -5.84 -1.53
C GLY A 62 -9.71 -4.53 -0.77
N VAL A 63 -10.41 -3.59 -1.40
CA VAL A 63 -10.60 -2.24 -0.85
C VAL A 63 -11.48 -2.29 0.39
N GLU A 64 -12.52 -3.12 0.38
CA GLU A 64 -13.45 -3.28 1.51
C GLU A 64 -12.75 -3.81 2.77
N ALA A 65 -11.63 -4.51 2.61
CA ALA A 65 -10.79 -4.95 3.71
C ALA A 65 -10.00 -3.79 4.32
N VAL A 66 -9.16 -3.08 3.54
CA VAL A 66 -8.39 -1.93 4.06
C VAL A 66 -9.30 -0.86 4.67
N LYS A 67 -10.46 -0.62 4.06
CA LYS A 67 -11.50 0.31 4.57
C LYS A 67 -12.07 -0.08 5.93
N ASN A 68 -12.00 -1.36 6.32
CA ASN A 68 -12.28 -1.85 7.67
C ASN A 68 -11.02 -1.89 8.56
N GLU A 69 -9.85 -2.24 8.03
CA GLU A 69 -8.58 -2.32 8.79
C GLU A 69 -8.28 -0.98 9.46
N LEU A 70 -8.36 0.13 8.71
CA LEU A 70 -8.09 1.48 9.23
C LEU A 70 -9.25 2.09 10.04
N ARG A 71 -10.41 1.41 10.11
CA ARG A 71 -11.59 1.84 10.89
C ARG A 71 -11.50 1.47 12.37
N ARG A 72 -10.66 0.48 12.71
CA ARG A 72 -10.46 -0.05 14.07
C ARG A 72 -9.83 0.97 15.02
N GLN A 73 -10.22 0.91 16.30
CA GLN A 73 -9.84 1.86 17.36
C GLN A 73 -10.07 1.31 18.77
N GLY B 1 -4.52 7.19 17.27
CA GLY B 1 -4.81 6.43 16.05
C GLY B 1 -3.67 5.49 15.76
N LEU B 2 -3.94 4.18 15.77
CA LEU B 2 -2.94 3.12 15.60
C LEU B 2 -2.44 3.03 14.14
N PRO B 3 -1.15 3.30 13.84
CA PRO B 3 -0.60 3.26 12.48
C PRO B 3 -0.37 1.83 11.91
N ASP B 4 -0.97 0.79 12.50
CA ASP B 4 -0.74 -0.61 12.14
C ASP B 4 -1.02 -0.96 10.66
N VAL B 5 -1.96 -0.26 10.01
CA VAL B 5 -2.31 -0.48 8.60
C VAL B 5 -1.34 0.26 7.68
N ALA B 6 -0.94 1.48 8.06
CA ALA B 6 0.05 2.27 7.31
C ALA B 6 1.45 1.63 7.37
N GLN B 7 1.88 1.19 8.56
CA GLN B 7 3.16 0.48 8.72
C GLN B 7 3.16 -0.87 7.99
N ARG B 8 2.02 -1.57 7.91
CA ARG B 8 1.85 -2.77 7.06
C ARG B 8 1.97 -2.44 5.57
N LEU B 9 1.43 -1.31 5.09
CA LEU B 9 1.61 -0.84 3.70
C LEU B 9 3.10 -0.66 3.40
N MET B 10 3.85 0.03 4.27
CA MET B 10 5.31 0.19 4.11
C MET B 10 6.08 -1.15 4.14
N GLN B 11 5.81 -2.05 5.08
CA GLN B 11 6.45 -3.38 5.10
C GLN B 11 6.12 -4.24 3.86
N HIS B 12 4.94 -4.04 3.25
CA HIS B 12 4.60 -4.73 1.99
C HIS B 12 5.44 -4.22 0.81
N LEU B 13 5.60 -2.90 0.69
CA LEU B 13 6.45 -2.27 -0.33
C LEU B 13 7.94 -2.55 -0.11
N ALA B 14 8.36 -2.85 1.12
CA ALA B 14 9.73 -3.24 1.46
C ALA B 14 10.16 -4.56 0.80
N GLU B 15 9.21 -5.44 0.48
CA GLU B 15 9.45 -6.69 -0.28
C GLU B 15 10.03 -6.43 -1.68
N HIS B 16 9.70 -5.28 -2.28
CA HIS B 16 10.26 -4.81 -3.55
C HIS B 16 11.22 -3.62 -3.36
N GLY B 17 11.35 -3.11 -2.14
CA GLY B 17 12.27 -2.04 -1.74
C GLY B 17 11.86 -0.62 -2.14
N ILE B 18 10.56 -0.34 -2.31
CA ILE B 18 10.10 0.99 -2.77
C ILE B 18 10.25 2.03 -1.62
N GLN B 19 10.15 3.33 -1.91
CA GLN B 19 10.06 4.38 -0.91
C GLN B 19 9.07 5.49 -1.31
N PRO B 20 8.42 6.18 -0.35
CA PRO B 20 7.38 7.16 -0.63
C PRO B 20 7.91 8.52 -1.12
N ALA B 21 7.06 9.23 -1.87
CA ALA B 21 7.39 10.50 -2.52
C ALA B 21 7.60 11.67 -1.54
N ARG B 22 6.97 11.66 -0.36
CA ARG B 22 7.14 12.69 0.68
C ARG B 22 8.41 12.49 1.54
N ASN B 23 9.21 11.48 1.25
CA ASN B 23 10.55 11.23 1.80
C ASN B 23 10.65 10.94 3.32
N MET B 24 9.54 10.60 4.00
CA MET B 24 9.46 10.31 5.44
C MET B 24 8.69 8.99 5.69
N ALA B 25 8.48 8.64 6.96
CA ALA B 25 7.77 7.43 7.43
C ALA B 25 8.33 6.11 6.87
N GLU B 26 9.58 6.10 6.40
CA GLU B 26 10.22 4.98 5.71
C GLU B 26 10.64 3.85 6.67
N HIS B 27 10.38 2.60 6.26
CA HIS B 27 10.66 1.38 7.02
C HIS B 27 12.15 1.05 7.14
N ILE B 28 12.92 1.27 6.06
CA ILE B 28 14.34 0.94 5.87
C ILE B 28 14.62 -0.58 6.02
N PRO B 29 14.88 -1.34 4.92
CA PRO B 29 15.03 -2.80 4.96
C PRO B 29 16.30 -3.28 5.72
N PRO B 30 16.29 -4.45 6.38
CA PRO B 30 17.43 -5.01 7.09
C PRO B 30 18.47 -5.66 6.15
N ALA B 31 19.76 -5.36 6.38
CA ALA B 31 20.91 -5.86 5.61
C ALA B 31 20.74 -5.86 4.07
N PRO B 32 20.42 -4.72 3.43
CA PRO B 32 20.13 -4.64 2.00
C PRO B 32 21.37 -4.81 1.11
N ASN B 33 21.18 -5.47 -0.03
CA ASN B 33 22.17 -5.67 -1.09
C ASN B 33 21.46 -6.07 -2.41
N TRP B 34 21.87 -5.46 -3.53
CA TRP B 34 21.21 -5.65 -4.83
C TRP B 34 21.67 -6.93 -5.57
N PRO B 35 20.74 -7.77 -6.07
CA PRO B 35 21.06 -8.89 -6.96
C PRO B 35 21.34 -8.41 -8.39
N ALA B 36 22.11 -9.17 -9.17
CA ALA B 36 22.52 -8.83 -10.53
C ALA B 36 21.34 -8.78 -11.53
N PRO B 37 21.41 -7.95 -12.59
CA PRO B 37 20.42 -7.88 -13.66
C PRO B 37 20.55 -9.06 -14.65
N THR B 38 20.45 -10.29 -14.14
CA THR B 38 20.44 -11.56 -14.90
C THR B 38 19.57 -12.59 -14.14
N PRO B 39 18.62 -13.29 -14.80
CA PRO B 39 17.69 -14.19 -14.12
C PRO B 39 18.32 -15.52 -13.66
N PRO B 40 17.75 -16.22 -12.66
CA PRO B 40 18.11 -17.59 -12.27
C PRO B 40 17.71 -18.70 -13.28
N VAL B 41 17.80 -18.40 -14.57
CA VAL B 41 17.54 -19.31 -15.71
C VAL B 41 18.53 -18.96 -16.83
N GLN B 42 19.25 -19.96 -17.37
CA GLN B 42 20.27 -19.74 -18.40
C GLN B 42 19.67 -19.19 -19.71
N ASN B 43 20.31 -18.16 -20.28
CA ASN B 43 19.88 -17.41 -21.46
C ASN B 43 21.09 -16.96 -22.29
N GLU B 44 20.94 -16.87 -23.62
CA GLU B 44 22.02 -16.59 -24.59
C GLU B 44 21.69 -15.44 -25.55
N GLN B 45 21.62 -14.20 -25.06
CA GLN B 45 21.53 -13.00 -25.92
C GLN B 45 22.82 -12.81 -26.75
N SER B 46 23.98 -13.03 -26.15
CA SER B 46 25.30 -12.93 -26.80
C SER B 46 25.64 -14.15 -27.67
N ARG B 47 26.49 -13.89 -28.68
CA ARG B 47 27.04 -14.85 -29.64
C ARG B 47 25.96 -15.77 -30.28
N PRO B 48 25.04 -15.21 -31.10
CA PRO B 48 23.98 -15.93 -31.79
C PRO B 48 24.47 -17.12 -32.61
N GLY A 1 -13.23 -17.90 -25.60
CA GLY A 1 -12.72 -17.04 -24.52
C GLY A 1 -12.84 -17.75 -23.19
N SER A 2 -13.37 -17.05 -22.18
CA SER A 2 -13.68 -17.58 -20.84
C SER A 2 -12.48 -18.13 -20.05
N HIS A 3 -11.25 -17.75 -20.44
CA HIS A 3 -10.01 -18.23 -19.83
C HIS A 3 -9.59 -17.50 -18.55
N MET A 4 -10.19 -16.33 -18.27
CA MET A 4 -9.98 -15.58 -17.03
C MET A 4 -10.70 -16.22 -15.84
N SER A 5 -10.02 -16.38 -14.71
CA SER A 5 -10.60 -16.92 -13.46
C SER A 5 -11.65 -16.00 -12.83
N ASN A 6 -12.35 -16.49 -11.80
CA ASN A 6 -13.30 -15.70 -11.02
C ASN A 6 -12.62 -14.63 -10.12
N PHE A 7 -13.43 -13.80 -9.47
CA PHE A 7 -13.02 -12.83 -8.45
C PHE A 7 -14.08 -12.71 -7.34
N GLN A 8 -13.63 -12.71 -6.07
CA GLN A 8 -14.48 -12.72 -4.88
C GLN A 8 -13.92 -11.89 -3.71
N HIS A 9 -12.58 -11.81 -3.61
CA HIS A 9 -11.84 -11.10 -2.57
C HIS A 9 -10.81 -10.13 -3.19
N ILE A 10 -11.16 -9.53 -4.33
CA ILE A 10 -10.31 -8.66 -5.16
C ILE A 10 -10.73 -7.19 -5.02
N GLY A 11 -9.78 -6.26 -5.04
CA GLY A 11 -10.04 -4.82 -5.06
C GLY A 11 -10.72 -4.32 -6.33
N HIS A 12 -11.99 -3.92 -6.21
CA HIS A 12 -12.74 -3.22 -7.26
C HIS A 12 -12.22 -1.78 -7.43
N VAL A 13 -11.38 -1.56 -8.44
CA VAL A 13 -10.74 -0.27 -8.75
C VAL A 13 -10.25 -0.27 -10.21
N GLY A 14 -10.17 0.89 -10.85
CA GLY A 14 -9.64 1.09 -12.21
C GLY A 14 -8.11 0.98 -12.35
N TRP A 15 -7.48 0.02 -11.66
CA TRP A 15 -6.05 -0.28 -11.83
C TRP A 15 -5.79 -1.12 -13.09
N ASP A 16 -4.66 -0.90 -13.76
CA ASP A 16 -4.20 -1.71 -14.90
C ASP A 16 -2.66 -1.83 -14.94
N PRO A 17 -2.11 -2.96 -15.40
CA PRO A 17 -0.67 -3.17 -15.63
C PRO A 17 -0.10 -2.33 -16.81
N ASN A 18 -0.94 -1.48 -17.40
CA ASN A 18 -0.66 -0.53 -18.47
C ASN A 18 -0.40 0.91 -17.99
N THR A 19 -0.95 1.31 -16.83
CA THR A 19 -0.86 2.70 -16.34
C THR A 19 -0.94 2.86 -14.81
N GLY A 20 -1.22 1.79 -14.07
CA GLY A 20 -1.43 1.84 -12.62
C GLY A 20 -2.85 2.26 -12.25
N PHE A 21 -3.01 3.03 -11.18
CA PHE A 21 -4.31 3.44 -10.62
C PHE A 21 -5.01 4.55 -11.42
N ASP A 22 -6.28 4.38 -11.77
CA ASP A 22 -7.10 5.48 -12.30
C ASP A 22 -7.61 6.38 -11.16
N LEU A 23 -7.11 7.61 -11.09
CA LEU A 23 -7.45 8.60 -10.06
C LEU A 23 -8.95 8.93 -10.01
N ASN A 24 -9.63 8.86 -11.16
CA ASN A 24 -11.06 9.17 -11.31
C ASN A 24 -11.98 8.16 -10.61
N ASN A 25 -11.45 6.96 -10.31
CA ASN A 25 -12.17 5.83 -9.74
C ASN A 25 -11.60 5.37 -8.38
N LEU A 26 -10.52 5.99 -7.90
CA LEU A 26 -9.86 5.64 -6.64
C LEU A 26 -10.73 5.97 -5.40
N ASP A 27 -10.66 5.12 -4.37
CA ASP A 27 -11.43 5.24 -3.13
C ASP A 27 -10.78 6.22 -2.11
N PRO A 28 -11.56 7.07 -1.42
CA PRO A 28 -11.04 8.07 -0.50
C PRO A 28 -10.56 7.50 0.83
N GLU A 29 -11.12 6.37 1.29
CA GLU A 29 -10.59 5.65 2.46
C GLU A 29 -9.32 4.89 2.09
N LEU A 30 -9.23 4.24 0.91
CA LEU A 30 -7.94 3.69 0.46
C LEU A 30 -6.87 4.78 0.28
N LYS A 31 -7.25 5.99 -0.16
CA LYS A 31 -6.34 7.14 -0.31
C LYS A 31 -5.69 7.59 1.01
N ASN A 32 -6.39 7.46 2.14
CA ASN A 32 -5.86 7.83 3.47
C ASN A 32 -4.49 7.18 3.74
N LEU A 33 -4.39 5.88 3.46
CA LEU A 33 -3.17 5.12 3.70
C LEU A 33 -2.04 5.55 2.76
N PHE A 34 -2.38 5.77 1.49
CA PHE A 34 -1.42 6.18 0.46
C PHE A 34 -0.76 7.51 0.84
N ASP A 35 -1.58 8.44 1.32
CA ASP A 35 -1.14 9.79 1.69
C ASP A 35 -0.36 9.82 3.01
N MET A 36 -0.82 9.12 4.05
CA MET A 36 -0.08 9.03 5.33
C MET A 36 1.31 8.41 5.15
N CYS A 37 1.46 7.49 4.20
CA CYS A 37 2.75 6.92 3.80
C CYS A 37 3.63 7.87 2.95
N GLY A 38 3.07 8.91 2.32
CA GLY A 38 3.81 9.87 1.50
C GLY A 38 3.86 9.51 0.01
N ILE A 39 2.92 8.71 -0.48
CA ILE A 39 2.83 8.31 -1.90
C ILE A 39 2.08 9.40 -2.69
N SER A 40 2.65 9.84 -3.80
CA SER A 40 2.09 10.90 -4.67
C SER A 40 1.48 10.33 -5.96
N GLU A 41 0.62 11.08 -6.65
CA GLU A 41 -0.11 10.65 -7.88
C GLU A 41 0.86 10.12 -8.96
N ALA A 42 2.07 10.69 -9.06
CA ALA A 42 3.13 10.20 -9.94
C ALA A 42 3.48 8.72 -9.71
N GLN A 43 3.55 8.27 -8.45
CA GLN A 43 3.78 6.87 -8.10
C GLN A 43 2.57 5.99 -8.48
N LEU A 44 1.36 6.55 -8.34
CA LEU A 44 0.08 5.90 -8.66
C LEU A 44 -0.14 5.74 -10.17
N LYS A 45 0.58 6.51 -11.01
CA LYS A 45 0.63 6.36 -12.48
C LYS A 45 1.89 5.65 -13.01
N ASP A 46 2.74 5.14 -12.12
CA ASP A 46 3.87 4.27 -12.48
C ASP A 46 3.43 2.80 -12.42
N ARG A 47 3.58 2.05 -13.51
CA ARG A 47 3.22 0.62 -13.56
C ARG A 47 3.92 -0.21 -12.49
N GLU A 48 5.26 -0.16 -12.46
CA GLU A 48 6.07 -1.02 -11.58
C GLU A 48 5.83 -0.73 -10.09
N THR A 49 5.80 0.54 -9.71
CA THR A 49 5.47 0.97 -8.34
C THR A 49 4.03 0.61 -7.98
N SER A 50 3.04 0.99 -8.80
CA SER A 50 1.63 0.73 -8.51
C SER A 50 1.26 -0.75 -8.44
N LYS A 51 1.95 -1.61 -9.20
CA LYS A 51 1.86 -3.08 -9.11
C LYS A 51 2.21 -3.60 -7.70
N VAL A 52 3.18 -2.99 -7.02
CA VAL A 52 3.51 -3.33 -5.62
C VAL A 52 2.50 -2.75 -4.64
N ILE A 53 2.04 -1.52 -4.86
CA ILE A 53 1.06 -0.87 -3.98
C ILE A 53 -0.28 -1.64 -3.99
N TYR A 54 -0.82 -1.94 -5.17
CA TYR A 54 -2.10 -2.64 -5.30
C TYR A 54 -2.07 -4.05 -4.68
N ASP A 55 -0.90 -4.72 -4.70
CA ASP A 55 -0.69 -6.03 -4.08
C ASP A 55 -1.14 -6.07 -2.61
N PHE A 56 -1.02 -4.94 -1.88
CA PHE A 56 -1.41 -4.85 -0.48
C PHE A 56 -2.94 -4.91 -0.29
N ILE A 57 -3.68 -4.28 -1.20
CA ILE A 57 -5.14 -4.22 -1.13
C ILE A 57 -5.76 -5.59 -1.44
N GLU A 58 -5.41 -6.19 -2.57
CA GLU A 58 -5.89 -7.55 -2.88
C GLU A 58 -5.42 -8.57 -1.83
N LYS A 59 -4.24 -8.41 -1.21
CA LYS A 59 -3.72 -9.31 -0.14
C LYS A 59 -4.68 -9.43 1.03
N THR A 60 -5.06 -8.30 1.64
CA THR A 60 -5.98 -8.33 2.80
C THR A 60 -7.40 -8.76 2.43
N GLY A 61 -7.75 -8.73 1.14
CA GLY A 61 -9.08 -9.12 0.65
C GLY A 61 -9.83 -8.03 -0.13
N GLY A 62 -9.13 -7.24 -0.97
CA GLY A 62 -9.71 -6.13 -1.71
C GLY A 62 -9.90 -4.84 -0.90
N VAL A 63 -10.57 -3.84 -1.50
CA VAL A 63 -10.72 -2.50 -0.90
C VAL A 63 -11.58 -2.53 0.36
N GLU A 64 -12.62 -3.37 0.39
CA GLU A 64 -13.53 -3.51 1.53
C GLU A 64 -12.79 -3.90 2.81
N ALA A 65 -11.69 -4.66 2.66
CA ALA A 65 -10.85 -5.09 3.76
C ALA A 65 -10.01 -3.93 4.34
N VAL A 66 -9.25 -3.21 3.51
CA VAL A 66 -8.44 -2.04 3.97
C VAL A 66 -9.32 -0.92 4.50
N LYS A 67 -10.47 -0.65 3.86
CA LYS A 67 -11.48 0.34 4.30
C LYS A 67 -11.94 0.09 5.74
N ASN A 68 -11.93 -1.17 6.19
CA ASN A 68 -12.24 -1.59 7.55
C ASN A 68 -11.00 -1.65 8.47
N GLU A 69 -9.82 -2.04 7.96
CA GLU A 69 -8.62 -2.19 8.79
C GLU A 69 -8.13 -0.83 9.32
N LEU A 70 -8.12 0.21 8.50
CA LEU A 70 -7.66 1.56 8.89
C LEU A 70 -8.68 2.34 9.75
N ARG A 71 -9.96 1.93 9.71
CA ARG A 71 -11.06 2.51 10.48
C ARG A 71 -11.01 2.16 11.98
N ARG A 72 -10.26 1.11 12.34
CA ARG A 72 -9.99 0.69 13.71
C ARG A 72 -9.48 1.88 14.54
N GLN A 73 -10.19 2.21 15.62
CA GLN A 73 -9.81 3.30 16.52
C GLN A 73 -8.61 2.91 17.39
N GLY B 1 -0.30 11.92 11.54
CA GLY B 1 -0.53 10.57 12.05
C GLY B 1 0.20 9.52 11.21
N LEU B 2 0.51 8.36 11.81
CA LEU B 2 1.04 7.17 11.13
C LEU B 2 0.51 5.86 11.80
N PRO B 3 -0.73 5.45 11.49
CA PRO B 3 -1.37 4.27 12.09
C PRO B 3 -0.73 2.95 11.63
N ASP B 4 -1.01 1.88 12.36
CA ASP B 4 -0.41 0.55 12.14
C ASP B 4 -0.70 -0.04 10.74
N VAL B 5 -1.84 0.28 10.13
CA VAL B 5 -2.19 -0.08 8.75
C VAL B 5 -1.36 0.68 7.71
N ALA B 6 -0.95 1.93 7.98
CA ALA B 6 -0.02 2.67 7.13
C ALA B 6 1.41 2.10 7.26
N GLN B 7 1.83 1.75 8.47
CA GLN B 7 3.09 1.03 8.69
C GLN B 7 3.09 -0.33 7.96
N ARG B 8 1.97 -1.07 7.97
CA ARG B 8 1.77 -2.30 7.17
C ARG B 8 1.89 -2.07 5.66
N LEU B 9 1.34 -0.98 5.11
CA LEU B 9 1.52 -0.61 3.69
C LEU B 9 3.01 -0.36 3.35
N MET B 10 3.75 0.35 4.22
CA MET B 10 5.20 0.55 4.04
C MET B 10 5.99 -0.77 4.09
N GLN B 11 5.75 -1.62 5.08
CA GLN B 11 6.38 -2.93 5.18
C GLN B 11 5.99 -3.88 4.02
N HIS B 12 4.84 -3.67 3.38
CA HIS B 12 4.46 -4.41 2.16
C HIS B 12 5.28 -4.00 0.93
N LEU B 13 5.62 -2.71 0.80
CA LEU B 13 6.50 -2.19 -0.26
C LEU B 13 7.96 -2.63 -0.07
N ALA B 14 8.37 -2.89 1.18
CA ALA B 14 9.71 -3.40 1.55
C ALA B 14 9.98 -4.84 1.06
N GLU B 15 8.96 -5.57 0.64
CA GLU B 15 9.08 -6.89 -0.02
C GLU B 15 9.62 -6.77 -1.46
N HIS B 16 9.52 -5.58 -2.06
CA HIS B 16 10.06 -5.25 -3.38
C HIS B 16 11.14 -4.15 -3.34
N GLY B 17 11.28 -3.47 -2.19
CA GLY B 17 12.16 -2.32 -1.99
C GLY B 17 11.61 -1.00 -2.52
N ILE B 18 10.27 -0.86 -2.61
CA ILE B 18 9.61 0.36 -3.10
C ILE B 18 9.49 1.38 -1.95
N GLN B 19 9.44 2.67 -2.28
CA GLN B 19 9.46 3.78 -1.31
C GLN B 19 8.42 4.88 -1.65
N PRO B 20 8.03 5.71 -0.66
CA PRO B 20 7.14 6.85 -0.89
C PRO B 20 7.87 8.05 -1.48
N ALA B 21 7.12 8.98 -2.08
CA ALA B 21 7.64 10.23 -2.63
C ALA B 21 8.21 11.15 -1.53
N ARG B 22 7.54 11.22 -0.37
CA ARG B 22 7.96 12.06 0.77
C ARG B 22 9.14 11.48 1.58
N ASN B 23 9.49 10.21 1.35
CA ASN B 23 10.59 9.47 2.00
C ASN B 23 10.55 9.36 3.54
N MET B 24 9.47 9.81 4.21
CA MET B 24 9.24 9.67 5.66
C MET B 24 8.55 8.33 5.98
N ALA B 25 7.56 8.32 6.87
CA ALA B 25 6.73 7.17 7.25
C ALA B 25 7.56 6.01 7.83
N GLU B 26 8.39 6.33 8.81
CA GLU B 26 9.22 5.36 9.53
C GLU B 26 8.38 4.44 10.42
N HIS B 27 8.58 3.12 10.34
CA HIS B 27 7.91 2.11 11.18
C HIS B 27 8.23 2.35 12.66
N ILE B 28 7.31 2.05 13.57
CA ILE B 28 7.52 2.22 15.02
C ILE B 28 7.89 0.87 15.66
N PRO B 29 9.07 0.74 16.32
CA PRO B 29 9.51 -0.51 16.92
C PRO B 29 8.73 -0.86 18.21
N PRO B 30 8.41 -2.15 18.45
CA PRO B 30 7.75 -2.60 19.67
C PRO B 30 8.65 -2.44 20.91
N ALA B 31 8.01 -2.16 22.06
CA ALA B 31 8.64 -2.02 23.36
C ALA B 31 9.05 -3.39 23.99
N PRO B 32 9.87 -3.38 25.07
CA PRO B 32 10.14 -4.58 25.88
C PRO B 32 8.93 -5.12 26.66
N ASN B 33 7.82 -4.36 26.75
CA ASN B 33 6.61 -4.66 27.53
C ASN B 33 6.92 -4.99 29.00
N TRP B 34 7.56 -4.05 29.68
CA TRP B 34 7.97 -4.15 31.08
C TRP B 34 6.76 -4.03 32.05
N PRO B 35 6.71 -4.76 33.18
CA PRO B 35 5.63 -4.65 34.16
C PRO B 35 5.48 -3.22 34.73
N ALA B 36 4.23 -2.80 34.99
CA ALA B 36 3.91 -1.48 35.51
C ALA B 36 2.67 -1.49 36.44
N PRO B 37 2.52 -0.51 37.37
CA PRO B 37 1.39 -0.40 38.31
C PRO B 37 0.02 -0.21 37.62
N THR B 38 -1.05 -0.37 38.40
CA THR B 38 -2.45 -0.25 37.96
C THR B 38 -3.33 0.48 39.00
N PRO B 39 -4.34 1.25 38.57
CA PRO B 39 -5.32 1.88 39.44
C PRO B 39 -6.22 0.85 40.15
N PRO B 40 -6.90 1.21 41.26
CA PRO B 40 -7.72 0.29 42.03
C PRO B 40 -8.86 -0.37 41.23
N VAL B 41 -9.32 -1.52 41.70
CA VAL B 41 -10.31 -2.41 41.07
C VAL B 41 -9.90 -2.77 39.64
N GLN B 42 -8.97 -3.73 39.52
CA GLN B 42 -8.47 -4.28 38.25
C GLN B 42 -9.50 -5.17 37.52
N ASN B 43 -10.39 -5.86 38.27
CA ASN B 43 -11.42 -6.75 37.71
C ASN B 43 -12.39 -6.02 36.75
N GLU B 44 -12.77 -6.68 35.65
CA GLU B 44 -13.63 -6.09 34.61
C GLU B 44 -14.63 -7.12 34.04
N GLN B 45 -15.80 -7.24 34.68
CA GLN B 45 -16.85 -8.22 34.37
C GLN B 45 -18.23 -7.57 34.15
N SER B 46 -19.12 -8.26 33.41
CA SER B 46 -20.52 -7.84 33.25
C SER B 46 -21.31 -7.82 34.57
N ARG B 47 -20.98 -8.73 35.50
CA ARG B 47 -21.63 -8.99 36.80
C ARG B 47 -20.60 -9.48 37.85
N PRO B 48 -20.86 -9.34 39.16
CA PRO B 48 -19.98 -9.84 40.23
C PRO B 48 -19.93 -11.38 40.35
N GLY A 1 -30.29 -16.22 0.38
CA GLY A 1 -29.76 -16.61 -0.94
C GLY A 1 -28.35 -17.18 -0.84
N SER A 2 -27.74 -17.48 -1.99
CA SER A 2 -26.40 -18.07 -2.12
C SER A 2 -25.58 -17.44 -3.26
N HIS A 3 -24.25 -17.53 -3.20
CA HIS A 3 -23.31 -16.85 -4.12
C HIS A 3 -21.93 -17.52 -4.25
N MET A 4 -21.17 -17.11 -5.28
CA MET A 4 -19.84 -17.63 -5.63
C MET A 4 -18.69 -17.09 -4.74
N SER A 5 -17.64 -17.90 -4.57
CA SER A 5 -16.40 -17.63 -3.81
C SER A 5 -15.25 -17.07 -4.69
N ASN A 6 -15.38 -17.13 -6.02
CA ASN A 6 -14.40 -16.59 -6.98
C ASN A 6 -14.11 -15.09 -6.70
N PHE A 7 -12.83 -14.69 -6.72
CA PHE A 7 -12.38 -13.29 -6.64
C PHE A 7 -12.82 -12.51 -5.38
N GLN A 8 -13.24 -13.19 -4.30
CA GLN A 8 -13.65 -12.58 -3.02
C GLN A 8 -12.54 -11.75 -2.33
N HIS A 9 -11.30 -11.87 -2.80
CA HIS A 9 -10.10 -11.15 -2.35
C HIS A 9 -9.69 -9.96 -3.21
N ILE A 10 -10.34 -9.79 -4.35
CA ILE A 10 -9.94 -8.75 -5.31
C ILE A 10 -10.53 -7.40 -4.93
N GLY A 11 -9.67 -6.38 -4.86
CA GLY A 11 -10.06 -4.97 -4.72
C GLY A 11 -10.68 -4.37 -5.98
N HIS A 12 -11.97 -4.01 -5.92
CA HIS A 12 -12.64 -3.27 -6.98
C HIS A 12 -12.14 -1.82 -7.03
N VAL A 13 -11.51 -1.45 -8.14
CA VAL A 13 -10.88 -0.15 -8.39
C VAL A 13 -10.40 -0.12 -9.83
N GLY A 14 -10.31 1.06 -10.43
CA GLY A 14 -9.74 1.29 -11.77
C GLY A 14 -8.22 1.10 -11.85
N TRP A 15 -7.64 0.05 -11.27
CA TRP A 15 -6.23 -0.31 -11.50
C TRP A 15 -6.07 -1.19 -12.74
N ASP A 16 -5.08 -0.90 -13.58
CA ASP A 16 -4.74 -1.65 -14.80
C ASP A 16 -3.22 -1.72 -15.01
N PRO A 17 -2.64 -2.85 -15.45
CA PRO A 17 -1.18 -3.05 -15.58
C PRO A 17 -0.49 -2.16 -16.64
N ASN A 18 -1.27 -1.38 -17.40
CA ASN A 18 -0.85 -0.51 -18.48
C ASN A 18 -0.61 0.96 -18.05
N THR A 19 -1.31 1.42 -17.00
CA THR A 19 -1.34 2.82 -16.53
C THR A 19 -1.34 2.96 -15.00
N GLY A 20 -1.61 1.87 -14.28
CA GLY A 20 -1.71 1.86 -12.82
C GLY A 20 -3.11 2.26 -12.35
N PHE A 21 -3.21 3.01 -11.25
CA PHE A 21 -4.48 3.44 -10.65
C PHE A 21 -5.18 4.57 -11.45
N ASP A 22 -6.48 4.46 -11.65
CA ASP A 22 -7.32 5.54 -12.18
C ASP A 22 -7.70 6.52 -11.05
N LEU A 23 -7.03 7.66 -10.98
CA LEU A 23 -7.19 8.66 -9.91
C LEU A 23 -8.64 9.16 -9.80
N ASN A 24 -9.34 9.25 -10.93
CA ASN A 24 -10.71 9.73 -11.07
C ASN A 24 -11.77 8.76 -10.50
N ASN A 25 -11.39 7.50 -10.24
CA ASN A 25 -12.23 6.48 -9.63
C ASN A 25 -11.62 5.86 -8.35
N LEU A 26 -10.56 6.48 -7.81
CA LEU A 26 -9.89 6.01 -6.60
C LEU A 26 -10.75 6.24 -5.33
N ASP A 27 -10.61 5.36 -4.34
CA ASP A 27 -11.32 5.47 -3.06
C ASP A 27 -10.59 6.40 -2.06
N PRO A 28 -11.29 7.26 -1.32
CA PRO A 28 -10.68 8.22 -0.39
C PRO A 28 -10.16 7.56 0.90
N GLU A 29 -10.78 6.45 1.34
CA GLU A 29 -10.30 5.67 2.48
C GLU A 29 -9.09 4.82 2.10
N LEU A 30 -9.06 4.22 0.90
CA LEU A 30 -7.81 3.60 0.41
C LEU A 30 -6.71 4.67 0.21
N LYS A 31 -7.07 5.87 -0.28
CA LYS A 31 -6.13 6.99 -0.48
C LYS A 31 -5.56 7.52 0.83
N ASN A 32 -6.27 7.42 1.96
CA ASN A 32 -5.74 7.84 3.26
C ASN A 32 -4.43 7.14 3.60
N LEU A 33 -4.38 5.82 3.37
CA LEU A 33 -3.18 5.02 3.60
C LEU A 33 -2.03 5.43 2.69
N PHE A 34 -2.34 5.73 1.42
CA PHE A 34 -1.36 6.16 0.44
C PHE A 34 -0.73 7.51 0.85
N ASP A 35 -1.57 8.41 1.32
CA ASP A 35 -1.17 9.77 1.70
C ASP A 35 -0.36 9.79 3.00
N MET A 36 -0.80 9.04 4.02
CA MET A 36 -0.10 8.92 5.31
C MET A 36 1.32 8.36 5.18
N CYS A 37 1.57 7.52 4.16
CA CYS A 37 2.90 7.00 3.82
C CYS A 37 3.79 7.97 3.01
N GLY A 38 3.20 9.00 2.38
CA GLY A 38 3.90 9.97 1.54
C GLY A 38 3.91 9.62 0.05
N ILE A 39 2.98 8.79 -0.43
CA ILE A 39 2.87 8.39 -1.83
C ILE A 39 2.10 9.47 -2.60
N SER A 40 2.65 9.96 -3.72
CA SER A 40 2.00 10.94 -4.61
C SER A 40 1.44 10.27 -5.88
N GLU A 41 0.56 10.96 -6.60
CA GLU A 41 -0.15 10.46 -7.79
C GLU A 41 0.78 9.91 -8.87
N ALA A 42 1.94 10.54 -9.04
CA ALA A 42 3.02 10.06 -9.91
C ALA A 42 3.42 8.60 -9.65
N GLN A 43 3.48 8.20 -8.37
CA GLN A 43 3.76 6.82 -7.96
C GLN A 43 2.58 5.87 -8.29
N LEU A 44 1.35 6.39 -8.26
CA LEU A 44 0.12 5.64 -8.54
C LEU A 44 -0.11 5.41 -10.05
N LYS A 45 0.45 6.28 -10.90
CA LYS A 45 0.48 6.15 -12.37
C LYS A 45 1.72 5.40 -12.91
N ASP A 46 2.76 5.24 -12.10
CA ASP A 46 3.91 4.40 -12.42
C ASP A 46 3.50 2.92 -12.39
N ARG A 47 3.73 2.17 -13.48
CA ARG A 47 3.30 0.76 -13.62
C ARG A 47 3.84 -0.15 -12.51
N GLU A 48 5.14 -0.29 -12.41
CA GLU A 48 5.78 -1.23 -11.46
C GLU A 48 5.53 -0.82 -10.00
N THR A 49 5.57 0.48 -9.72
CA THR A 49 5.26 1.05 -8.40
C THR A 49 3.81 0.75 -8.01
N SER A 50 2.83 1.15 -8.84
CA SER A 50 1.41 0.96 -8.53
C SER A 50 1.01 -0.52 -8.42
N LYS A 51 1.69 -1.42 -9.14
CA LYS A 51 1.57 -2.87 -8.98
C LYS A 51 1.98 -3.33 -7.58
N VAL A 52 3.08 -2.82 -7.02
CA VAL A 52 3.54 -3.15 -5.65
C VAL A 52 2.55 -2.60 -4.62
N ILE A 53 2.00 -1.41 -4.87
CA ILE A 53 1.00 -0.81 -4.00
C ILE A 53 -0.32 -1.62 -4.01
N TYR A 54 -0.89 -1.92 -5.19
CA TYR A 54 -2.15 -2.66 -5.30
C TYR A 54 -2.08 -4.05 -4.66
N ASP A 55 -0.91 -4.69 -4.69
CA ASP A 55 -0.65 -5.99 -4.09
C ASP A 55 -1.08 -6.08 -2.63
N PHE A 56 -0.93 -4.98 -1.88
CA PHE A 56 -1.26 -4.89 -0.46
C PHE A 56 -2.78 -4.92 -0.21
N ILE A 57 -3.56 -4.37 -1.15
CA ILE A 57 -5.02 -4.29 -1.10
C ILE A 57 -5.65 -5.66 -1.37
N GLU A 58 -5.37 -6.27 -2.52
CA GLU A 58 -5.89 -7.63 -2.81
C GLU A 58 -5.45 -8.65 -1.73
N LYS A 59 -4.25 -8.49 -1.16
CA LYS A 59 -3.69 -9.32 -0.09
C LYS A 59 -4.61 -9.41 1.13
N THR A 60 -5.03 -8.26 1.66
CA THR A 60 -5.90 -8.25 2.84
C THR A 60 -7.36 -8.66 2.52
N GLY A 61 -7.73 -8.68 1.23
CA GLY A 61 -9.09 -9.01 0.75
C GLY A 61 -9.77 -7.91 -0.07
N GLY A 62 -9.03 -7.11 -0.84
CA GLY A 62 -9.57 -6.02 -1.64
C GLY A 62 -9.78 -4.70 -0.89
N VAL A 63 -10.44 -3.74 -1.54
CA VAL A 63 -10.59 -2.38 -0.99
C VAL A 63 -11.49 -2.39 0.24
N GLU A 64 -12.54 -3.22 0.26
CA GLU A 64 -13.44 -3.35 1.42
C GLU A 64 -12.70 -3.79 2.68
N ALA A 65 -11.61 -4.56 2.53
CA ALA A 65 -10.78 -4.99 3.64
C ALA A 65 -9.95 -3.82 4.22
N VAL A 66 -9.16 -3.12 3.41
CA VAL A 66 -8.37 -1.96 3.90
C VAL A 66 -9.27 -0.83 4.45
N LYS A 67 -10.42 -0.60 3.81
CA LYS A 67 -11.47 0.34 4.25
C LYS A 67 -12.05 -0.04 5.62
N ASN A 68 -12.02 -1.33 5.99
CA ASN A 68 -12.36 -1.80 7.34
C ASN A 68 -11.14 -1.77 8.29
N GLU A 69 -9.95 -2.13 7.83
CA GLU A 69 -8.75 -2.25 8.67
C GLU A 69 -8.34 -0.93 9.32
N LEU A 70 -8.46 0.21 8.60
CA LEU A 70 -8.25 1.55 9.17
C LEU A 70 -9.48 2.18 9.85
N ARG A 71 -10.66 1.56 9.70
CA ARG A 71 -11.91 1.92 10.38
C ARG A 71 -11.96 1.33 11.79
N ARG A 72 -11.40 0.13 11.97
CA ARG A 72 -11.13 -0.50 13.28
C ARG A 72 -9.81 -0.01 13.86
N GLN A 73 -9.69 -0.08 15.18
CA GLN A 73 -8.44 0.14 15.96
C GLN A 73 -7.31 -0.84 15.60
N GLY B 1 4.02 8.71 14.89
CA GLY B 1 4.39 8.26 13.54
C GLY B 1 3.23 7.63 12.82
N LEU B 2 3.53 6.74 11.88
CA LEU B 2 2.56 6.05 11.02
C LEU B 2 1.55 5.19 11.82
N PRO B 3 0.24 5.29 11.54
CA PRO B 3 -0.78 4.37 12.07
C PRO B 3 -0.55 2.91 11.67
N ASP B 4 -1.16 1.96 12.40
CA ASP B 4 -0.94 0.51 12.24
C ASP B 4 -1.12 -0.04 10.81
N VAL B 5 -2.10 0.45 10.04
CA VAL B 5 -2.35 -0.03 8.67
C VAL B 5 -1.48 0.71 7.64
N ALA B 6 -1.13 1.98 7.91
CA ALA B 6 -0.20 2.75 7.08
C ALA B 6 1.24 2.22 7.21
N GLN B 7 1.70 1.93 8.43
CA GLN B 7 3.02 1.32 8.63
C GLN B 7 3.08 -0.09 7.98
N ARG B 8 1.98 -0.85 7.99
CA ARG B 8 1.87 -2.14 7.29
C ARG B 8 2.05 -2.01 5.77
N LEU B 9 1.50 -0.94 5.16
CA LEU B 9 1.71 -0.59 3.74
C LEU B 9 3.19 -0.26 3.47
N MET B 10 3.85 0.52 4.32
CA MET B 10 5.29 0.83 4.20
C MET B 10 6.17 -0.44 4.29
N GLN B 11 5.88 -1.33 5.24
CA GLN B 11 6.55 -2.64 5.38
C GLN B 11 6.29 -3.57 4.18
N HIS B 12 5.22 -3.35 3.40
CA HIS B 12 4.90 -4.11 2.18
C HIS B 12 5.69 -3.62 0.98
N LEU B 13 5.76 -2.29 0.75
CA LEU B 13 6.56 -1.68 -0.32
C LEU B 13 8.07 -1.97 -0.16
N ALA B 14 8.53 -2.19 1.08
CA ALA B 14 9.92 -2.50 1.39
C ALA B 14 10.38 -3.84 0.78
N GLU B 15 9.45 -4.74 0.46
CA GLU B 15 9.74 -6.01 -0.23
C GLU B 15 10.21 -5.81 -1.68
N HIS B 16 9.96 -4.64 -2.26
CA HIS B 16 10.32 -4.27 -3.63
C HIS B 16 11.24 -3.04 -3.71
N GLY B 17 11.53 -2.41 -2.56
CA GLY B 17 12.36 -1.21 -2.46
C GLY B 17 11.64 0.06 -2.90
N ILE B 18 10.30 0.10 -2.83
CA ILE B 18 9.54 1.25 -3.32
C ILE B 18 9.58 2.38 -2.29
N GLN B 19 10.08 3.54 -2.70
CA GLN B 19 10.16 4.75 -1.88
C GLN B 19 8.89 5.60 -2.00
N PRO B 20 8.52 6.39 -0.98
CA PRO B 20 7.47 7.39 -1.12
C PRO B 20 8.01 8.68 -1.75
N ALA B 21 7.10 9.47 -2.32
CA ALA B 21 7.43 10.73 -2.97
C ALA B 21 7.70 11.87 -1.97
N ARG B 22 7.12 11.82 -0.76
CA ARG B 22 7.45 12.72 0.37
C ARG B 22 8.63 12.18 1.20
N ASN B 23 9.70 11.75 0.54
CA ASN B 23 10.85 11.15 1.24
C ASN B 23 11.65 12.19 2.05
N MET B 24 12.15 11.76 3.21
CA MET B 24 12.85 12.56 4.22
C MET B 24 14.25 12.04 4.58
N ALA B 25 14.73 11.04 3.83
CA ALA B 25 16.03 10.37 4.00
C ALA B 25 17.22 11.18 3.43
N GLU B 26 17.30 12.46 3.80
CA GLU B 26 18.37 13.39 3.40
C GLU B 26 19.27 13.76 4.58
N HIS B 27 20.54 14.09 4.34
CA HIS B 27 21.46 14.55 5.40
C HIS B 27 21.12 15.98 5.84
N ILE B 28 21.13 16.21 7.16
CA ILE B 28 20.85 17.51 7.80
C ILE B 28 22.13 18.36 7.91
N PRO B 29 22.16 19.63 7.43
CA PRO B 29 23.37 20.45 7.42
C PRO B 29 24.01 20.73 8.80
N PRO B 30 25.35 20.96 8.85
CA PRO B 30 26.06 21.40 10.06
C PRO B 30 25.53 22.70 10.67
N ALA B 31 25.69 22.85 11.99
CA ALA B 31 25.14 23.97 12.75
C ALA B 31 25.96 24.33 14.01
N PRO B 32 26.01 25.61 14.42
CA PRO B 32 26.60 26.01 15.70
C PRO B 32 25.84 25.40 16.89
N ASN B 33 26.55 25.19 18.00
CA ASN B 33 26.00 24.65 19.24
C ASN B 33 24.94 25.60 19.87
N TRP B 34 23.99 25.02 20.61
CA TRP B 34 22.85 25.68 21.27
C TRP B 34 21.87 26.39 20.32
N PRO B 35 20.62 26.71 20.77
CA PRO B 35 19.68 27.52 19.99
C PRO B 35 20.26 28.89 19.60
N ALA B 36 19.77 29.47 18.51
CA ALA B 36 20.10 30.83 18.09
C ALA B 36 19.59 31.86 19.14
N PRO B 37 20.44 32.75 19.69
CA PRO B 37 20.08 33.67 20.77
C PRO B 37 18.92 34.63 20.49
N THR B 38 18.34 35.14 21.58
CA THR B 38 17.31 36.19 21.64
C THR B 38 16.10 35.89 20.73
N PRO B 39 15.18 34.99 21.13
CA PRO B 39 13.96 34.72 20.37
C PRO B 39 13.04 35.96 20.30
N PRO B 40 12.39 36.25 19.15
CA PRO B 40 11.60 37.46 18.94
C PRO B 40 10.36 37.56 19.86
N VAL B 41 10.04 38.78 20.29
CA VAL B 41 8.97 39.08 21.26
C VAL B 41 7.59 38.70 20.73
N GLN B 42 6.73 38.21 21.64
CA GLN B 42 5.40 37.68 21.35
C GLN B 42 4.28 38.28 22.24
N ASN B 43 4.62 38.92 23.38
CA ASN B 43 3.74 39.73 24.21
C ASN B 43 4.32 41.15 24.34
N GLU B 44 3.55 42.17 23.98
CA GLU B 44 4.00 43.58 23.91
C GLU B 44 3.94 44.34 25.24
N GLN B 45 4.87 45.27 25.45
CA GLN B 45 4.88 46.26 26.54
C GLN B 45 4.62 47.69 26.04
N SER B 46 3.75 48.42 26.73
CA SER B 46 3.43 49.83 26.49
C SER B 46 4.54 50.80 26.90
N ARG B 47 4.99 51.61 25.93
CA ARG B 47 5.86 52.79 26.10
C ARG B 47 7.07 52.65 27.06
N PRO B 48 7.91 51.60 26.96
CA PRO B 48 9.06 51.41 27.85
C PRO B 48 10.16 52.46 27.65
N GLY A 1 -13.55 -25.03 -0.34
CA GLY A 1 -12.13 -25.17 -0.02
C GLY A 1 -11.37 -23.86 -0.22
N SER A 2 -10.14 -23.97 -0.74
CA SER A 2 -9.18 -22.85 -0.94
C SER A 2 -9.57 -21.88 -2.07
N HIS A 3 -9.02 -20.67 -2.02
CA HIS A 3 -9.18 -19.61 -3.04
C HIS A 3 -8.80 -20.14 -4.43
N MET A 4 -9.65 -19.90 -5.43
CA MET A 4 -9.36 -20.20 -6.84
C MET A 4 -8.27 -19.24 -7.41
N SER A 5 -7.59 -19.66 -8.48
CA SER A 5 -6.53 -18.85 -9.13
C SER A 5 -7.04 -17.65 -9.96
N ASN A 6 -8.33 -17.57 -10.27
CA ASN A 6 -8.95 -16.47 -11.02
C ASN A 6 -9.34 -15.26 -10.14
N PHE A 7 -9.52 -14.08 -10.75
CA PHE A 7 -9.79 -12.78 -10.10
C PHE A 7 -11.20 -12.59 -9.50
N GLN A 8 -11.97 -13.66 -9.29
CA GLN A 8 -13.38 -13.67 -8.84
C GLN A 8 -13.66 -13.15 -7.40
N HIS A 9 -12.75 -12.37 -6.81
CA HIS A 9 -12.88 -11.75 -5.46
C HIS A 9 -12.04 -10.47 -5.25
N ILE A 10 -11.39 -10.00 -6.31
CA ILE A 10 -10.42 -8.89 -6.23
C ILE A 10 -11.05 -7.50 -6.00
N GLY A 11 -10.41 -6.69 -5.16
CA GLY A 11 -10.87 -5.35 -4.76
C GLY A 11 -11.09 -4.36 -5.90
N HIS A 12 -12.29 -3.77 -5.96
CA HIS A 12 -12.70 -2.88 -7.04
C HIS A 12 -11.96 -1.53 -7.07
N VAL A 13 -11.20 -1.30 -8.14
CA VAL A 13 -10.58 -0.02 -8.55
C VAL A 13 -10.09 -0.15 -9.99
N GLY A 14 -10.04 0.94 -10.75
CA GLY A 14 -9.57 0.98 -12.15
C GLY A 14 -8.05 0.82 -12.32
N TRP A 15 -7.40 -0.07 -11.57
CA TRP A 15 -5.98 -0.37 -11.75
C TRP A 15 -5.74 -1.21 -13.02
N ASP A 16 -4.70 -0.85 -13.79
CA ASP A 16 -4.26 -1.56 -14.99
C ASP A 16 -2.72 -1.67 -15.01
N PRO A 17 -2.13 -2.81 -15.43
CA PRO A 17 -0.68 -2.95 -15.57
C PRO A 17 -0.09 -2.04 -16.67
N ASN A 18 -0.95 -1.35 -17.41
CA ASN A 18 -0.65 -0.41 -18.49
C ASN A 18 -0.38 1.03 -18.03
N THR A 19 -1.01 1.48 -16.94
CA THR A 19 -0.96 2.87 -16.44
C THR A 19 -1.12 3.00 -14.92
N GLY A 20 -1.20 1.88 -14.20
CA GLY A 20 -1.42 1.85 -12.75
C GLY A 20 -2.84 2.24 -12.37
N PHE A 21 -3.01 3.01 -11.31
CA PHE A 21 -4.32 3.41 -10.76
C PHE A 21 -5.09 4.42 -11.64
N ASP A 22 -6.42 4.33 -11.63
CA ASP A 22 -7.33 5.33 -12.20
C ASP A 22 -7.76 6.32 -11.10
N LEU A 23 -7.30 7.58 -11.17
CA LEU A 23 -7.64 8.60 -10.18
C LEU A 23 -9.16 8.88 -10.12
N ASN A 24 -9.87 8.71 -11.24
CA ASN A 24 -11.29 9.02 -11.35
C ASN A 24 -12.19 8.08 -10.52
N ASN A 25 -11.71 6.86 -10.25
CA ASN A 25 -12.43 5.85 -9.45
C ASN A 25 -11.72 5.44 -8.16
N LEU A 26 -10.53 5.99 -7.87
CA LEU A 26 -9.77 5.68 -6.66
C LEU A 26 -10.51 6.14 -5.39
N ASP A 27 -10.66 5.25 -4.40
CA ASP A 27 -11.43 5.46 -3.16
C ASP A 27 -10.70 6.41 -2.17
N PRO A 28 -11.40 7.33 -1.49
CA PRO A 28 -10.79 8.29 -0.59
C PRO A 28 -10.33 7.66 0.75
N GLU A 29 -10.94 6.56 1.20
CA GLU A 29 -10.43 5.81 2.34
C GLU A 29 -9.20 4.98 1.94
N LEU A 30 -9.16 4.40 0.73
CA LEU A 30 -7.90 3.81 0.23
C LEU A 30 -6.80 4.89 0.07
N LYS A 31 -7.18 6.11 -0.34
CA LYS A 31 -6.26 7.26 -0.45
C LYS A 31 -5.66 7.70 0.88
N ASN A 32 -6.37 7.54 2.01
CA ASN A 32 -5.86 7.92 3.34
C ASN A 32 -4.53 7.22 3.66
N LEU A 33 -4.50 5.91 3.42
CA LEU A 33 -3.31 5.09 3.63
C LEU A 33 -2.15 5.55 2.74
N PHE A 34 -2.46 5.84 1.48
CA PHE A 34 -1.44 6.24 0.50
C PHE A 34 -0.80 7.57 0.88
N ASP A 35 -1.61 8.48 1.38
CA ASP A 35 -1.16 9.82 1.81
C ASP A 35 -0.41 9.78 3.14
N MET A 36 -0.86 9.02 4.13
CA MET A 36 -0.17 8.86 5.41
C MET A 36 1.23 8.21 5.25
N CYS A 37 1.44 7.41 4.20
CA CYS A 37 2.74 6.89 3.79
C CYS A 37 3.65 7.93 3.10
N GLY A 38 3.07 8.97 2.50
CA GLY A 38 3.80 9.96 1.72
C GLY A 38 3.83 9.69 0.20
N ILE A 39 2.90 8.90 -0.34
CA ILE A 39 2.88 8.53 -1.77
C ILE A 39 2.23 9.66 -2.59
N SER A 40 2.80 10.01 -3.75
CA SER A 40 2.23 10.95 -4.72
C SER A 40 1.50 10.20 -5.84
N GLU A 41 0.66 10.92 -6.59
CA GLU A 41 -0.07 10.36 -7.74
C GLU A 41 0.88 9.81 -8.82
N ALA A 42 2.05 10.41 -8.99
CA ALA A 42 3.08 9.92 -9.92
C ALA A 42 3.55 8.49 -9.61
N GLN A 43 3.60 8.10 -8.32
CA GLN A 43 3.91 6.72 -7.92
C GLN A 43 2.72 5.78 -8.24
N LEU A 44 1.49 6.28 -8.16
CA LEU A 44 0.25 5.54 -8.45
C LEU A 44 0.03 5.33 -9.96
N LYS A 45 0.56 6.23 -10.79
CA LYS A 45 0.58 6.16 -12.26
C LYS A 45 1.79 5.43 -12.85
N ASP A 46 2.76 5.05 -12.01
CA ASP A 46 3.86 4.17 -12.37
C ASP A 46 3.43 2.69 -12.34
N ARG A 47 3.73 1.96 -13.43
CA ARG A 47 3.30 0.56 -13.64
C ARG A 47 3.78 -0.41 -12.56
N GLU A 48 5.09 -0.57 -12.38
CA GLU A 48 5.65 -1.53 -11.39
C GLU A 48 5.42 -1.04 -9.96
N THR A 49 5.52 0.27 -9.72
CA THR A 49 5.30 0.83 -8.38
C THR A 49 3.86 0.58 -7.93
N SER A 50 2.86 0.97 -8.73
CA SER A 50 1.46 0.72 -8.40
C SER A 50 1.12 -0.77 -8.34
N LYS A 51 1.82 -1.63 -9.08
CA LYS A 51 1.74 -3.10 -8.98
C LYS A 51 2.11 -3.60 -7.57
N VAL A 52 3.15 -3.04 -6.92
CA VAL A 52 3.50 -3.38 -5.53
C VAL A 52 2.47 -2.82 -4.56
N ILE A 53 2.05 -1.57 -4.76
CA ILE A 53 1.04 -0.91 -3.92
C ILE A 53 -0.28 -1.69 -3.93
N TYR A 54 -0.86 -1.97 -5.09
CA TYR A 54 -2.16 -2.64 -5.19
C TYR A 54 -2.13 -4.05 -4.59
N ASP A 55 -0.98 -4.73 -4.64
CA ASP A 55 -0.78 -6.06 -4.06
C ASP A 55 -1.15 -6.12 -2.57
N PHE A 56 -1.02 -5.00 -1.84
CA PHE A 56 -1.40 -4.89 -0.43
C PHE A 56 -2.92 -4.92 -0.21
N ILE A 57 -3.68 -4.33 -1.14
CA ILE A 57 -5.14 -4.25 -1.11
C ILE A 57 -5.76 -5.61 -1.35
N GLU A 58 -5.46 -6.24 -2.50
CA GLU A 58 -5.99 -7.59 -2.78
C GLU A 58 -5.52 -8.64 -1.75
N LYS A 59 -4.34 -8.47 -1.15
CA LYS A 59 -3.83 -9.32 -0.06
C LYS A 59 -4.76 -9.39 1.15
N THR A 60 -5.18 -8.23 1.67
CA THR A 60 -6.12 -8.20 2.80
C THR A 60 -7.54 -8.63 2.40
N GLY A 61 -7.85 -8.62 1.09
CA GLY A 61 -9.11 -9.08 0.50
C GLY A 61 -9.83 -8.08 -0.40
N GLY A 62 -9.14 -7.07 -0.96
CA GLY A 62 -9.73 -5.98 -1.73
C GLY A 62 -9.86 -4.66 -0.97
N VAL A 63 -10.56 -3.68 -1.56
CA VAL A 63 -10.65 -2.32 -1.00
C VAL A 63 -11.51 -2.27 0.25
N GLU A 64 -12.59 -3.04 0.33
CA GLU A 64 -13.44 -3.07 1.54
C GLU A 64 -12.68 -3.61 2.75
N ALA A 65 -11.69 -4.45 2.54
CA ALA A 65 -10.84 -4.99 3.59
C ALA A 65 -9.95 -3.90 4.21
N VAL A 66 -9.22 -3.13 3.40
CA VAL A 66 -8.44 -1.98 3.91
C VAL A 66 -9.33 -0.89 4.51
N LYS A 67 -10.50 -0.62 3.90
CA LYS A 67 -11.54 0.31 4.41
C LYS A 67 -12.11 -0.10 5.79
N ASN A 68 -12.03 -1.37 6.14
CA ASN A 68 -12.33 -1.90 7.49
C ASN A 68 -11.08 -1.87 8.38
N GLU A 69 -9.91 -2.22 7.87
CA GLU A 69 -8.68 -2.29 8.67
C GLU A 69 -8.29 -0.94 9.26
N LEU A 70 -8.37 0.15 8.49
CA LEU A 70 -8.10 1.50 8.99
C LEU A 70 -9.27 2.15 9.78
N ARG A 71 -10.39 1.44 9.99
CA ARG A 71 -11.46 1.87 10.90
C ARG A 71 -11.03 1.81 12.37
N ARG A 72 -10.01 1.00 12.67
CA ARG A 72 -9.37 0.80 13.99
C ARG A 72 -8.63 2.06 14.45
N GLN A 73 -8.58 2.31 15.78
CA GLN A 73 -7.76 3.39 16.37
C GLN A 73 -6.26 3.10 16.31
N GLY B 1 -5.59 6.71 17.02
CA GLY B 1 -4.15 6.83 17.30
C GLY B 1 -3.30 6.55 16.08
N LEU B 2 -2.23 5.77 16.25
CA LEU B 2 -1.20 5.45 15.25
C LEU B 2 -1.79 4.81 13.96
N PRO B 3 -1.42 5.28 12.75
CA PRO B 3 -1.92 4.73 11.48
C PRO B 3 -1.19 3.42 11.09
N ASP B 4 -1.33 2.39 11.93
CA ASP B 4 -0.64 1.10 11.81
C ASP B 4 -0.92 0.33 10.50
N VAL B 5 -2.04 0.56 9.82
CA VAL B 5 -2.31 0.00 8.48
C VAL B 5 -1.48 0.72 7.40
N ALA B 6 -1.31 2.04 7.50
CA ALA B 6 -0.39 2.79 6.63
C ALA B 6 1.08 2.38 6.89
N GLN B 7 1.44 2.14 8.16
CA GLN B 7 2.76 1.54 8.47
C GLN B 7 2.89 0.14 7.85
N ARG B 8 1.86 -0.71 7.91
CA ARG B 8 1.87 -2.04 7.25
C ARG B 8 2.01 -1.95 5.73
N LEU B 9 1.44 -0.92 5.08
CA LEU B 9 1.64 -0.59 3.67
C LEU B 9 3.11 -0.22 3.37
N MET B 10 3.77 0.59 4.21
CA MET B 10 5.21 0.89 4.07
C MET B 10 6.10 -0.34 4.28
N GLN B 11 5.76 -1.21 5.23
CA GLN B 11 6.48 -2.47 5.49
C GLN B 11 6.24 -3.51 4.38
N HIS B 12 5.12 -3.46 3.66
CA HIS B 12 4.83 -4.27 2.46
C HIS B 12 5.60 -3.77 1.22
N LEU B 13 5.70 -2.45 1.03
CA LEU B 13 6.51 -1.88 -0.07
C LEU B 13 8.00 -2.19 0.08
N ALA B 14 8.48 -2.35 1.32
CA ALA B 14 9.85 -2.76 1.63
C ALA B 14 10.25 -4.12 1.03
N GLU B 15 9.28 -5.01 0.74
CA GLU B 15 9.53 -6.31 0.13
C GLU B 15 10.14 -6.22 -1.28
N HIS B 16 9.75 -5.17 -2.01
CA HIS B 16 10.36 -4.76 -3.29
C HIS B 16 11.35 -3.59 -3.13
N GLY B 17 11.30 -2.91 -1.99
CA GLY B 17 12.07 -1.69 -1.69
C GLY B 17 11.46 -0.42 -2.27
N ILE B 18 10.13 -0.32 -2.43
CA ILE B 18 9.48 0.85 -3.02
C ILE B 18 9.43 2.00 -1.99
N GLN B 19 9.80 3.21 -2.43
CA GLN B 19 9.85 4.40 -1.57
C GLN B 19 8.64 5.34 -1.78
N PRO B 20 8.26 6.14 -0.78
CA PRO B 20 7.28 7.21 -0.94
C PRO B 20 7.88 8.47 -1.58
N ALA B 21 7.00 9.32 -2.11
CA ALA B 21 7.32 10.60 -2.72
C ALA B 21 7.73 11.67 -1.69
N ARG B 22 7.19 11.64 -0.46
CA ARG B 22 7.68 12.43 0.70
C ARG B 22 8.97 11.77 1.23
N ASN B 23 9.92 11.56 0.32
CA ASN B 23 11.17 10.83 0.49
C ASN B 23 12.07 11.40 1.61
N MET B 24 12.67 10.51 2.41
CA MET B 24 13.64 10.86 3.45
C MET B 24 14.79 9.85 3.50
N ALA B 25 15.96 10.35 3.88
CA ALA B 25 17.24 9.64 3.89
C ALA B 25 17.70 9.25 5.32
N GLU B 26 16.77 8.86 6.20
CA GLU B 26 17.02 8.55 7.60
C GLU B 26 16.54 7.15 8.03
N HIS B 27 17.00 6.67 9.18
CA HIS B 27 16.69 5.33 9.69
C HIS B 27 15.25 5.22 10.20
N ILE B 28 14.60 4.11 9.88
CA ILE B 28 13.23 3.77 10.28
C ILE B 28 13.15 2.35 10.84
N PRO B 29 12.11 1.99 11.61
CA PRO B 29 11.93 0.64 12.14
C PRO B 29 11.94 -0.43 11.03
N PRO B 30 12.71 -1.53 11.18
CA PRO B 30 12.84 -2.57 10.15
C PRO B 30 11.52 -3.27 9.81
N ALA B 31 11.42 -3.79 8.58
CA ALA B 31 10.29 -4.59 8.14
C ALA B 31 10.35 -6.02 8.70
N PRO B 32 9.25 -6.58 9.26
CA PRO B 32 9.18 -8.00 9.60
C PRO B 32 9.28 -8.92 8.38
N ASN B 33 8.93 -8.41 7.19
CA ASN B 33 8.86 -9.17 5.94
C ASN B 33 10.24 -9.44 5.32
N TRP B 34 10.46 -10.68 4.86
CA TRP B 34 11.64 -11.03 4.03
C TRP B 34 11.41 -10.66 2.55
N PRO B 35 12.47 -10.51 1.72
CA PRO B 35 12.38 -10.04 0.33
C PRO B 35 11.40 -10.80 -0.57
N ALA B 36 10.78 -10.09 -1.52
CA ALA B 36 9.74 -10.62 -2.38
C ALA B 36 10.18 -11.86 -3.20
N PRO B 37 9.36 -12.94 -3.25
CA PRO B 37 9.58 -14.08 -4.14
C PRO B 37 9.33 -13.72 -5.61
N THR B 38 9.71 -14.65 -6.49
CA THR B 38 9.69 -14.51 -7.96
C THR B 38 8.36 -13.93 -8.46
N PRO B 39 8.38 -12.94 -9.38
CA PRO B 39 7.16 -12.34 -9.91
C PRO B 39 6.28 -13.37 -10.64
N PRO B 40 4.94 -13.22 -10.59
CA PRO B 40 4.00 -14.06 -11.32
C PRO B 40 4.04 -13.79 -12.84
N VAL B 41 3.66 -14.80 -13.62
CA VAL B 41 3.50 -14.76 -15.09
C VAL B 41 4.75 -14.17 -15.79
N GLN B 42 5.94 -14.61 -15.36
CA GLN B 42 7.23 -14.17 -15.91
C GLN B 42 7.60 -14.98 -17.19
N ASN B 43 6.69 -14.95 -18.16
CA ASN B 43 6.73 -15.72 -19.41
C ASN B 43 7.87 -15.33 -20.38
N GLU B 44 8.22 -16.27 -21.27
CA GLU B 44 9.15 -16.11 -22.40
C GLU B 44 8.39 -15.80 -23.72
N GLN B 45 9.05 -15.13 -24.67
CA GLN B 45 8.52 -14.78 -26.00
C GLN B 45 8.58 -15.94 -27.01
N SER B 46 7.90 -15.76 -28.15
CA SER B 46 7.88 -16.67 -29.31
C SER B 46 7.72 -15.92 -30.65
N ARG B 47 8.08 -16.59 -31.76
CA ARG B 47 7.87 -16.23 -33.18
C ARG B 47 8.21 -14.75 -33.52
N PRO B 48 9.49 -14.37 -33.44
CA PRO B 48 9.99 -13.04 -33.84
C PRO B 48 9.96 -12.80 -35.37
N GLY A 1 -20.25 -27.46 -9.40
CA GLY A 1 -20.35 -26.04 -9.03
C GLY A 1 -20.34 -25.86 -7.52
N SER A 2 -20.97 -24.80 -7.02
CA SER A 2 -21.15 -24.44 -5.60
C SER A 2 -19.87 -24.09 -4.79
N HIS A 3 -18.73 -23.81 -5.45
CA HIS A 3 -17.49 -23.36 -4.78
C HIS A 3 -17.64 -21.97 -4.11
N MET A 4 -16.67 -21.59 -3.27
CA MET A 4 -16.56 -20.22 -2.73
C MET A 4 -16.28 -19.20 -3.85
N SER A 5 -16.61 -17.92 -3.62
CA SER A 5 -16.48 -16.85 -4.64
C SER A 5 -15.01 -16.62 -5.07
N ASN A 6 -14.72 -16.64 -6.37
CA ASN A 6 -13.37 -16.58 -6.92
C ASN A 6 -12.66 -15.20 -6.84
N PHE A 7 -13.40 -14.08 -6.91
CA PHE A 7 -12.82 -12.72 -6.94
C PHE A 7 -13.12 -11.88 -5.69
N GLN A 8 -13.57 -12.53 -4.61
CA GLN A 8 -13.97 -11.90 -3.34
C GLN A 8 -12.83 -11.14 -2.63
N HIS A 9 -11.59 -11.58 -2.82
CA HIS A 9 -10.40 -10.95 -2.24
C HIS A 9 -9.67 -10.03 -3.24
N ILE A 10 -10.37 -9.55 -4.29
CA ILE A 10 -9.83 -8.65 -5.32
C ILE A 10 -10.39 -7.22 -5.16
N GLY A 11 -9.52 -6.22 -5.15
CA GLY A 11 -9.88 -4.80 -5.05
C GLY A 11 -10.65 -4.23 -6.24
N HIS A 12 -11.92 -3.84 -6.02
CA HIS A 12 -12.76 -3.14 -7.00
C HIS A 12 -12.37 -1.66 -7.19
N VAL A 13 -11.28 -1.43 -7.93
CA VAL A 13 -10.66 -0.14 -8.23
C VAL A 13 -10.13 -0.11 -9.68
N GLY A 14 -10.05 1.06 -10.30
CA GLY A 14 -9.58 1.26 -11.68
C GLY A 14 -8.06 1.03 -11.92
N TRP A 15 -7.40 0.12 -11.20
CA TRP A 15 -6.00 -0.26 -11.44
C TRP A 15 -5.84 -1.21 -12.63
N ASP A 16 -4.93 -0.89 -13.55
CA ASP A 16 -4.59 -1.67 -14.74
C ASP A 16 -3.06 -1.77 -14.95
N PRO A 17 -2.52 -2.93 -15.36
CA PRO A 17 -1.08 -3.19 -15.54
C PRO A 17 -0.40 -2.44 -16.70
N ASN A 18 -1.15 -1.58 -17.38
CA ASN A 18 -0.69 -0.70 -18.45
C ASN A 18 -0.43 0.75 -18.01
N THR A 19 -1.16 1.26 -17.02
CA THR A 19 -1.12 2.68 -16.59
C THR A 19 -1.35 2.91 -15.08
N GLY A 20 -1.55 1.84 -14.31
CA GLY A 20 -1.69 1.90 -12.86
C GLY A 20 -3.07 2.36 -12.41
N PHE A 21 -3.16 3.07 -11.28
CA PHE A 21 -4.41 3.49 -10.66
C PHE A 21 -5.09 4.65 -11.40
N ASP A 22 -6.36 4.47 -11.80
CA ASP A 22 -7.20 5.56 -12.30
C ASP A 22 -7.69 6.43 -11.13
N LEU A 23 -7.03 7.57 -10.88
CA LEU A 23 -7.28 8.46 -9.73
C LEU A 23 -8.76 8.82 -9.52
N ASN A 24 -9.50 9.11 -10.59
CA ASN A 24 -10.93 9.46 -10.50
C ASN A 24 -11.83 8.29 -10.03
N ASN A 25 -11.35 7.06 -10.15
CA ASN A 25 -12.00 5.84 -9.66
C ASN A 25 -11.33 5.27 -8.39
N LEU A 26 -10.31 5.92 -7.86
CA LEU A 26 -9.64 5.52 -6.62
C LEU A 26 -10.47 5.94 -5.39
N ASP A 27 -10.58 5.04 -4.41
CA ASP A 27 -11.38 5.21 -3.19
C ASP A 27 -10.73 6.21 -2.21
N PRO A 28 -11.49 7.12 -1.59
CA PRO A 28 -10.95 8.15 -0.73
C PRO A 28 -10.55 7.62 0.67
N GLU A 29 -11.08 6.47 1.11
CA GLU A 29 -10.60 5.78 2.31
C GLU A 29 -9.30 5.02 2.00
N LEU A 30 -9.22 4.34 0.85
CA LEU A 30 -7.95 3.72 0.43
C LEU A 30 -6.85 4.78 0.23
N LYS A 31 -7.21 5.98 -0.24
CA LYS A 31 -6.27 7.12 -0.40
C LYS A 31 -5.64 7.59 0.91
N ASN A 32 -6.33 7.50 2.04
CA ASN A 32 -5.79 7.90 3.35
C ASN A 32 -4.47 7.17 3.65
N LEU A 33 -4.44 5.87 3.39
CA LEU A 33 -3.29 5.01 3.62
C LEU A 33 -2.12 5.38 2.70
N PHE A 34 -2.41 5.68 1.44
CA PHE A 34 -1.41 6.05 0.44
C PHE A 34 -0.72 7.37 0.83
N ASP A 35 -1.52 8.32 1.30
CA ASP A 35 -1.05 9.64 1.70
C ASP A 35 -0.26 9.61 3.03
N MET A 36 -0.73 8.84 4.01
CA MET A 36 0.00 8.62 5.26
C MET A 36 1.39 8.00 5.04
N CYS A 37 1.57 7.20 3.98
CA CYS A 37 2.86 6.65 3.58
C CYS A 37 3.78 7.63 2.82
N GLY A 38 3.26 8.74 2.29
CA GLY A 38 4.03 9.69 1.48
C GLY A 38 4.00 9.42 -0.03
N ILE A 39 3.03 8.63 -0.52
CA ILE A 39 2.92 8.28 -1.95
C ILE A 39 2.21 9.42 -2.70
N SER A 40 2.79 9.89 -3.80
CA SER A 40 2.17 10.86 -4.71
C SER A 40 1.43 10.18 -5.86
N GLU A 41 0.53 10.92 -6.51
CA GLU A 41 -0.28 10.47 -7.65
C GLU A 41 0.58 10.00 -8.83
N ALA A 42 1.74 10.63 -9.02
CA ALA A 42 2.76 10.20 -9.97
C ALA A 42 3.22 8.74 -9.76
N GLN A 43 3.40 8.32 -8.50
CA GLN A 43 3.73 6.93 -8.13
C GLN A 43 2.57 5.98 -8.43
N LEU A 44 1.32 6.46 -8.32
CA LEU A 44 0.11 5.67 -8.56
C LEU A 44 -0.13 5.39 -10.06
N LYS A 45 0.42 6.24 -10.94
CA LYS A 45 0.43 6.03 -12.41
C LYS A 45 1.68 5.28 -12.94
N ASP A 46 2.68 5.06 -12.10
CA ASP A 46 3.84 4.23 -12.46
C ASP A 46 3.45 2.74 -12.43
N ARG A 47 3.72 1.97 -13.49
CA ARG A 47 3.35 0.56 -13.57
C ARG A 47 3.95 -0.28 -12.45
N GLU A 48 5.27 -0.22 -12.29
CA GLU A 48 6.02 -1.08 -11.38
C GLU A 48 5.76 -0.75 -9.91
N THR A 49 5.68 0.55 -9.59
CA THR A 49 5.31 1.06 -8.27
C THR A 49 3.85 0.74 -7.92
N SER A 50 2.88 1.11 -8.77
CA SER A 50 1.45 0.93 -8.47
C SER A 50 1.06 -0.54 -8.36
N LYS A 51 1.70 -1.44 -9.12
CA LYS A 51 1.59 -2.90 -8.99
C LYS A 51 1.87 -3.38 -7.55
N VAL A 52 2.90 -2.82 -6.91
CA VAL A 52 3.29 -3.14 -5.53
C VAL A 52 2.34 -2.54 -4.50
N ILE A 53 1.87 -1.32 -4.74
CA ILE A 53 0.89 -0.68 -3.88
C ILE A 53 -0.44 -1.44 -3.91
N TYR A 54 -0.95 -1.77 -5.11
CA TYR A 54 -2.16 -2.56 -5.29
C TYR A 54 -2.04 -3.94 -4.62
N ASP A 55 -0.85 -4.54 -4.65
CA ASP A 55 -0.57 -5.84 -4.04
C ASP A 55 -0.98 -5.91 -2.57
N PHE A 56 -0.84 -4.81 -1.82
CA PHE A 56 -1.21 -4.75 -0.40
C PHE A 56 -2.73 -4.86 -0.19
N ILE A 57 -3.51 -4.31 -1.12
CA ILE A 57 -4.96 -4.25 -1.06
C ILE A 57 -5.57 -5.62 -1.38
N GLU A 58 -5.25 -6.19 -2.54
CA GLU A 58 -5.69 -7.55 -2.88
C GLU A 58 -5.20 -8.59 -1.83
N LYS A 59 -4.05 -8.35 -1.17
CA LYS A 59 -3.51 -9.21 -0.10
C LYS A 59 -4.40 -9.31 1.12
N THR A 60 -4.92 -8.19 1.62
CA THR A 60 -5.86 -8.24 2.75
C THR A 60 -7.23 -8.80 2.32
N GLY A 61 -7.60 -8.55 1.07
CA GLY A 61 -8.90 -8.94 0.52
C GLY A 61 -9.64 -7.88 -0.30
N GLY A 62 -8.95 -7.09 -1.12
CA GLY A 62 -9.53 -5.96 -1.85
C GLY A 62 -9.73 -4.70 -1.02
N VAL A 63 -10.42 -3.72 -1.59
CA VAL A 63 -10.56 -2.38 -1.00
C VAL A 63 -11.44 -2.37 0.24
N GLU A 64 -12.49 -3.17 0.31
CA GLU A 64 -13.39 -3.21 1.47
C GLU A 64 -12.68 -3.72 2.73
N ALA A 65 -11.62 -4.53 2.56
CA ALA A 65 -10.80 -5.00 3.67
C ALA A 65 -9.98 -3.86 4.29
N VAL A 66 -9.19 -3.12 3.50
CA VAL A 66 -8.43 -1.95 3.99
C VAL A 66 -9.35 -0.85 4.53
N LYS A 67 -10.49 -0.60 3.88
CA LYS A 67 -11.55 0.33 4.32
C LYS A 67 -12.11 -0.01 5.72
N ASN A 68 -12.13 -1.29 6.08
CA ASN A 68 -12.49 -1.77 7.42
C ASN A 68 -11.29 -1.72 8.39
N GLU A 69 -10.08 -2.06 7.92
CA GLU A 69 -8.89 -2.15 8.79
C GLU A 69 -8.50 -0.80 9.41
N LEU A 70 -8.64 0.31 8.67
CA LEU A 70 -8.44 1.66 9.21
C LEU A 70 -9.70 2.28 9.88
N ARG A 71 -10.82 1.54 9.93
CA ARG A 71 -12.03 1.89 10.69
C ARG A 71 -12.07 1.24 12.08
N ARG A 72 -11.42 0.07 12.23
CA ARG A 72 -11.43 -0.76 13.45
C ARG A 72 -10.12 -0.70 14.25
N GLN A 73 -10.25 -0.68 15.57
CA GLN A 73 -9.17 -0.71 16.57
C GLN A 73 -9.45 -1.74 17.66
N GLY B 1 -3.75 10.86 13.66
CA GLY B 1 -4.26 9.49 13.83
C GLY B 1 -3.13 8.49 13.88
N LEU B 2 -3.26 7.44 14.70
CA LEU B 2 -2.33 6.31 14.75
C LEU B 2 -2.28 5.57 13.39
N PRO B 3 -1.10 5.43 12.73
CA PRO B 3 -0.96 4.83 11.40
C PRO B 3 -0.84 3.29 11.44
N ASP B 4 -1.68 2.59 12.21
CA ASP B 4 -1.56 1.13 12.44
C ASP B 4 -1.71 0.23 11.21
N VAL B 5 -2.39 0.71 10.15
CA VAL B 5 -2.53 0.01 8.87
C VAL B 5 -1.52 0.55 7.84
N ALA B 6 -1.24 1.86 7.84
CA ALA B 6 -0.29 2.47 6.92
C ALA B 6 1.14 1.97 7.15
N GLN B 7 1.52 1.69 8.41
CA GLN B 7 2.83 1.08 8.70
C GLN B 7 2.97 -0.34 8.11
N ARG B 8 1.86 -1.07 7.91
CA ARG B 8 1.87 -2.36 7.17
C ARG B 8 1.98 -2.18 5.66
N LEU B 9 1.44 -1.09 5.10
CA LEU B 9 1.67 -0.68 3.69
C LEU B 9 3.14 -0.31 3.46
N MET B 10 3.77 0.42 4.40
CA MET B 10 5.22 0.71 4.34
C MET B 10 6.08 -0.57 4.35
N GLN B 11 5.72 -1.56 5.17
CA GLN B 11 6.35 -2.90 5.12
C GLN B 11 6.04 -3.64 3.80
N HIS B 12 4.86 -3.46 3.19
CA HIS B 12 4.52 -4.14 1.94
C HIS B 12 5.30 -3.59 0.75
N LEU B 13 5.59 -2.29 0.68
CA LEU B 13 6.53 -1.75 -0.32
C LEU B 13 7.96 -2.29 -0.08
N ALA B 14 8.34 -2.52 1.19
CA ALA B 14 9.62 -3.15 1.55
C ALA B 14 9.69 -4.66 1.20
N GLU B 15 8.59 -5.32 0.84
CA GLU B 15 8.59 -6.69 0.30
C GLU B 15 9.00 -6.77 -1.18
N HIS B 16 8.98 -5.64 -1.88
CA HIS B 16 9.34 -5.51 -3.31
C HIS B 16 10.53 -4.58 -3.59
N GLY B 17 10.91 -3.75 -2.59
CA GLY B 17 11.99 -2.77 -2.70
C GLY B 17 11.54 -1.41 -3.27
N ILE B 18 10.32 -0.98 -2.95
CA ILE B 18 9.74 0.29 -3.42
C ILE B 18 9.81 1.36 -2.32
N GLN B 19 9.83 2.64 -2.73
CA GLN B 19 9.79 3.81 -1.84
C GLN B 19 8.60 4.74 -2.15
N PRO B 20 8.13 5.52 -1.16
CA PRO B 20 7.18 6.60 -1.39
C PRO B 20 7.83 7.78 -2.15
N ALA B 21 7.03 8.75 -2.55
CA ALA B 21 7.54 10.01 -3.10
C ALA B 21 8.14 10.90 -2.00
N ARG B 22 7.55 10.93 -0.79
CA ARG B 22 8.04 11.71 0.37
C ARG B 22 9.03 10.88 1.20
N ASN B 23 10.08 10.37 0.55
CA ASN B 23 11.09 9.53 1.20
C ASN B 23 12.01 10.28 2.20
N MET B 24 12.02 11.61 2.18
CA MET B 24 12.65 12.50 3.17
C MET B 24 11.92 12.41 4.52
N ALA B 25 12.57 11.78 5.48
CA ALA B 25 12.12 11.66 6.87
C ALA B 25 12.46 12.88 7.74
N GLU B 26 12.98 13.96 7.13
CA GLU B 26 13.29 15.24 7.77
C GLU B 26 12.00 16.02 8.08
N HIS B 27 11.78 16.41 9.34
CA HIS B 27 10.65 17.23 9.80
C HIS B 27 9.27 16.64 9.48
N ILE B 28 8.84 15.75 10.36
CA ILE B 28 7.60 14.96 10.26
C ILE B 28 6.83 14.91 11.60
N PRO B 29 5.47 14.91 11.58
CA PRO B 29 4.66 14.69 12.78
C PRO B 29 4.92 13.30 13.43
N PRO B 30 4.76 13.17 14.77
CA PRO B 30 4.93 11.89 15.48
C PRO B 30 3.87 10.82 15.15
N ALA B 31 2.81 11.25 14.48
CA ALA B 31 1.76 10.44 13.85
C ALA B 31 1.07 11.31 12.77
N PRO B 32 0.70 10.77 11.59
CA PRO B 32 0.15 11.56 10.50
C PRO B 32 -1.16 12.30 10.84
N ASN B 33 -1.37 13.49 10.26
CA ASN B 33 -2.51 14.38 10.52
C ASN B 33 -3.84 13.97 9.85
N TRP B 34 -4.10 12.66 9.75
CA TRP B 34 -5.41 12.11 9.36
C TRP B 34 -6.19 11.66 10.61
N PRO B 35 -7.49 11.94 10.71
CA PRO B 35 -8.28 11.68 11.91
C PRO B 35 -8.51 10.20 12.22
N ALA B 36 -8.66 9.89 13.51
CA ALA B 36 -9.10 8.58 14.02
C ALA B 36 -10.60 8.32 13.71
N PRO B 37 -11.11 7.07 13.85
CA PRO B 37 -12.53 6.76 13.67
C PRO B 37 -13.42 7.62 14.58
N THR B 38 -14.51 8.17 14.03
CA THR B 38 -15.37 9.14 14.74
C THR B 38 -16.02 8.60 16.02
N PRO B 39 -15.79 9.24 17.19
CA PRO B 39 -16.45 8.88 18.45
C PRO B 39 -17.94 9.29 18.45
N PRO B 40 -18.82 8.52 19.12
CA PRO B 40 -20.27 8.73 19.13
C PRO B 40 -20.72 9.94 19.96
N VAL B 41 -21.85 10.53 19.59
CA VAL B 41 -22.53 11.62 20.31
C VAL B 41 -24.05 11.50 20.27
N GLN B 42 -24.68 11.84 21.39
CA GLN B 42 -26.11 11.73 21.67
C GLN B 42 -26.98 12.69 20.83
N ASN B 43 -28.23 12.28 20.54
CA ASN B 43 -29.23 13.09 19.82
C ASN B 43 -29.74 14.27 20.69
N GLU B 44 -30.35 15.27 20.06
CA GLU B 44 -30.99 16.39 20.77
C GLU B 44 -32.16 15.91 21.63
N GLN B 45 -32.18 16.31 22.90
CA GLN B 45 -33.17 15.95 23.91
C GLN B 45 -33.65 17.18 24.68
N SER B 46 -34.84 17.10 25.26
CA SER B 46 -35.44 18.16 26.07
C SER B 46 -35.52 17.78 27.55
N ARG B 47 -35.54 18.77 28.45
CA ARG B 47 -35.79 18.55 29.88
C ARG B 47 -37.23 18.12 30.17
N PRO B 48 -37.46 17.26 31.19
CA PRO B 48 -38.80 16.83 31.62
C PRO B 48 -39.58 17.94 32.36
N GLY A 1 -12.33 -30.23 -0.44
CA GLY A 1 -13.69 -29.70 -0.50
C GLY A 1 -13.71 -28.41 -1.30
N SER A 2 -14.70 -28.27 -2.19
CA SER A 2 -14.81 -27.14 -3.14
C SER A 2 -14.93 -25.75 -2.48
N HIS A 3 -14.74 -24.70 -3.29
CA HIS A 3 -15.02 -23.31 -2.91
C HIS A 3 -15.55 -22.47 -4.08
N MET A 4 -16.08 -21.28 -3.81
CA MET A 4 -16.62 -20.32 -4.79
C MET A 4 -16.06 -18.90 -4.58
N SER A 5 -14.84 -18.81 -4.06
CA SER A 5 -14.14 -17.57 -3.70
C SER A 5 -13.63 -16.74 -4.90
N ASN A 6 -13.98 -17.10 -6.14
CA ASN A 6 -13.50 -16.43 -7.37
C ASN A 6 -13.65 -14.89 -7.26
N PHE A 7 -12.51 -14.21 -7.31
CA PHE A 7 -12.31 -12.76 -7.21
C PHE A 7 -12.85 -12.08 -5.93
N GLN A 8 -13.30 -12.83 -4.92
CA GLN A 8 -13.94 -12.28 -3.71
C GLN A 8 -13.00 -11.45 -2.82
N HIS A 9 -11.70 -11.73 -2.86
CA HIS A 9 -10.64 -11.00 -2.14
C HIS A 9 -9.83 -10.07 -3.04
N ILE A 10 -10.29 -9.81 -4.27
CA ILE A 10 -9.69 -8.85 -5.20
C ILE A 10 -10.22 -7.43 -4.91
N GLY A 11 -9.32 -6.44 -4.88
CA GLY A 11 -9.66 -5.02 -4.78
C GLY A 11 -10.34 -4.44 -6.03
N HIS A 12 -11.63 -4.08 -5.94
CA HIS A 12 -12.33 -3.43 -7.07
C HIS A 12 -11.90 -1.97 -7.23
N VAL A 13 -11.27 -1.64 -8.36
CA VAL A 13 -10.76 -0.28 -8.65
C VAL A 13 -10.42 -0.12 -10.14
N GLY A 14 -10.52 1.09 -10.70
CA GLY A 14 -10.20 1.40 -12.10
C GLY A 14 -8.71 1.34 -12.49
N TRP A 15 -7.88 0.62 -11.73
CA TRP A 15 -6.45 0.40 -12.01
C TRP A 15 -6.23 -0.33 -13.33
N ASP A 16 -5.13 -0.01 -14.02
CA ASP A 16 -4.78 -0.54 -15.33
C ASP A 16 -3.29 -0.89 -15.39
N PRO A 17 -2.88 -2.06 -15.90
CA PRO A 17 -1.48 -2.43 -16.04
C PRO A 17 -0.71 -1.58 -17.07
N ASN A 18 -1.40 -0.67 -17.78
CA ASN A 18 -0.86 0.31 -18.72
C ASN A 18 -0.32 1.59 -18.06
N THR A 19 -0.93 2.03 -16.96
CA THR A 19 -0.60 3.33 -16.31
C THR A 19 -0.79 3.36 -14.79
N GLY A 20 -1.33 2.32 -14.18
CA GLY A 20 -1.54 2.23 -12.73
C GLY A 20 -2.95 2.66 -12.30
N PHE A 21 -3.07 3.32 -11.15
CA PHE A 21 -4.34 3.70 -10.55
C PHE A 21 -5.05 4.84 -11.31
N ASP A 22 -6.37 4.71 -11.53
CA ASP A 22 -7.17 5.80 -12.08
C ASP A 22 -7.60 6.78 -10.98
N LEU A 23 -7.01 7.97 -10.98
CA LEU A 23 -7.26 9.03 -10.00
C LEU A 23 -8.74 9.48 -9.98
N ASN A 24 -9.42 9.44 -11.14
CA ASN A 24 -10.83 9.80 -11.30
C ASN A 24 -11.81 8.80 -10.65
N ASN A 25 -11.32 7.59 -10.36
CA ASN A 25 -12.11 6.47 -9.84
C ASN A 25 -11.55 5.87 -8.53
N LEU A 26 -10.47 6.44 -8.01
CA LEU A 26 -9.80 5.97 -6.80
C LEU A 26 -10.67 6.13 -5.55
N ASP A 27 -10.65 5.12 -4.69
CA ASP A 27 -11.37 5.15 -3.41
C ASP A 27 -10.73 6.15 -2.43
N PRO A 28 -11.53 6.98 -1.74
CA PRO A 28 -11.04 8.04 -0.88
C PRO A 28 -10.52 7.51 0.46
N GLU A 29 -10.98 6.32 0.89
CA GLU A 29 -10.49 5.65 2.08
C GLU A 29 -9.26 4.80 1.77
N LEU A 30 -9.17 4.15 0.60
CA LEU A 30 -7.89 3.54 0.20
C LEU A 30 -6.79 4.61 0.02
N LYS A 31 -7.17 5.82 -0.43
CA LYS A 31 -6.25 6.97 -0.57
C LYS A 31 -5.68 7.44 0.78
N ASN A 32 -6.42 7.31 1.89
CA ASN A 32 -5.94 7.65 3.24
C ASN A 32 -4.58 7.01 3.54
N LEU A 33 -4.47 5.71 3.24
CA LEU A 33 -3.28 4.93 3.52
C LEU A 33 -2.11 5.37 2.65
N PHE A 34 -2.37 5.60 1.36
CA PHE A 34 -1.38 6.03 0.39
C PHE A 34 -0.75 7.38 0.82
N ASP A 35 -1.62 8.30 1.25
CA ASP A 35 -1.23 9.65 1.63
C ASP A 35 -0.50 9.71 2.99
N MET A 36 -0.92 8.91 3.97
CA MET A 36 -0.22 8.78 5.25
C MET A 36 1.22 8.29 5.08
N CYS A 37 1.45 7.38 4.14
CA CYS A 37 2.76 6.82 3.83
C CYS A 37 3.69 7.73 2.99
N GLY A 38 3.16 8.77 2.37
CA GLY A 38 3.92 9.71 1.54
C GLY A 38 3.96 9.34 0.05
N ILE A 39 3.00 8.54 -0.42
CA ILE A 39 2.87 8.18 -1.84
C ILE A 39 2.09 9.30 -2.55
N SER A 40 2.65 9.85 -3.64
CA SER A 40 2.03 10.90 -4.45
C SER A 40 1.51 10.34 -5.78
N GLU A 41 0.66 11.08 -6.49
CA GLU A 41 0.00 10.68 -7.75
C GLU A 41 1.00 10.20 -8.81
N ALA A 42 2.19 10.80 -8.86
CA ALA A 42 3.29 10.35 -9.72
C ALA A 42 3.67 8.87 -9.54
N GLN A 43 3.62 8.37 -8.31
CA GLN A 43 3.86 6.96 -7.98
C GLN A 43 2.64 6.09 -8.34
N LEU A 44 1.43 6.65 -8.18
CA LEU A 44 0.15 6.03 -8.56
C LEU A 44 -0.06 5.93 -10.08
N LYS A 45 0.70 6.69 -10.86
CA LYS A 45 0.77 6.61 -12.34
C LYS A 45 2.00 5.85 -12.88
N ASP A 46 2.82 5.29 -11.99
CA ASP A 46 3.89 4.36 -12.37
C ASP A 46 3.35 2.93 -12.38
N ARG A 47 3.47 2.21 -13.49
CA ARG A 47 3.07 0.80 -13.62
C ARG A 47 3.65 -0.10 -12.52
N GLU A 48 4.98 -0.14 -12.40
CA GLU A 48 5.68 -1.08 -11.49
C GLU A 48 5.43 -0.77 -10.02
N THR A 49 5.49 0.50 -9.62
CA THR A 49 5.13 0.94 -8.26
C THR A 49 3.67 0.64 -7.94
N SER A 50 2.74 1.07 -8.81
CA SER A 50 1.30 0.85 -8.57
C SER A 50 0.91 -0.62 -8.53
N LYS A 51 1.61 -1.48 -9.27
CA LYS A 51 1.46 -2.95 -9.25
C LYS A 51 1.90 -3.55 -7.90
N VAL A 52 2.92 -2.98 -7.23
CA VAL A 52 3.34 -3.38 -5.88
C VAL A 52 2.34 -2.88 -4.84
N ILE A 53 1.91 -1.63 -4.96
CA ILE A 53 0.95 -1.03 -4.03
C ILE A 53 -0.36 -1.80 -4.04
N TYR A 54 -0.88 -2.12 -5.23
CA TYR A 54 -2.12 -2.89 -5.39
C TYR A 54 -2.04 -4.27 -4.71
N ASP A 55 -0.88 -4.92 -4.69
CA ASP A 55 -0.67 -6.22 -4.05
C ASP A 55 -1.11 -6.23 -2.58
N PHE A 56 -0.91 -5.11 -1.86
CA PHE A 56 -1.29 -4.99 -0.46
C PHE A 56 -2.82 -5.00 -0.26
N ILE A 57 -3.55 -4.36 -1.18
CA ILE A 57 -5.02 -4.28 -1.15
C ILE A 57 -5.61 -5.66 -1.40
N GLU A 58 -5.29 -6.32 -2.51
CA GLU A 58 -5.75 -7.70 -2.74
C GLU A 58 -5.25 -8.67 -1.65
N LYS A 59 -4.06 -8.44 -1.05
CA LYS A 59 -3.53 -9.24 0.08
C LYS A 59 -4.44 -9.23 1.31
N THR A 60 -4.80 -8.06 1.82
CA THR A 60 -5.68 -7.99 3.00
C THR A 60 -7.08 -8.53 2.71
N GLY A 61 -7.50 -8.50 1.43
CA GLY A 61 -8.80 -9.01 0.97
C GLY A 61 -9.59 -8.01 0.11
N GLY A 62 -8.94 -7.26 -0.79
CA GLY A 62 -9.52 -6.20 -1.60
C GLY A 62 -9.76 -4.88 -0.85
N VAL A 63 -10.45 -3.94 -1.50
CA VAL A 63 -10.63 -2.58 -0.94
C VAL A 63 -11.53 -2.58 0.29
N GLU A 64 -12.55 -3.44 0.33
CA GLU A 64 -13.45 -3.57 1.49
C GLU A 64 -12.67 -3.92 2.77
N ALA A 65 -11.51 -4.58 2.65
CA ALA A 65 -10.66 -4.90 3.78
C ALA A 65 -9.90 -3.67 4.30
N VAL A 66 -9.12 -2.98 3.46
CA VAL A 66 -8.36 -1.77 3.87
C VAL A 66 -9.28 -0.65 4.38
N LYS A 67 -10.44 -0.46 3.74
CA LYS A 67 -11.47 0.52 4.13
C LYS A 67 -12.02 0.29 5.54
N ASN A 68 -12.06 -0.98 5.97
CA ASN A 68 -12.39 -1.39 7.34
C ASN A 68 -11.18 -1.36 8.28
N GLU A 69 -9.98 -1.77 7.82
CA GLU A 69 -8.80 -1.91 8.68
C GLU A 69 -8.40 -0.59 9.35
N LEU A 70 -8.46 0.52 8.61
CA LEU A 70 -8.17 1.87 9.14
C LEU A 70 -9.35 2.53 9.88
N ARG A 71 -10.55 1.94 9.81
CA ARG A 71 -11.77 2.37 10.51
C ARG A 71 -11.92 1.71 11.88
N ARG A 72 -11.57 0.42 12.00
CA ARG A 72 -11.67 -0.40 13.23
C ARG A 72 -11.02 0.27 14.45
N GLN A 73 -11.59 0.03 15.64
CA GLN A 73 -11.18 0.61 16.93
C GLN A 73 -11.54 -0.29 18.11
N GLY B 1 0.91 8.45 15.52
CA GLY B 1 0.21 9.04 14.39
C GLY B 1 -0.06 8.01 13.32
N LEU B 2 1.00 7.52 12.67
CA LEU B 2 0.95 6.53 11.59
C LEU B 2 0.33 5.20 12.11
N PRO B 3 -0.87 4.82 11.64
CA PRO B 3 -1.58 3.65 12.14
C PRO B 3 -0.99 2.33 11.65
N ASP B 4 -1.28 1.22 12.35
CA ASP B 4 -0.71 -0.10 12.05
C ASP B 4 -1.00 -0.57 10.61
N VAL B 5 -2.22 -0.32 10.11
CA VAL B 5 -2.62 -0.51 8.70
C VAL B 5 -1.73 0.24 7.68
N ALA B 6 -1.29 1.46 8.00
CA ALA B 6 -0.40 2.25 7.14
C ALA B 6 1.07 1.84 7.29
N GLN B 7 1.51 1.49 8.51
CA GLN B 7 2.82 0.87 8.73
C GLN B 7 2.95 -0.43 7.92
N ARG B 8 1.89 -1.25 7.89
CA ARG B 8 1.83 -2.48 7.08
C ARG B 8 1.88 -2.21 5.57
N LEU B 9 1.28 -1.13 5.06
CA LEU B 9 1.50 -0.71 3.65
C LEU B 9 2.98 -0.39 3.40
N MET B 10 3.62 0.41 4.26
CA MET B 10 5.05 0.75 4.13
C MET B 10 5.97 -0.48 4.18
N GLN B 11 5.70 -1.43 5.07
CA GLN B 11 6.43 -2.68 5.16
C GLN B 11 6.10 -3.66 4.02
N HIS B 12 4.92 -3.60 3.40
CA HIS B 12 4.63 -4.39 2.19
C HIS B 12 5.41 -3.89 0.96
N LEU B 13 5.51 -2.57 0.77
CA LEU B 13 6.37 -1.98 -0.27
C LEU B 13 7.85 -2.33 -0.07
N ALA B 14 8.28 -2.57 1.17
CA ALA B 14 9.64 -3.00 1.51
C ALA B 14 9.95 -4.46 1.10
N GLU B 15 8.93 -5.27 0.76
CA GLU B 15 9.13 -6.61 0.22
C GLU B 15 9.58 -6.58 -1.25
N HIS B 16 9.16 -5.55 -2.00
CA HIS B 16 9.48 -5.39 -3.42
C HIS B 16 10.59 -4.34 -3.67
N GLY B 17 10.80 -3.44 -2.69
CA GLY B 17 11.83 -2.39 -2.71
C GLY B 17 11.32 -1.02 -3.21
N ILE B 18 10.08 -0.63 -2.88
CA ILE B 18 9.50 0.65 -3.36
C ILE B 18 9.74 1.79 -2.36
N GLN B 19 10.12 2.97 -2.88
CA GLN B 19 10.20 4.23 -2.12
C GLN B 19 8.90 5.06 -2.25
N PRO B 20 8.49 5.82 -1.22
CA PRO B 20 7.43 6.82 -1.35
C PRO B 20 7.95 8.06 -2.12
N ALA B 21 7.04 8.94 -2.53
CA ALA B 21 7.39 10.25 -3.07
C ALA B 21 7.97 11.17 -1.99
N ARG B 22 7.41 11.15 -0.76
CA ARG B 22 7.95 11.86 0.42
C ARG B 22 9.11 11.10 1.08
N ASN B 23 10.04 10.60 0.26
CA ASN B 23 11.16 9.74 0.64
C ASN B 23 12.00 10.25 1.81
N MET B 24 12.49 9.32 2.63
CA MET B 24 13.31 9.54 3.82
C MET B 24 14.47 8.54 3.92
N ALA B 25 15.45 8.90 4.73
CA ALA B 25 16.65 8.13 5.05
C ALA B 25 16.35 6.91 5.95
N GLU B 26 15.74 5.89 5.35
CA GLU B 26 15.40 4.61 5.99
C GLU B 26 16.64 3.74 6.33
N HIS B 27 16.45 2.68 7.12
CA HIS B 27 17.50 1.74 7.59
C HIS B 27 17.97 0.75 6.51
N ILE B 28 19.12 0.12 6.74
CA ILE B 28 19.69 -0.95 5.90
C ILE B 28 20.19 -2.17 6.71
N PRO B 29 20.18 -3.39 6.13
CA PRO B 29 20.82 -4.59 6.67
C PRO B 29 22.33 -4.65 6.35
N PRO B 30 23.10 -5.57 6.96
CA PRO B 30 24.52 -5.81 6.63
C PRO B 30 24.71 -6.45 5.24
N ALA B 31 24.74 -5.61 4.22
CA ALA B 31 25.00 -5.91 2.80
C ALA B 31 25.59 -4.66 2.12
N PRO B 32 26.46 -4.77 1.09
CA PRO B 32 27.14 -3.62 0.49
C PRO B 32 26.20 -2.63 -0.24
N ASN B 33 26.59 -1.36 -0.20
CA ASN B 33 25.87 -0.20 -0.76
C ASN B 33 26.74 0.54 -1.81
N TRP B 34 26.16 1.50 -2.53
CA TRP B 34 26.80 2.21 -3.64
C TRP B 34 26.36 3.69 -3.73
N PRO B 35 26.99 4.55 -4.56
CA PRO B 35 26.69 5.98 -4.66
C PRO B 35 25.23 6.31 -5.04
N ALA B 36 24.85 7.58 -4.86
CA ALA B 36 23.55 8.10 -5.31
C ALA B 36 23.40 8.09 -6.85
N PRO B 37 22.16 8.02 -7.39
CA PRO B 37 21.89 8.04 -8.83
C PRO B 37 22.51 9.24 -9.58
N THR B 38 22.99 9.01 -10.81
CA THR B 38 23.58 10.03 -11.68
C THR B 38 23.41 9.67 -13.17
N PRO B 39 22.74 10.50 -13.99
CA PRO B 39 22.65 10.31 -15.45
C PRO B 39 24.01 10.35 -16.19
N PRO B 40 24.12 9.80 -17.41
CA PRO B 40 25.38 9.68 -18.16
C PRO B 40 25.77 10.92 -18.97
N VAL B 41 25.33 12.10 -18.55
CA VAL B 41 25.51 13.36 -19.29
C VAL B 41 25.96 14.54 -18.42
N GLN B 42 26.78 15.41 -19.04
CA GLN B 42 27.22 16.70 -18.51
C GLN B 42 26.04 17.65 -18.28
N ASN B 43 26.02 18.38 -17.16
CA ASN B 43 24.91 19.25 -16.75
C ASN B 43 24.57 20.34 -17.79
N GLU B 44 23.29 20.67 -17.92
CA GLU B 44 22.73 21.64 -18.86
C GLU B 44 22.18 22.92 -18.19
N GLN B 45 22.22 22.98 -16.85
CA GLN B 45 21.83 24.12 -16.01
C GLN B 45 22.76 24.26 -14.79
N SER B 46 22.93 25.49 -14.30
CA SER B 46 23.65 25.83 -13.06
C SER B 46 23.13 27.16 -12.46
N ARG B 47 23.48 27.46 -11.19
CA ARG B 47 23.00 28.65 -10.48
C ARG B 47 24.10 29.22 -9.54
N PRO B 48 24.97 30.11 -10.06
CA PRO B 48 26.12 30.69 -9.33
C PRO B 48 25.77 31.68 -8.21
N GLY A 1 -20.25 -27.69 -0.34
CA GLY A 1 -20.44 -26.43 -1.09
C GLY A 1 -19.15 -25.94 -1.70
N SER A 2 -19.03 -25.99 -3.03
CA SER A 2 -17.88 -25.53 -3.81
C SER A 2 -17.83 -24.00 -3.95
N HIS A 3 -16.65 -23.43 -4.21
CA HIS A 3 -16.43 -21.99 -4.42
C HIS A 3 -17.21 -21.45 -5.62
N MET A 4 -17.65 -20.19 -5.56
CA MET A 4 -18.33 -19.50 -6.67
C MET A 4 -17.37 -18.66 -7.53
N SER A 5 -16.36 -18.04 -6.93
CA SER A 5 -15.39 -17.17 -7.62
C SER A 5 -14.08 -17.04 -6.84
N ASN A 6 -12.94 -17.40 -7.45
CA ASN A 6 -11.62 -17.11 -6.89
C ASN A 6 -11.31 -15.60 -6.85
N PHE A 7 -12.10 -14.78 -7.54
CA PHE A 7 -11.97 -13.31 -7.56
C PHE A 7 -12.90 -12.61 -6.54
N GLN A 8 -13.57 -13.36 -5.65
CA GLN A 8 -14.55 -12.85 -4.68
C GLN A 8 -13.99 -11.75 -3.76
N HIS A 9 -12.70 -11.82 -3.40
CA HIS A 9 -12.04 -10.89 -2.49
C HIS A 9 -11.03 -9.97 -3.21
N ILE A 10 -11.20 -9.74 -4.51
CA ILE A 10 -10.43 -8.74 -5.27
C ILE A 10 -10.90 -7.32 -4.95
N GLY A 11 -9.96 -6.38 -4.86
CA GLY A 11 -10.23 -4.95 -4.73
C GLY A 11 -10.74 -4.29 -6.00
N HIS A 12 -12.03 -3.99 -6.05
CA HIS A 12 -12.63 -3.15 -7.10
C HIS A 12 -12.07 -1.73 -7.05
N VAL A 13 -11.33 -1.38 -8.09
CA VAL A 13 -10.72 -0.06 -8.39
C VAL A 13 -10.22 -0.11 -9.82
N GLY A 14 -10.26 1.02 -10.54
CA GLY A 14 -9.89 1.13 -11.96
C GLY A 14 -8.42 0.91 -12.32
N TRP A 15 -7.64 0.25 -11.45
CA TRP A 15 -6.21 -0.05 -11.67
C TRP A 15 -6.02 -0.98 -12.88
N ASP A 16 -4.97 -0.76 -13.66
CA ASP A 16 -4.64 -1.55 -14.84
C ASP A 16 -3.11 -1.56 -15.11
N PRO A 17 -2.51 -2.68 -15.52
CA PRO A 17 -1.07 -2.85 -15.69
C PRO A 17 -0.42 -2.00 -16.81
N ASN A 18 -1.20 -1.25 -17.58
CA ASN A 18 -0.72 -0.29 -18.59
C ASN A 18 -0.50 1.15 -18.11
N THR A 19 -1.13 1.55 -17.01
CA THR A 19 -1.12 2.94 -16.49
C THR A 19 -1.21 3.05 -14.96
N GLY A 20 -1.46 1.94 -14.28
CA GLY A 20 -1.56 1.88 -12.81
C GLY A 20 -2.95 2.33 -12.36
N PHE A 21 -3.03 3.12 -11.29
CA PHE A 21 -4.31 3.56 -10.72
C PHE A 21 -5.05 4.61 -11.57
N ASP A 22 -6.38 4.47 -11.63
CA ASP A 22 -7.32 5.45 -12.21
C ASP A 22 -7.70 6.51 -11.16
N LEU A 23 -7.03 7.67 -11.18
CA LEU A 23 -7.19 8.74 -10.21
C LEU A 23 -8.62 9.30 -10.12
N ASN A 24 -9.40 9.20 -11.20
CA ASN A 24 -10.80 9.65 -11.24
C ASN A 24 -11.77 8.73 -10.49
N ASN A 25 -11.40 7.47 -10.22
CA ASN A 25 -12.22 6.48 -9.50
C ASN A 25 -11.61 5.98 -8.17
N LEU A 26 -10.39 6.38 -7.84
CA LEU A 26 -9.65 5.91 -6.66
C LEU A 26 -10.37 6.27 -5.34
N ASP A 27 -10.55 5.29 -4.46
CA ASP A 27 -11.31 5.41 -3.20
C ASP A 27 -10.61 6.35 -2.18
N PRO A 28 -11.33 7.23 -1.49
CA PRO A 28 -10.74 8.22 -0.59
C PRO A 28 -10.27 7.62 0.74
N GLU A 29 -10.85 6.49 1.19
CA GLU A 29 -10.37 5.74 2.35
C GLU A 29 -9.15 4.90 1.99
N LEU A 30 -9.11 4.29 0.79
CA LEU A 30 -7.85 3.67 0.33
C LEU A 30 -6.75 4.73 0.14
N LYS A 31 -7.09 5.93 -0.31
CA LYS A 31 -6.18 7.07 -0.48
C LYS A 31 -5.61 7.61 0.83
N ASN A 32 -6.34 7.51 1.94
CA ASN A 32 -5.85 7.93 3.27
C ASN A 32 -4.54 7.22 3.63
N LEU A 33 -4.48 5.91 3.37
CA LEU A 33 -3.29 5.09 3.58
C LEU A 33 -2.14 5.49 2.67
N PHE A 34 -2.44 5.76 1.40
CA PHE A 34 -1.44 6.16 0.40
C PHE A 34 -0.79 7.50 0.79
N ASP A 35 -1.62 8.41 1.27
CA ASP A 35 -1.21 9.76 1.66
C ASP A 35 -0.46 9.78 3.00
N MET A 36 -0.89 9.01 4.00
CA MET A 36 -0.14 8.88 5.27
C MET A 36 1.27 8.31 5.05
N CYS A 37 1.44 7.45 4.03
CA CYS A 37 2.73 6.88 3.64
C CYS A 37 3.61 7.79 2.77
N GLY A 38 3.10 8.91 2.26
CA GLY A 38 3.86 9.88 1.45
C GLY A 38 3.91 9.54 -0.04
N ILE A 39 2.97 8.75 -0.55
CA ILE A 39 2.89 8.37 -1.96
C ILE A 39 2.15 9.47 -2.73
N SER A 40 2.75 10.03 -3.79
CA SER A 40 2.12 11.04 -4.66
C SER A 40 1.52 10.40 -5.92
N GLU A 41 0.64 11.11 -6.62
CA GLU A 41 -0.07 10.62 -7.82
C GLU A 41 0.89 10.15 -8.92
N ALA A 42 2.07 10.77 -9.06
CA ALA A 42 3.14 10.31 -9.95
C ALA A 42 3.58 8.85 -9.70
N GLN A 43 3.53 8.40 -8.45
CA GLN A 43 3.79 7.01 -8.07
C GLN A 43 2.60 6.11 -8.45
N LEU A 44 1.37 6.63 -8.29
CA LEU A 44 0.10 5.94 -8.60
C LEU A 44 -0.15 5.79 -10.10
N LYS A 45 0.54 6.57 -10.94
CA LYS A 45 0.60 6.42 -12.40
C LYS A 45 1.78 5.58 -12.92
N ASP A 46 2.66 5.13 -12.02
CA ASP A 46 3.81 4.28 -12.36
C ASP A 46 3.40 2.80 -12.33
N ARG A 47 3.63 2.06 -13.42
CA ARG A 47 3.27 0.63 -13.52
C ARG A 47 3.85 -0.22 -12.39
N GLU A 48 5.18 -0.22 -12.26
CA GLU A 48 5.92 -1.11 -11.34
C GLU A 48 5.64 -0.77 -9.87
N THR A 49 5.65 0.52 -9.52
CA THR A 49 5.27 0.99 -8.18
C THR A 49 3.83 0.63 -7.85
N SER A 50 2.88 1.00 -8.70
CA SER A 50 1.44 0.78 -8.46
C SER A 50 1.07 -0.69 -8.40
N LYS A 51 1.80 -1.56 -9.11
CA LYS A 51 1.71 -3.02 -9.01
C LYS A 51 2.11 -3.56 -7.62
N VAL A 52 3.17 -3.02 -6.98
CA VAL A 52 3.54 -3.41 -5.60
C VAL A 52 2.51 -2.86 -4.60
N ILE A 53 2.03 -1.64 -4.82
CA ILE A 53 1.02 -1.00 -3.97
C ILE A 53 -0.30 -1.77 -4.00
N TYR A 54 -0.88 -2.03 -5.18
CA TYR A 54 -2.18 -2.70 -5.30
C TYR A 54 -2.18 -4.09 -4.67
N ASP A 55 -1.03 -4.78 -4.71
CA ASP A 55 -0.84 -6.10 -4.10
C ASP A 55 -1.23 -6.12 -2.62
N PHE A 56 -1.01 -5.02 -1.89
CA PHE A 56 -1.32 -4.88 -0.47
C PHE A 56 -2.83 -4.85 -0.21
N ILE A 57 -3.61 -4.32 -1.16
CA ILE A 57 -5.06 -4.22 -1.08
C ILE A 57 -5.68 -5.60 -1.34
N GLU A 58 -5.41 -6.22 -2.48
CA GLU A 58 -5.92 -7.58 -2.75
C GLU A 58 -5.43 -8.61 -1.69
N LYS A 59 -4.23 -8.43 -1.13
CA LYS A 59 -3.67 -9.26 -0.04
C LYS A 59 -4.61 -9.41 1.15
N THR A 60 -5.12 -8.30 1.68
CA THR A 60 -6.02 -8.33 2.84
C THR A 60 -7.46 -8.75 2.46
N GLY A 61 -7.79 -8.74 1.16
CA GLY A 61 -9.11 -9.07 0.61
C GLY A 61 -9.79 -7.89 -0.09
N GLY A 62 -9.05 -7.08 -0.86
CA GLY A 62 -9.59 -5.98 -1.64
C GLY A 62 -9.76 -4.66 -0.89
N VAL A 63 -10.45 -3.69 -1.51
CA VAL A 63 -10.58 -2.33 -0.98
C VAL A 63 -11.44 -2.32 0.29
N GLU A 64 -12.52 -3.09 0.31
CA GLU A 64 -13.45 -3.16 1.45
C GLU A 64 -12.80 -3.79 2.69
N ALA A 65 -11.68 -4.49 2.50
CA ALA A 65 -10.86 -4.99 3.58
C ALA A 65 -9.96 -3.91 4.20
N VAL A 66 -9.17 -3.17 3.40
CA VAL A 66 -8.35 -2.06 3.91
C VAL A 66 -9.21 -0.94 4.51
N LYS A 67 -10.37 -0.68 3.91
CA LYS A 67 -11.43 0.22 4.42
C LYS A 67 -11.98 -0.19 5.79
N ASN A 68 -11.87 -1.48 6.16
CA ASN A 68 -12.15 -2.00 7.50
C ASN A 68 -10.89 -1.98 8.40
N GLU A 69 -9.70 -2.30 7.89
CA GLU A 69 -8.46 -2.34 8.70
C GLU A 69 -8.09 -0.97 9.29
N LEU A 70 -8.36 0.14 8.57
CA LEU A 70 -8.20 1.51 9.09
C LEU A 70 -9.45 2.08 9.80
N ARG A 71 -10.55 1.32 9.83
CA ARG A 71 -11.76 1.58 10.65
C ARG A 71 -11.57 0.99 12.06
N ARG A 72 -10.92 -0.17 12.13
CA ARG A 72 -10.47 -0.81 13.38
C ARG A 72 -9.39 0.07 14.02
N GLN A 73 -9.47 0.24 15.34
CA GLN A 73 -8.59 1.14 16.11
C GLN A 73 -8.35 0.63 17.53
N GLY B 1 3.66 9.97 14.87
CA GLY B 1 3.05 8.64 15.04
C GLY B 1 1.98 8.36 13.99
N LEU B 2 1.79 7.08 13.65
CA LEU B 2 0.87 6.57 12.61
C LEU B 2 0.20 5.23 13.01
N PRO B 3 -0.99 4.90 12.48
CA PRO B 3 -1.71 3.64 12.74
C PRO B 3 -1.04 2.40 12.12
N ASP B 4 -1.49 1.20 12.50
CA ASP B 4 -0.86 -0.07 12.05
C ASP B 4 -0.89 -0.23 10.52
N VAL B 5 -2.02 0.08 9.88
CA VAL B 5 -2.22 -0.12 8.43
C VAL B 5 -1.22 0.69 7.58
N ALA B 6 -0.81 1.87 8.06
CA ALA B 6 0.21 2.68 7.39
C ALA B 6 1.62 2.08 7.53
N GLN B 7 1.99 1.59 8.72
CA GLN B 7 3.27 0.88 8.93
C GLN B 7 3.34 -0.38 8.05
N ARG B 8 2.24 -1.15 8.01
CA ARG B 8 2.09 -2.34 7.17
C ARG B 8 2.27 -2.02 5.67
N LEU B 9 1.68 -0.94 5.17
CA LEU B 9 1.87 -0.47 3.79
C LEU B 9 3.33 -0.06 3.52
N MET B 10 3.96 0.68 4.44
CA MET B 10 5.37 1.08 4.32
C MET B 10 6.32 -0.11 4.26
N GLN B 11 6.17 -1.12 5.13
CA GLN B 11 7.00 -2.33 5.09
C GLN B 11 6.68 -3.24 3.89
N HIS B 12 5.47 -3.16 3.33
CA HIS B 12 5.09 -3.92 2.13
C HIS B 12 5.81 -3.45 0.87
N LEU B 13 6.02 -2.12 0.71
CA LEU B 13 6.88 -1.59 -0.36
C LEU B 13 8.36 -1.90 -0.15
N ALA B 14 8.82 -2.04 1.10
CA ALA B 14 10.22 -2.31 1.42
C ALA B 14 10.66 -3.70 0.91
N GLU B 15 9.72 -4.65 0.83
CA GLU B 15 9.93 -5.97 0.21
C GLU B 15 10.31 -5.91 -1.27
N HIS B 16 10.00 -4.81 -1.98
CA HIS B 16 10.41 -4.55 -3.36
C HIS B 16 11.32 -3.32 -3.50
N GLY B 17 11.64 -2.68 -2.36
CA GLY B 17 12.50 -1.50 -2.28
C GLY B 17 11.85 -0.23 -2.85
N ILE B 18 10.52 -0.13 -2.89
CA ILE B 18 9.84 1.02 -3.47
C ILE B 18 9.84 2.17 -2.47
N GLN B 19 10.17 3.38 -2.93
CA GLN B 19 10.20 4.59 -2.12
C GLN B 19 8.91 5.43 -2.27
N PRO B 20 8.51 6.18 -1.23
CA PRO B 20 7.44 7.19 -1.36
C PRO B 20 7.96 8.42 -2.11
N ALA B 21 7.05 9.33 -2.49
CA ALA B 21 7.41 10.63 -3.02
C ALA B 21 7.87 11.60 -1.92
N ARG B 22 7.23 11.56 -0.74
CA ARG B 22 7.66 12.29 0.46
C ARG B 22 8.71 11.50 1.26
N ASN B 23 9.77 11.07 0.58
CA ASN B 23 10.83 10.20 1.10
C ASN B 23 11.65 10.82 2.26
N MET B 24 12.29 9.94 3.03
CA MET B 24 13.20 10.26 4.15
C MET B 24 12.61 11.21 5.21
N ALA B 25 11.41 10.88 5.69
CA ALA B 25 10.72 11.57 6.78
C ALA B 25 10.65 10.71 8.07
N GLU B 26 11.66 10.82 8.94
CA GLU B 26 11.76 10.13 10.23
C GLU B 26 10.71 10.62 11.25
N HIS B 27 10.09 9.72 12.03
CA HIS B 27 9.13 10.02 13.10
C HIS B 27 9.30 9.19 14.38
N ILE B 28 10.18 8.18 14.36
CA ILE B 28 10.55 7.22 15.41
C ILE B 28 9.39 6.29 15.86
N PRO B 29 9.51 4.96 15.63
CA PRO B 29 8.54 3.99 16.15
C PRO B 29 8.59 3.94 17.70
N PRO B 30 7.47 4.01 18.42
CA PRO B 30 7.47 4.01 19.89
C PRO B 30 7.83 2.63 20.47
N ALA B 31 8.69 2.62 21.49
CA ALA B 31 9.05 1.47 22.32
C ALA B 31 9.29 0.12 21.57
N PRO B 32 10.19 0.06 20.56
CA PRO B 32 10.42 -1.13 19.73
C PRO B 32 11.25 -2.22 20.43
N ASN B 33 11.28 -3.41 19.83
CA ASN B 33 12.12 -4.54 20.21
C ASN B 33 13.63 -4.29 19.99
N TRP B 34 14.47 -4.98 20.76
CA TRP B 34 15.94 -4.89 20.72
C TRP B 34 16.59 -5.80 19.66
N PRO B 35 17.79 -5.45 19.15
CA PRO B 35 18.61 -6.31 18.28
C PRO B 35 19.26 -7.47 19.07
N ALA B 36 20.04 -8.32 18.38
CA ALA B 36 20.81 -9.43 18.96
C ALA B 36 22.34 -9.30 18.74
N PRO B 37 23.00 -8.25 19.27
CA PRO B 37 24.44 -8.05 19.14
C PRO B 37 25.26 -9.06 19.98
N THR B 38 26.55 -9.16 19.66
CA THR B 38 27.57 -9.89 20.46
C THR B 38 28.96 -9.30 20.17
N PRO B 39 29.86 -9.12 21.16
CA PRO B 39 31.14 -8.46 20.93
C PRO B 39 32.13 -9.27 20.06
N PRO B 40 33.13 -8.64 19.40
CA PRO B 40 34.19 -9.32 18.62
C PRO B 40 35.22 -10.16 19.42
N VAL B 41 34.78 -10.82 20.50
CA VAL B 41 35.59 -11.68 21.37
C VAL B 41 36.07 -12.94 20.65
N GLN B 42 37.11 -13.57 21.22
CA GLN B 42 37.77 -14.76 20.69
C GLN B 42 36.84 -15.98 20.65
N ASN B 43 36.95 -16.80 19.60
CA ASN B 43 36.17 -18.02 19.39
C ASN B 43 36.85 -18.97 18.37
N GLU B 44 38.16 -19.18 18.48
CA GLU B 44 38.92 -20.05 17.56
C GLU B 44 38.49 -21.52 17.67
N GLN B 45 38.40 -22.18 16.52
CA GLN B 45 37.90 -23.56 16.38
C GLN B 45 38.44 -24.18 15.08
N SER B 46 38.81 -25.46 15.11
CA SER B 46 39.23 -26.23 13.92
C SER B 46 38.10 -26.34 12.87
N ARG B 47 38.49 -26.51 11.60
CA ARG B 47 37.59 -26.67 10.43
C ARG B 47 38.26 -27.50 9.32
N PRO B 48 37.50 -28.19 8.45
CA PRO B 48 38.04 -28.81 7.24
C PRO B 48 38.51 -27.77 6.22
N GLY A 1 -24.78 -11.92 -4.78
CA GLY A 1 -24.85 -12.40 -6.16
C GLY A 1 -24.37 -13.84 -6.24
N SER A 2 -24.97 -14.68 -7.09
CA SER A 2 -24.63 -16.12 -7.22
C SER A 2 -23.29 -16.41 -7.94
N HIS A 3 -22.40 -15.41 -8.04
CA HIS A 3 -21.13 -15.43 -8.76
C HIS A 3 -20.11 -16.46 -8.25
N MET A 4 -19.24 -16.90 -9.15
CA MET A 4 -18.09 -17.77 -8.82
C MET A 4 -16.93 -16.95 -8.22
N SER A 5 -16.02 -17.62 -7.48
CA SER A 5 -14.92 -17.00 -6.72
C SER A 5 -13.82 -16.27 -7.53
N ASN A 6 -13.97 -16.15 -8.85
CA ASN A 6 -13.00 -15.60 -9.80
C ASN A 6 -12.52 -14.16 -9.52
N PHE A 7 -13.23 -13.40 -8.67
CA PHE A 7 -12.86 -12.03 -8.26
C PHE A 7 -13.05 -11.79 -6.74
N GLN A 8 -13.26 -12.85 -5.96
CA GLN A 8 -13.51 -12.76 -4.54
C GLN A 8 -12.28 -12.24 -3.78
N HIS A 9 -12.49 -11.29 -2.87
CA HIS A 9 -11.41 -10.59 -2.13
C HIS A 9 -10.37 -9.89 -3.02
N ILE A 10 -10.69 -9.63 -4.30
CA ILE A 10 -9.90 -8.77 -5.18
C ILE A 10 -10.35 -7.32 -4.99
N GLY A 11 -9.42 -6.37 -4.87
CA GLY A 11 -9.73 -4.95 -4.76
C GLY A 11 -10.35 -4.34 -6.01
N HIS A 12 -11.68 -4.17 -6.01
CA HIS A 12 -12.41 -3.44 -7.05
C HIS A 12 -12.05 -1.96 -7.07
N VAL A 13 -11.22 -1.60 -8.05
CA VAL A 13 -10.77 -0.23 -8.38
C VAL A 13 -10.37 -0.18 -9.85
N GLY A 14 -10.28 1.02 -10.43
CA GLY A 14 -9.79 1.27 -11.79
C GLY A 14 -8.28 1.12 -11.95
N TRP A 15 -7.69 0.02 -11.49
CA TRP A 15 -6.28 -0.31 -11.74
C TRP A 15 -6.09 -1.11 -13.03
N ASP A 16 -5.02 -0.83 -13.79
CA ASP A 16 -4.59 -1.57 -14.99
C ASP A 16 -3.06 -1.73 -15.02
N PRO A 17 -2.51 -2.86 -15.48
CA PRO A 17 -1.05 -3.08 -15.57
C PRO A 17 -0.33 -2.18 -16.60
N ASN A 18 -1.10 -1.43 -17.41
CA ASN A 18 -0.65 -0.53 -18.47
C ASN A 18 -0.40 0.92 -18.01
N THR A 19 -1.07 1.38 -16.95
CA THR A 19 -1.04 2.78 -16.45
C THR A 19 -1.12 2.90 -14.93
N GLY A 20 -1.45 1.82 -14.21
CA GLY A 20 -1.66 1.82 -12.77
C GLY A 20 -3.07 2.28 -12.39
N PHE A 21 -3.18 3.05 -11.31
CA PHE A 21 -4.46 3.50 -10.73
C PHE A 21 -5.16 4.60 -11.56
N ASP A 22 -6.50 4.55 -11.65
CA ASP A 22 -7.35 5.63 -12.18
C ASP A 22 -7.71 6.62 -11.07
N LEU A 23 -7.16 7.84 -11.14
CA LEU A 23 -7.36 8.88 -10.13
C LEU A 23 -8.82 9.36 -10.02
N ASN A 24 -9.62 9.20 -11.07
CA ASN A 24 -11.04 9.60 -11.09
C ASN A 24 -11.91 8.68 -10.22
N ASN A 25 -11.53 7.41 -10.10
CA ASN A 25 -12.28 6.34 -9.43
C ASN A 25 -11.60 5.81 -8.16
N LEU A 26 -10.52 6.44 -7.69
CA LEU A 26 -9.81 6.03 -6.48
C LEU A 26 -10.66 6.25 -5.22
N ASP A 27 -10.72 5.25 -4.33
CA ASP A 27 -11.50 5.31 -3.08
C ASP A 27 -10.83 6.27 -2.06
N PRO A 28 -11.59 7.15 -1.40
CA PRO A 28 -11.04 8.15 -0.49
C PRO A 28 -10.55 7.54 0.83
N GLU A 29 -11.12 6.41 1.27
CA GLU A 29 -10.63 5.67 2.43
C GLU A 29 -9.36 4.91 2.08
N LEU A 30 -9.26 4.29 0.89
CA LEU A 30 -7.98 3.71 0.44
C LEU A 30 -6.90 4.80 0.25
N LYS A 31 -7.28 6.00 -0.21
CA LYS A 31 -6.34 7.13 -0.41
C LYS A 31 -5.70 7.62 0.89
N ASN A 32 -6.38 7.53 2.04
CA ASN A 32 -5.81 7.90 3.34
C ASN A 32 -4.52 7.13 3.64
N LEU A 33 -4.51 5.83 3.35
CA LEU A 33 -3.34 4.97 3.56
C LEU A 33 -2.19 5.36 2.65
N PHE A 34 -2.51 5.67 1.39
CA PHE A 34 -1.51 6.11 0.42
C PHE A 34 -0.84 7.41 0.89
N ASP A 35 -1.66 8.33 1.40
CA ASP A 35 -1.21 9.65 1.84
C ASP A 35 -0.43 9.62 3.16
N MET A 36 -0.87 8.84 4.16
CA MET A 36 -0.14 8.65 5.42
C MET A 36 1.24 8.00 5.23
N CYS A 37 1.41 7.22 4.17
CA CYS A 37 2.70 6.65 3.77
C CYS A 37 3.60 7.61 2.97
N GLY A 38 3.04 8.69 2.40
CA GLY A 38 3.77 9.67 1.59
C GLY A 38 3.79 9.39 0.10
N ILE A 39 2.82 8.63 -0.43
CA ILE A 39 2.76 8.27 -1.85
C ILE A 39 2.11 9.41 -2.66
N SER A 40 2.78 9.89 -3.70
CA SER A 40 2.23 10.92 -4.62
C SER A 40 1.58 10.27 -5.84
N GLU A 41 0.73 10.99 -6.56
CA GLU A 41 0.00 10.48 -7.74
C GLU A 41 0.94 10.01 -8.86
N ALA A 42 2.17 10.53 -8.92
CA ALA A 42 3.18 10.07 -9.87
C ALA A 42 3.60 8.61 -9.62
N GLN A 43 3.48 8.14 -8.38
CA GLN A 43 3.71 6.73 -8.03
C GLN A 43 2.52 5.87 -8.48
N LEU A 44 1.31 6.42 -8.34
CA LEU A 44 0.02 5.80 -8.68
C LEU A 44 -0.21 5.68 -10.21
N LYS A 45 0.60 6.40 -11.01
CA LYS A 45 0.63 6.31 -12.49
C LYS A 45 1.88 5.63 -13.07
N ASP A 46 2.84 5.22 -12.23
CA ASP A 46 3.99 4.40 -12.60
C ASP A 46 3.61 2.93 -12.40
N ARG A 47 3.55 2.16 -13.51
CA ARG A 47 3.07 0.76 -13.55
C ARG A 47 3.63 -0.16 -12.47
N GLU A 48 4.94 -0.33 -12.42
CA GLU A 48 5.63 -1.29 -11.54
C GLU A 48 5.56 -0.89 -10.06
N THR A 49 5.60 0.41 -9.78
CA THR A 49 5.31 0.97 -8.44
C THR A 49 3.86 0.67 -8.06
N SER A 50 2.90 1.06 -8.90
CA SER A 50 1.46 0.85 -8.69
C SER A 50 1.07 -0.62 -8.55
N LYS A 51 1.78 -1.54 -9.22
CA LYS A 51 1.65 -2.99 -9.08
C LYS A 51 2.04 -3.46 -7.67
N VAL A 52 3.11 -2.92 -7.08
CA VAL A 52 3.55 -3.24 -5.70
C VAL A 52 2.56 -2.67 -4.69
N ILE A 53 2.05 -1.46 -4.94
CA ILE A 53 1.02 -0.84 -4.10
C ILE A 53 -0.29 -1.65 -4.13
N TYR A 54 -0.82 -1.95 -5.33
CA TYR A 54 -2.08 -2.68 -5.48
C TYR A 54 -2.02 -4.06 -4.80
N ASP A 55 -0.86 -4.72 -4.85
CA ASP A 55 -0.63 -6.01 -4.21
C ASP A 55 -1.05 -6.02 -2.73
N PHE A 56 -0.84 -4.91 -2.01
CA PHE A 56 -1.16 -4.79 -0.60
C PHE A 56 -2.68 -4.76 -0.35
N ILE A 57 -3.45 -4.16 -1.25
CA ILE A 57 -4.91 -4.06 -1.13
C ILE A 57 -5.54 -5.45 -1.31
N GLU A 58 -5.27 -6.12 -2.43
CA GLU A 58 -5.76 -7.49 -2.65
C GLU A 58 -5.27 -8.48 -1.57
N LYS A 59 -4.08 -8.27 -0.99
CA LYS A 59 -3.48 -9.13 0.06
C LYS A 59 -4.26 -9.21 1.37
N THR A 60 -4.82 -8.08 1.81
CA THR A 60 -5.71 -8.07 2.99
C THR A 60 -7.16 -8.51 2.65
N GLY A 61 -7.51 -8.49 1.35
CA GLY A 61 -8.79 -8.93 0.83
C GLY A 61 -9.56 -7.86 0.03
N GLY A 62 -8.87 -7.05 -0.78
CA GLY A 62 -9.44 -5.97 -1.59
C GLY A 62 -9.68 -4.66 -0.84
N VAL A 63 -10.38 -3.72 -1.49
CA VAL A 63 -10.59 -2.37 -0.95
C VAL A 63 -11.51 -2.41 0.27
N GLU A 64 -12.53 -3.27 0.26
CA GLU A 64 -13.48 -3.40 1.39
C GLU A 64 -12.79 -3.89 2.67
N ALA A 65 -11.64 -4.58 2.54
CA ALA A 65 -10.83 -4.97 3.67
C ALA A 65 -10.04 -3.79 4.26
N VAL A 66 -9.24 -3.07 3.46
CA VAL A 66 -8.49 -1.90 3.96
C VAL A 66 -9.40 -0.80 4.51
N LYS A 67 -10.55 -0.58 3.87
CA LYS A 67 -11.61 0.35 4.31
C LYS A 67 -12.18 0.04 5.71
N ASN A 68 -12.15 -1.23 6.10
CA ASN A 68 -12.47 -1.70 7.46
C ASN A 68 -11.23 -1.69 8.38
N GLU A 69 -10.06 -2.09 7.89
CA GLU A 69 -8.85 -2.23 8.71
C GLU A 69 -8.38 -0.90 9.31
N LEU A 70 -8.52 0.23 8.59
CA LEU A 70 -8.20 1.56 9.11
C LEU A 70 -9.36 2.26 9.85
N ARG A 71 -10.53 1.61 9.96
CA ARG A 71 -11.72 2.08 10.67
C ARG A 71 -11.75 1.65 12.15
N ARG A 72 -11.06 0.56 12.49
CA ARG A 72 -11.07 -0.08 13.82
C ARG A 72 -10.21 0.63 14.87
N GLN A 73 -10.55 0.40 16.15
CA GLN A 73 -9.95 1.02 17.34
C GLN A 73 -8.70 0.24 17.79
N GLY B 1 -2.95 5.77 19.63
CA GLY B 1 -2.27 4.66 18.94
C GLY B 1 -1.97 5.03 17.50
N LEU B 2 -0.91 4.46 16.92
CA LEU B 2 -0.48 4.73 15.55
C LEU B 2 -1.38 4.00 14.53
N PRO B 3 -1.51 4.52 13.28
CA PRO B 3 -2.20 3.82 12.19
C PRO B 3 -1.42 2.56 11.78
N ASP B 4 -1.90 1.38 12.18
CA ASP B 4 -1.17 0.13 11.95
C ASP B 4 -1.18 -0.33 10.48
N VAL B 5 -2.30 -0.12 9.79
CA VAL B 5 -2.46 -0.41 8.35
C VAL B 5 -1.45 0.35 7.47
N ALA B 6 -1.10 1.58 7.84
CA ALA B 6 -0.11 2.39 7.12
C ALA B 6 1.31 1.81 7.26
N GLN B 7 1.69 1.36 8.46
CA GLN B 7 2.97 0.68 8.70
C GLN B 7 3.07 -0.61 7.88
N ARG B 8 1.95 -1.36 7.79
CA ARG B 8 1.85 -2.58 6.97
C ARG B 8 1.93 -2.29 5.46
N LEU B 9 1.39 -1.16 4.97
CA LEU B 9 1.61 -0.72 3.58
C LEU B 9 3.10 -0.42 3.35
N MET B 10 3.75 0.31 4.26
CA MET B 10 5.18 0.67 4.14
C MET B 10 6.12 -0.56 4.06
N GLN B 11 5.95 -1.55 4.95
CA GLN B 11 6.78 -2.76 4.95
C GLN B 11 6.60 -3.61 3.68
N HIS B 12 5.40 -3.60 3.11
CA HIS B 12 5.06 -4.38 1.92
C HIS B 12 5.70 -3.80 0.67
N LEU B 13 5.70 -2.46 0.52
CA LEU B 13 6.50 -1.79 -0.52
C LEU B 13 8.00 -2.06 -0.30
N ALA B 14 8.46 -2.08 0.95
CA ALA B 14 9.84 -2.35 1.31
C ALA B 14 10.30 -3.78 0.97
N GLU B 15 9.39 -4.76 0.83
CA GLU B 15 9.75 -6.09 0.29
C GLU B 15 10.31 -5.99 -1.14
N HIS B 16 9.70 -5.13 -1.95
CA HIS B 16 10.09 -4.87 -3.34
C HIS B 16 11.10 -3.70 -3.48
N GLY B 17 11.35 -2.97 -2.39
CA GLY B 17 12.27 -1.84 -2.37
C GLY B 17 11.66 -0.56 -2.96
N ILE B 18 10.33 -0.40 -2.87
CA ILE B 18 9.63 0.81 -3.27
C ILE B 18 9.64 1.80 -2.10
N GLN B 19 9.94 3.07 -2.40
CA GLN B 19 10.02 4.16 -1.44
C GLN B 19 9.02 5.27 -1.80
N PRO B 20 8.38 5.90 -0.79
CA PRO B 20 7.34 6.89 -1.02
C PRO B 20 7.90 8.19 -1.61
N ALA B 21 7.03 9.00 -2.21
CA ALA B 21 7.43 10.29 -2.76
C ALA B 21 7.83 11.29 -1.65
N ARG B 22 7.20 11.22 -0.47
CA ARG B 22 7.50 12.04 0.72
C ARG B 22 8.43 11.33 1.71
N ASN B 23 9.43 10.58 1.21
CA ASN B 23 10.36 9.80 2.03
C ASN B 23 11.22 10.71 2.93
N MET B 24 11.09 10.58 4.25
CA MET B 24 11.96 11.18 5.24
C MET B 24 12.95 10.13 5.72
N ALA B 25 14.12 10.60 6.12
CA ALA B 25 15.27 9.79 6.51
C ALA B 25 15.60 8.76 5.39
N GLU B 26 15.89 9.27 4.19
CA GLU B 26 16.32 8.47 3.04
C GLU B 26 17.59 7.67 3.38
N HIS B 27 17.79 6.50 2.77
CA HIS B 27 18.90 5.59 3.09
C HIS B 27 19.46 4.85 1.86
N ILE B 28 20.76 4.51 1.93
CA ILE B 28 21.42 3.61 0.97
C ILE B 28 21.13 2.14 1.33
N PRO B 29 20.50 1.35 0.43
CA PRO B 29 20.28 -0.08 0.64
C PRO B 29 21.59 -0.89 0.46
N PRO B 30 21.70 -2.07 1.08
CA PRO B 30 22.83 -2.98 0.88
C PRO B 30 22.86 -3.57 -0.55
N ALA B 31 23.93 -4.32 -0.86
CA ALA B 31 24.01 -5.13 -2.07
C ALA B 31 22.84 -6.13 -2.16
N PRO B 32 22.29 -6.41 -3.36
CA PRO B 32 21.10 -7.25 -3.53
C PRO B 32 21.30 -8.70 -3.11
N ASN B 33 20.19 -9.39 -2.81
CA ASN B 33 20.09 -10.77 -2.35
C ASN B 33 20.61 -11.86 -3.33
N TRP B 34 21.09 -11.50 -4.51
CA TRP B 34 21.51 -12.47 -5.53
C TRP B 34 22.80 -13.21 -5.10
N PRO B 35 22.84 -14.56 -5.21
CA PRO B 35 24.00 -15.38 -4.88
C PRO B 35 25.30 -14.98 -5.57
N ALA B 36 26.42 -15.10 -4.84
CA ALA B 36 27.76 -14.67 -5.26
C ALA B 36 28.38 -15.51 -6.40
N PRO B 37 29.27 -14.92 -7.23
CA PRO B 37 30.05 -15.65 -8.23
C PRO B 37 31.11 -16.57 -7.60
N THR B 38 31.47 -17.64 -8.31
CA THR B 38 32.51 -18.61 -7.92
C THR B 38 32.99 -19.38 -9.16
N PRO B 39 34.29 -19.63 -9.35
CA PRO B 39 34.78 -20.36 -10.53
C PRO B 39 34.23 -21.81 -10.55
N PRO B 40 33.83 -22.35 -11.72
CA PRO B 40 33.23 -23.68 -11.80
C PRO B 40 34.13 -24.82 -11.30
N VAL B 41 33.51 -25.84 -10.70
CA VAL B 41 34.14 -27.11 -10.26
C VAL B 41 34.45 -27.97 -11.49
N GLN B 42 35.63 -27.78 -12.07
CA GLN B 42 36.05 -28.44 -13.32
C GLN B 42 36.65 -29.85 -13.13
N ASN B 43 36.92 -30.29 -11.88
CA ASN B 43 37.43 -31.64 -11.57
C ASN B 43 36.32 -32.68 -11.23
N GLU B 44 35.03 -32.37 -11.43
CA GLU B 44 33.92 -33.33 -11.29
C GLU B 44 34.01 -34.46 -12.34
N GLN B 45 33.61 -35.69 -11.97
CA GLN B 45 33.76 -36.89 -12.82
C GLN B 45 32.60 -37.88 -12.70
N SER B 46 32.34 -38.62 -13.78
CA SER B 46 31.42 -39.78 -13.81
C SER B 46 32.12 -41.07 -13.35
N ARG B 47 31.32 -42.09 -13.00
CA ARG B 47 31.80 -43.41 -12.55
C ARG B 47 30.76 -44.52 -12.77
N PRO B 48 31.16 -45.73 -13.19
CA PRO B 48 30.30 -46.93 -13.25
C PRO B 48 29.69 -47.32 -11.89
N GLY A 1 2.27 -22.18 -0.47
CA GLY A 1 0.85 -21.84 -0.69
C GLY A 1 0.58 -21.44 -2.13
N SER A 2 -0.55 -21.91 -2.69
CA SER A 2 -0.99 -21.62 -4.07
C SER A 2 -1.85 -20.35 -4.23
N HIS A 3 -2.27 -19.74 -3.12
CA HIS A 3 -3.02 -18.47 -3.06
C HIS A 3 -4.36 -18.48 -3.83
N MET A 4 -4.98 -19.67 -3.97
CA MET A 4 -6.19 -19.96 -4.77
C MET A 4 -7.52 -19.49 -4.12
N SER A 5 -7.55 -18.26 -3.60
CA SER A 5 -8.75 -17.63 -3.02
C SER A 5 -9.76 -17.18 -4.08
N ASN A 6 -11.04 -17.07 -3.71
CA ASN A 6 -12.13 -16.65 -4.59
C ASN A 6 -11.95 -15.18 -5.04
N PHE A 7 -12.18 -14.87 -6.33
CA PHE A 7 -12.07 -13.50 -6.88
C PHE A 7 -13.04 -12.49 -6.23
N GLN A 8 -14.03 -12.94 -5.45
CA GLN A 8 -14.88 -12.10 -4.59
C GLN A 8 -14.07 -11.23 -3.61
N HIS A 9 -12.87 -11.66 -3.24
CA HIS A 9 -11.99 -10.97 -2.27
C HIS A 9 -10.86 -10.18 -2.94
N ILE A 10 -11.11 -9.65 -4.14
CA ILE A 10 -10.20 -8.82 -4.95
C ILE A 10 -10.70 -7.36 -4.99
N GLY A 11 -9.78 -6.40 -4.90
CA GLY A 11 -10.10 -4.98 -4.85
C GLY A 11 -10.68 -4.40 -6.14
N HIS A 12 -11.96 -4.00 -6.08
CA HIS A 12 -12.62 -3.23 -7.14
C HIS A 12 -12.07 -1.80 -7.23
N VAL A 13 -11.31 -1.52 -8.29
CA VAL A 13 -10.74 -0.19 -8.63
C VAL A 13 -10.24 -0.17 -10.08
N GLY A 14 -10.26 0.99 -10.73
CA GLY A 14 -9.80 1.19 -12.11
C GLY A 14 -8.27 1.14 -12.31
N TRP A 15 -7.54 0.26 -11.62
CA TRP A 15 -6.11 0.00 -11.86
C TRP A 15 -5.88 -0.90 -13.09
N ASP A 16 -4.86 -0.61 -13.91
CA ASP A 16 -4.42 -1.42 -15.06
C ASP A 16 -2.89 -1.52 -15.11
N PRO A 17 -2.29 -2.67 -15.46
CA PRO A 17 -0.84 -2.86 -15.54
C PRO A 17 -0.13 -2.03 -16.64
N ASN A 18 -0.90 -1.34 -17.48
CA ASN A 18 -0.44 -0.48 -18.56
C ASN A 18 -0.16 0.98 -18.11
N THR A 19 -0.86 1.47 -17.09
CA THR A 19 -0.77 2.88 -16.63
C THR A 19 -0.93 3.08 -15.12
N GLY A 20 -1.37 2.06 -14.38
CA GLY A 20 -1.56 2.09 -12.94
C GLY A 20 -2.97 2.52 -12.52
N PHE A 21 -3.09 3.18 -11.37
CA PHE A 21 -4.37 3.56 -10.75
C PHE A 21 -5.08 4.71 -11.47
N ASP A 22 -6.37 4.55 -11.80
CA ASP A 22 -7.18 5.69 -12.24
C ASP A 22 -7.56 6.60 -11.06
N LEU A 23 -6.90 7.75 -10.91
CA LEU A 23 -7.20 8.73 -9.86
C LEU A 23 -8.66 9.22 -9.88
N ASN A 24 -9.32 9.22 -11.04
CA ASN A 24 -10.73 9.61 -11.15
C ASN A 24 -11.69 8.59 -10.50
N ASN A 25 -11.25 7.34 -10.35
CA ASN A 25 -12.00 6.22 -9.75
C ASN A 25 -11.33 5.64 -8.50
N LEU A 26 -10.34 6.32 -7.91
CA LEU A 26 -9.65 5.85 -6.70
C LEU A 26 -10.44 6.18 -5.43
N ASP A 27 -10.57 5.20 -4.52
CA ASP A 27 -11.38 5.28 -3.30
C ASP A 27 -10.77 6.24 -2.26
N PRO A 28 -11.56 7.08 -1.60
CA PRO A 28 -11.06 8.11 -0.68
C PRO A 28 -10.63 7.54 0.68
N GLU A 29 -11.11 6.36 1.08
CA GLU A 29 -10.61 5.64 2.25
C GLU A 29 -9.36 4.85 1.92
N LEU A 30 -9.25 4.25 0.72
CA LEU A 30 -7.97 3.67 0.29
C LEU A 30 -6.90 4.77 0.13
N LYS A 31 -7.29 5.98 -0.30
CA LYS A 31 -6.41 7.15 -0.40
C LYS A 31 -5.84 7.60 0.95
N ASN A 32 -6.56 7.36 2.07
CA ASN A 32 -6.07 7.75 3.39
C ASN A 32 -4.67 7.17 3.64
N LEU A 33 -4.54 5.85 3.48
CA LEU A 33 -3.30 5.11 3.71
C LEU A 33 -2.17 5.54 2.76
N PHE A 34 -2.50 5.75 1.49
CA PHE A 34 -1.52 6.15 0.47
C PHE A 34 -0.89 7.50 0.84
N ASP A 35 -1.71 8.44 1.28
CA ASP A 35 -1.27 9.77 1.66
C ASP A 35 -0.48 9.75 2.98
N MET A 36 -0.96 9.08 4.03
CA MET A 36 -0.26 8.98 5.33
C MET A 36 1.09 8.25 5.27
N CYS A 37 1.31 7.43 4.23
CA CYS A 37 2.60 6.82 3.90
C CYS A 37 3.54 7.72 3.07
N GLY A 38 3.02 8.80 2.47
CA GLY A 38 3.78 9.78 1.69
C GLY A 38 3.80 9.50 0.18
N ILE A 39 2.84 8.73 -0.34
CA ILE A 39 2.76 8.39 -1.76
C ILE A 39 2.02 9.50 -2.54
N SER A 40 2.57 9.89 -3.69
CA SER A 40 2.01 10.91 -4.59
C SER A 40 1.50 10.27 -5.89
N GLU A 41 0.66 10.98 -6.64
CA GLU A 41 -0.02 10.47 -7.84
C GLU A 41 0.93 9.90 -8.89
N ALA A 42 2.11 10.52 -9.02
CA ALA A 42 3.18 10.04 -9.91
C ALA A 42 3.61 8.60 -9.62
N GLN A 43 3.62 8.17 -8.34
CA GLN A 43 3.91 6.78 -7.98
C GLN A 43 2.75 5.84 -8.37
N LEU A 44 1.52 6.36 -8.28
CA LEU A 44 0.28 5.64 -8.60
C LEU A 44 0.09 5.45 -10.12
N LYS A 45 0.71 6.30 -10.95
CA LYS A 45 0.75 6.22 -12.43
C LYS A 45 2.03 5.59 -13.00
N ASP A 46 2.98 5.17 -12.17
CA ASP A 46 4.11 4.34 -12.61
C ASP A 46 3.67 2.87 -12.54
N ARG A 47 3.81 2.12 -13.64
CA ARG A 47 3.30 0.73 -13.75
C ARG A 47 3.79 -0.22 -12.67
N GLU A 48 5.10 -0.39 -12.58
CA GLU A 48 5.74 -1.39 -11.69
C GLU A 48 5.69 -0.98 -10.21
N THR A 49 5.64 0.33 -9.93
CA THR A 49 5.37 0.89 -8.59
C THR A 49 3.91 0.63 -8.16
N SER A 50 2.93 1.11 -8.94
CA SER A 50 1.51 0.98 -8.61
C SER A 50 1.06 -0.48 -8.47
N LYS A 51 1.68 -1.39 -9.23
CA LYS A 51 1.55 -2.84 -9.09
C LYS A 51 1.89 -3.35 -7.67
N VAL A 52 3.01 -2.90 -7.10
CA VAL A 52 3.43 -3.26 -5.73
C VAL A 52 2.46 -2.67 -4.70
N ILE A 53 1.98 -1.45 -4.94
CA ILE A 53 1.00 -0.81 -4.06
C ILE A 53 -0.35 -1.54 -4.06
N TYR A 54 -0.91 -1.86 -5.24
CA TYR A 54 -2.18 -2.58 -5.36
C TYR A 54 -2.15 -3.96 -4.70
N ASP A 55 -0.99 -4.63 -4.73
CA ASP A 55 -0.80 -5.93 -4.11
C ASP A 55 -1.21 -5.94 -2.64
N PHE A 56 -0.96 -4.85 -1.90
CA PHE A 56 -1.27 -4.76 -0.46
C PHE A 56 -2.79 -4.80 -0.20
N ILE A 57 -3.56 -4.25 -1.13
CA ILE A 57 -5.02 -4.14 -1.04
C ILE A 57 -5.67 -5.51 -1.30
N GLU A 58 -5.40 -6.12 -2.45
CA GLU A 58 -5.92 -7.46 -2.76
C GLU A 58 -5.47 -8.52 -1.73
N LYS A 59 -4.25 -8.41 -1.18
CA LYS A 59 -3.68 -9.32 -0.17
C LYS A 59 -4.50 -9.42 1.12
N THR A 60 -4.96 -8.29 1.65
CA THR A 60 -5.82 -8.27 2.83
C THR A 60 -7.29 -8.65 2.51
N GLY A 61 -7.69 -8.64 1.24
CA GLY A 61 -9.05 -8.98 0.78
C GLY A 61 -9.74 -7.95 -0.11
N GLY A 62 -8.99 -7.12 -0.86
CA GLY A 62 -9.54 -6.02 -1.65
C GLY A 62 -9.74 -4.73 -0.88
N VAL A 63 -10.40 -3.74 -1.50
CA VAL A 63 -10.56 -2.40 -0.92
C VAL A 63 -11.42 -2.44 0.34
N GLU A 64 -12.46 -3.27 0.36
CA GLU A 64 -13.39 -3.38 1.50
C GLU A 64 -12.71 -3.92 2.77
N ALA A 65 -11.57 -4.59 2.62
CA ALA A 65 -10.74 -5.00 3.74
C ALA A 65 -9.95 -3.83 4.31
N VAL A 66 -9.09 -3.14 3.53
CA VAL A 66 -8.29 -2.00 4.01
C VAL A 66 -9.16 -0.87 4.57
N LYS A 67 -10.30 -0.58 3.93
CA LYS A 67 -11.29 0.42 4.36
C LYS A 67 -11.82 0.17 5.77
N ASN A 68 -11.85 -1.10 6.18
CA ASN A 68 -12.21 -1.54 7.52
C ASN A 68 -10.99 -1.71 8.44
N GLU A 69 -9.85 -2.21 7.95
CA GLU A 69 -8.67 -2.48 8.78
C GLU A 69 -8.03 -1.18 9.30
N LEU A 70 -8.02 -0.11 8.49
CA LEU A 70 -7.53 1.21 8.92
C LEU A 70 -8.47 1.88 9.95
N ARG A 71 -9.73 1.44 10.06
CA ARG A 71 -10.76 1.91 11.01
C ARG A 71 -10.74 1.13 12.34
N ARG A 72 -10.61 -0.20 12.26
CA ARG A 72 -10.48 -1.14 13.40
C ARG A 72 -9.08 -1.11 14.02
N GLN A 73 -8.90 -1.66 15.22
CA GLN A 73 -7.59 -1.80 15.87
C GLN A 73 -6.68 -2.77 15.10
N GLY B 1 2.31 9.69 14.20
CA GLY B 1 3.47 9.26 13.40
C GLY B 1 3.26 7.88 12.83
N LEU B 2 2.70 7.82 11.61
CA LEU B 2 2.45 6.63 10.78
C LEU B 2 1.55 5.57 11.46
N PRO B 3 0.24 5.56 11.18
CA PRO B 3 -0.73 4.61 11.74
C PRO B 3 -0.40 3.11 11.53
N ASP B 4 -1.04 2.24 12.32
CA ASP B 4 -0.79 0.79 12.36
C ASP B 4 -1.06 0.05 11.02
N VAL B 5 -2.06 0.45 10.22
CA VAL B 5 -2.24 -0.08 8.84
C VAL B 5 -1.30 0.61 7.83
N ALA B 6 -0.91 1.87 8.09
CA ALA B 6 0.04 2.60 7.25
C ALA B 6 1.46 2.00 7.31
N GLN B 7 1.95 1.65 8.50
CA GLN B 7 3.25 0.98 8.63
C GLN B 7 3.26 -0.37 7.88
N ARG B 8 2.14 -1.10 7.85
CA ARG B 8 2.02 -2.33 7.05
C ARG B 8 2.03 -2.08 5.55
N LEU B 9 1.47 -0.97 5.04
CA LEU B 9 1.64 -0.57 3.63
C LEU B 9 3.12 -0.26 3.34
N MET B 10 3.79 0.54 4.18
CA MET B 10 5.24 0.84 4.02
C MET B 10 6.13 -0.41 4.07
N GLN B 11 5.81 -1.37 4.94
CA GLN B 11 6.51 -2.65 5.06
C GLN B 11 6.15 -3.65 3.94
N HIS B 12 5.02 -3.48 3.26
CA HIS B 12 4.66 -4.24 2.05
C HIS B 12 5.46 -3.75 0.83
N LEU B 13 5.57 -2.42 0.65
CA LEU B 13 6.43 -1.83 -0.38
C LEU B 13 7.91 -2.17 -0.18
N ALA B 14 8.35 -2.39 1.07
CA ALA B 14 9.70 -2.80 1.41
C ALA B 14 10.08 -4.20 0.87
N GLU B 15 9.09 -5.04 0.54
CA GLU B 15 9.33 -6.35 -0.09
C GLU B 15 9.90 -6.19 -1.50
N HIS B 16 9.55 -5.13 -2.23
CA HIS B 16 10.09 -4.79 -3.56
C HIS B 16 11.05 -3.58 -3.55
N GLY B 17 11.22 -2.95 -2.38
CA GLY B 17 12.16 -1.83 -2.13
C GLY B 17 11.64 -0.45 -2.57
N ILE B 18 10.32 -0.29 -2.69
CA ILE B 18 9.68 0.95 -3.18
C ILE B 18 9.66 2.01 -2.07
N GLN B 19 10.00 3.26 -2.40
CA GLN B 19 9.98 4.39 -1.46
C GLN B 19 8.80 5.35 -1.72
N PRO B 20 8.31 6.08 -0.69
CA PRO B 20 7.31 7.11 -0.88
C PRO B 20 7.89 8.40 -1.48
N ALA B 21 7.03 9.24 -2.06
CA ALA B 21 7.42 10.49 -2.71
C ALA B 21 7.69 11.65 -1.73
N ARG B 22 6.98 11.70 -0.59
CA ARG B 22 7.10 12.74 0.46
C ARG B 22 8.24 12.43 1.45
N ASN B 23 9.28 11.78 0.94
CA ASN B 23 10.46 11.34 1.69
C ASN B 23 11.38 12.51 2.09
N MET B 24 12.39 12.25 2.92
CA MET B 24 13.49 13.16 3.22
C MET B 24 14.54 13.10 2.12
N ALA B 25 14.88 14.26 1.58
CA ALA B 25 15.90 14.45 0.54
C ALA B 25 17.33 14.30 1.10
N GLU B 26 17.73 13.08 1.47
CA GLU B 26 19.02 12.77 2.13
C GLU B 26 20.26 12.98 1.22
N HIS B 27 20.05 13.14 -0.10
CA HIS B 27 21.07 13.52 -1.09
C HIS B 27 20.45 14.39 -2.18
N ILE B 28 21.20 15.40 -2.68
CA ILE B 28 20.81 16.24 -3.81
C ILE B 28 21.96 16.34 -4.85
N PRO B 29 21.73 16.03 -6.14
CA PRO B 29 22.70 16.22 -7.24
C PRO B 29 23.13 17.69 -7.44
N PRO B 30 24.27 17.97 -8.09
CA PRO B 30 24.62 19.32 -8.51
C PRO B 30 23.64 19.83 -9.58
N ALA B 31 23.12 21.04 -9.37
CA ALA B 31 22.07 21.68 -10.17
C ALA B 31 22.29 23.20 -10.27
N PRO B 32 21.50 23.94 -11.09
CA PRO B 32 21.57 25.40 -11.16
C PRO B 32 21.26 26.11 -9.84
N ASN B 33 21.53 27.42 -9.82
CA ASN B 33 21.28 28.31 -8.69
C ASN B 33 19.79 28.44 -8.33
N TRP B 34 19.52 28.73 -7.05
CA TRP B 34 18.18 28.93 -6.51
C TRP B 34 17.53 30.22 -7.05
N PRO B 35 16.19 30.26 -7.22
CA PRO B 35 15.48 31.41 -7.79
C PRO B 35 15.44 32.62 -6.84
N ALA B 36 15.24 33.80 -7.43
CA ALA B 36 15.15 35.06 -6.71
C ALA B 36 13.85 35.16 -5.87
N PRO B 37 13.86 35.90 -4.74
CA PRO B 37 12.68 36.09 -3.91
C PRO B 37 11.59 36.91 -4.61
N THR B 38 10.34 36.63 -4.25
CA THR B 38 9.13 37.30 -4.73
C THR B 38 9.18 38.81 -4.42
N PRO B 39 8.96 39.69 -5.42
CA PRO B 39 8.84 41.13 -5.23
C PRO B 39 7.79 41.48 -4.16
N PRO B 40 8.12 42.36 -3.18
CA PRO B 40 7.25 42.68 -2.06
C PRO B 40 5.98 43.44 -2.48
N VAL B 41 4.90 43.24 -1.71
CA VAL B 41 3.57 43.86 -1.86
C VAL B 41 2.96 44.16 -0.48
N GLN B 42 2.09 45.16 -0.40
CA GLN B 42 1.42 45.54 0.85
C GLN B 42 0.39 44.49 1.30
N ASN B 43 0.52 44.03 2.56
CA ASN B 43 -0.45 43.17 3.24
C ASN B 43 -0.36 43.33 4.77
N GLU B 44 -1.45 42.97 5.49
CA GLU B 44 -1.52 42.95 6.95
C GLU B 44 -0.30 42.27 7.60
N GLN B 45 0.25 42.85 8.67
CA GLN B 45 1.49 42.38 9.29
C GLN B 45 1.41 40.93 9.85
N SER B 46 2.53 40.21 9.76
CA SER B 46 2.66 38.85 10.33
C SER B 46 2.75 38.85 11.86
N ARG B 47 1.86 38.11 12.53
CA ARG B 47 1.86 37.94 13.99
C ARG B 47 1.34 36.56 14.41
N PRO B 48 2.23 35.57 14.64
CA PRO B 48 1.88 34.19 15.01
C PRO B 48 1.08 34.07 16.31
N GLY A 1 -13.23 -6.72 -13.50
CA GLY A 1 -13.13 -7.49 -14.74
C GLY A 1 -13.94 -8.77 -14.64
N SER A 2 -15.03 -8.88 -15.41
CA SER A 2 -15.98 -10.01 -15.32
C SER A 2 -15.43 -11.38 -15.73
N HIS A 3 -14.25 -11.47 -16.35
CA HIS A 3 -13.59 -12.74 -16.73
C HIS A 3 -12.48 -13.19 -15.77
N MET A 4 -12.16 -12.36 -14.76
CA MET A 4 -11.15 -12.65 -13.73
C MET A 4 -11.62 -13.75 -12.78
N SER A 5 -10.85 -14.85 -12.66
CA SER A 5 -11.16 -15.93 -11.71
C SER A 5 -10.75 -15.58 -10.28
N ASN A 6 -11.50 -16.11 -9.30
CA ASN A 6 -11.30 -15.89 -7.86
C ASN A 6 -11.31 -14.39 -7.45
N PHE A 7 -12.13 -13.57 -8.12
CA PHE A 7 -12.20 -12.12 -7.91
C PHE A 7 -13.02 -11.66 -6.68
N GLN A 8 -13.61 -12.58 -5.91
CA GLN A 8 -14.52 -12.30 -4.78
C GLN A 8 -13.98 -11.29 -3.76
N HIS A 9 -12.68 -11.33 -3.44
CA HIS A 9 -12.01 -10.41 -2.52
C HIS A 9 -10.80 -9.74 -3.19
N ILE A 10 -10.97 -9.27 -4.44
CA ILE A 10 -9.97 -8.48 -5.18
C ILE A 10 -10.39 -7.01 -5.20
N GLY A 11 -9.43 -6.10 -5.01
CA GLY A 11 -9.68 -4.66 -4.86
C GLY A 11 -10.38 -3.98 -6.04
N HIS A 12 -11.67 -3.62 -5.87
CA HIS A 12 -12.45 -2.94 -6.91
C HIS A 12 -12.02 -1.47 -7.05
N VAL A 13 -11.29 -1.18 -8.13
CA VAL A 13 -10.73 0.15 -8.46
C VAL A 13 -10.28 0.15 -9.92
N GLY A 14 -10.15 1.34 -10.53
CA GLY A 14 -9.60 1.52 -11.87
C GLY A 14 -8.08 1.35 -11.96
N TRP A 15 -7.51 0.26 -11.44
CA TRP A 15 -6.09 -0.08 -11.63
C TRP A 15 -5.88 -0.96 -12.88
N ASP A 16 -4.87 -0.61 -13.68
CA ASP A 16 -4.38 -1.41 -14.82
C ASP A 16 -2.84 -1.48 -14.82
N PRO A 17 -2.24 -2.61 -15.25
CA PRO A 17 -0.79 -2.73 -15.38
C PRO A 17 -0.17 -1.79 -16.46
N ASN A 18 -1.01 -1.09 -17.23
CA ASN A 18 -0.67 -0.23 -18.38
C ASN A 18 -0.64 1.28 -18.10
N THR A 19 -1.25 1.72 -17.00
CA THR A 19 -1.33 3.14 -16.56
C THR A 19 -1.40 3.28 -15.04
N GLY A 20 -1.38 2.14 -14.32
CA GLY A 20 -1.49 2.07 -12.88
C GLY A 20 -2.88 2.46 -12.40
N PHE A 21 -2.96 3.20 -11.30
CA PHE A 21 -4.22 3.68 -10.74
C PHE A 21 -4.85 4.82 -11.57
N ASP A 22 -6.14 4.71 -11.86
CA ASP A 22 -6.97 5.79 -12.41
C ASP A 22 -7.32 6.74 -11.25
N LEU A 23 -6.65 7.91 -11.23
CA LEU A 23 -6.75 8.89 -10.15
C LEU A 23 -8.17 9.45 -9.96
N ASN A 24 -8.98 9.43 -11.01
CA ASN A 24 -10.35 9.95 -10.97
C ASN A 24 -11.33 8.97 -10.30
N ASN A 25 -11.00 7.68 -10.31
CA ASN A 25 -11.78 6.57 -9.72
C ASN A 25 -11.19 6.03 -8.40
N LEU A 26 -10.21 6.71 -7.80
CA LEU A 26 -9.57 6.27 -6.56
C LEU A 26 -10.46 6.48 -5.33
N ASP A 27 -10.50 5.50 -4.43
CA ASP A 27 -11.27 5.58 -3.18
C ASP A 27 -10.57 6.46 -2.11
N PRO A 28 -11.30 7.30 -1.36
CA PRO A 28 -10.72 8.24 -0.41
C PRO A 28 -10.22 7.57 0.87
N GLU A 29 -10.83 6.46 1.31
CA GLU A 29 -10.33 5.67 2.43
C GLU A 29 -9.15 4.80 2.02
N LEU A 30 -9.12 4.23 0.79
CA LEU A 30 -7.88 3.60 0.32
C LEU A 30 -6.75 4.65 0.18
N LYS A 31 -7.09 5.87 -0.27
CA LYS A 31 -6.16 7.00 -0.40
C LYS A 31 -5.62 7.50 0.93
N ASN A 32 -6.35 7.36 2.04
CA ASN A 32 -5.87 7.75 3.37
C ASN A 32 -4.56 7.06 3.73
N LEU A 33 -4.47 5.77 3.44
CA LEU A 33 -3.27 4.98 3.69
C LEU A 33 -2.11 5.46 2.80
N PHE A 34 -2.41 5.74 1.52
CA PHE A 34 -1.43 6.19 0.54
C PHE A 34 -0.82 7.53 0.95
N ASP A 35 -1.68 8.41 1.44
CA ASP A 35 -1.34 9.78 1.84
C ASP A 35 -0.59 9.83 3.17
N MET A 36 -0.97 9.02 4.16
CA MET A 36 -0.22 8.90 5.41
C MET A 36 1.20 8.37 5.20
N CYS A 37 1.40 7.50 4.20
CA CYS A 37 2.71 7.01 3.77
C CYS A 37 3.57 8.03 3.00
N GLY A 38 3.01 9.12 2.48
CA GLY A 38 3.75 10.10 1.69
C GLY A 38 3.80 9.80 0.19
N ILE A 39 2.94 8.94 -0.32
CA ILE A 39 2.86 8.62 -1.75
C ILE A 39 2.18 9.79 -2.49
N SER A 40 2.62 10.08 -3.72
CA SER A 40 2.05 11.11 -4.60
C SER A 40 1.59 10.47 -5.92
N GLU A 41 0.76 11.18 -6.70
CA GLU A 41 0.11 10.69 -7.93
C GLU A 41 1.10 10.06 -8.94
N ALA A 42 2.31 10.60 -9.05
CA ALA A 42 3.37 10.07 -9.91
C ALA A 42 3.70 8.59 -9.63
N GLN A 43 3.75 8.19 -8.35
CA GLN A 43 3.99 6.80 -7.96
C GLN A 43 2.79 5.90 -8.31
N LEU A 44 1.58 6.47 -8.30
CA LEU A 44 0.32 5.78 -8.56
C LEU A 44 0.05 5.57 -10.06
N LYS A 45 0.54 6.50 -10.91
CA LYS A 45 0.56 6.37 -12.38
C LYS A 45 1.67 5.48 -12.93
N ASP A 46 2.68 5.15 -12.13
CA ASP A 46 3.73 4.24 -12.55
C ASP A 46 3.22 2.79 -12.53
N ARG A 47 3.40 2.08 -13.64
CA ARG A 47 2.97 0.70 -13.83
C ARG A 47 3.57 -0.23 -12.77
N GLU A 48 4.89 -0.25 -12.69
CA GLU A 48 5.66 -1.17 -11.83
C GLU A 48 5.53 -0.84 -10.34
N THR A 49 5.56 0.45 -9.98
CA THR A 49 5.33 0.91 -8.58
C THR A 49 3.92 0.59 -8.12
N SER A 50 2.89 0.98 -8.89
CA SER A 50 1.49 0.71 -8.52
C SER A 50 1.16 -0.80 -8.48
N LYS A 51 1.84 -1.63 -9.28
CA LYS A 51 1.79 -3.10 -9.22
C LYS A 51 2.27 -3.67 -7.87
N VAL A 52 3.22 -3.02 -7.18
CA VAL A 52 3.60 -3.37 -5.79
C VAL A 52 2.57 -2.84 -4.79
N ILE A 53 2.09 -1.60 -4.98
CA ILE A 53 1.13 -0.96 -4.07
C ILE A 53 -0.20 -1.72 -4.03
N TYR A 54 -0.82 -1.98 -5.18
CA TYR A 54 -2.12 -2.65 -5.29
C TYR A 54 -2.12 -4.05 -4.67
N ASP A 55 -0.98 -4.74 -4.74
CA ASP A 55 -0.79 -6.07 -4.17
C ASP A 55 -1.17 -6.12 -2.68
N PHE A 56 -0.92 -5.03 -1.94
CA PHE A 56 -1.21 -4.93 -0.52
C PHE A 56 -2.73 -4.92 -0.24
N ILE A 57 -3.50 -4.30 -1.14
CA ILE A 57 -4.96 -4.21 -1.04
C ILE A 57 -5.60 -5.57 -1.31
N GLU A 58 -5.31 -6.21 -2.45
CA GLU A 58 -5.81 -7.57 -2.71
C GLU A 58 -5.36 -8.58 -1.65
N LYS A 59 -4.16 -8.41 -1.05
CA LYS A 59 -3.59 -9.28 -0.01
C LYS A 59 -4.46 -9.39 1.25
N THR A 60 -4.93 -8.26 1.79
CA THR A 60 -5.86 -8.29 2.94
C THR A 60 -7.27 -8.78 2.54
N GLY A 61 -7.63 -8.63 1.26
CA GLY A 61 -8.96 -8.99 0.72
C GLY A 61 -9.67 -7.91 -0.10
N GLY A 62 -8.95 -7.11 -0.90
CA GLY A 62 -9.50 -6.02 -1.68
C GLY A 62 -9.72 -4.73 -0.89
N VAL A 63 -10.40 -3.75 -1.50
CA VAL A 63 -10.55 -2.41 -0.91
C VAL A 63 -11.47 -2.44 0.31
N GLU A 64 -12.53 -3.27 0.29
CA GLU A 64 -13.48 -3.35 1.40
C GLU A 64 -12.81 -3.83 2.70
N ALA A 65 -11.73 -4.61 2.57
CA ALA A 65 -10.90 -5.00 3.70
C ALA A 65 -10.12 -3.82 4.29
N VAL A 66 -9.26 -3.14 3.52
CA VAL A 66 -8.46 -2.00 4.04
C VAL A 66 -9.34 -0.86 4.59
N LYS A 67 -10.46 -0.56 3.92
CA LYS A 67 -11.44 0.46 4.34
C LYS A 67 -12.07 0.15 5.71
N ASN A 68 -12.11 -1.13 6.10
CA ASN A 68 -12.50 -1.61 7.44
C ASN A 68 -11.32 -1.78 8.40
N GLU A 69 -10.13 -2.15 7.93
CA GLU A 69 -8.95 -2.36 8.79
C GLU A 69 -8.40 -1.05 9.34
N LEU A 70 -8.31 0.01 8.51
CA LEU A 70 -7.80 1.31 8.95
C LEU A 70 -8.76 2.02 9.94
N ARG A 71 -10.05 1.62 9.96
CA ARG A 71 -11.08 2.09 10.90
C ARG A 71 -10.88 1.59 12.35
N ARG A 72 -10.12 0.50 12.56
CA ARG A 72 -9.87 -0.11 13.88
C ARG A 72 -9.16 0.85 14.84
N GLN A 73 -9.48 0.74 16.15
CA GLN A 73 -8.83 1.47 17.25
C GLN A 73 -7.95 0.58 18.13
N GLY B 1 -4.50 5.57 18.71
CA GLY B 1 -4.96 5.60 17.31
C GLY B 1 -3.77 5.52 16.36
N LEU B 2 -3.16 4.34 16.27
CA LEU B 2 -1.94 4.08 15.50
C LEU B 2 -2.24 3.91 13.99
N PRO B 3 -1.41 4.41 13.06
CA PRO B 3 -1.54 4.16 11.61
C PRO B 3 -0.99 2.77 11.21
N ASP B 4 -1.37 1.73 11.95
CA ASP B 4 -0.90 0.34 11.84
C ASP B 4 -1.02 -0.24 10.41
N VAL B 5 -2.12 0.06 9.70
CA VAL B 5 -2.36 -0.39 8.32
C VAL B 5 -1.45 0.32 7.32
N ALA B 6 -1.17 1.61 7.53
CA ALA B 6 -0.21 2.36 6.71
C ALA B 6 1.24 1.91 6.98
N GLN B 7 1.58 1.58 8.24
CA GLN B 7 2.88 0.97 8.57
C GLN B 7 3.04 -0.39 7.85
N ARG B 8 1.97 -1.20 7.77
CA ARG B 8 1.98 -2.46 7.00
C ARG B 8 2.12 -2.22 5.49
N LEU B 9 1.53 -1.16 4.94
CA LEU B 9 1.71 -0.70 3.54
C LEU B 9 3.20 -0.36 3.27
N MET B 10 3.84 0.42 4.14
CA MET B 10 5.26 0.79 4.02
C MET B 10 6.21 -0.42 4.03
N GLN B 11 5.93 -1.44 4.86
CA GLN B 11 6.69 -2.69 4.85
C GLN B 11 6.38 -3.60 3.65
N HIS B 12 5.15 -3.59 3.11
CA HIS B 12 4.82 -4.36 1.91
C HIS B 12 5.57 -3.85 0.67
N LEU B 13 5.82 -2.54 0.59
CA LEU B 13 6.70 -1.93 -0.42
C LEU B 13 8.18 -2.26 -0.20
N ALA B 14 8.62 -2.43 1.05
CA ALA B 14 10.00 -2.78 1.41
C ALA B 14 10.46 -4.15 0.85
N GLU B 15 9.52 -5.05 0.55
CA GLU B 15 9.80 -6.33 -0.14
C GLU B 15 10.38 -6.12 -1.55
N HIS B 16 10.04 -5.00 -2.19
CA HIS B 16 10.57 -4.57 -3.49
C HIS B 16 11.53 -3.38 -3.39
N GLY B 17 11.56 -2.71 -2.23
CA GLY B 17 12.34 -1.49 -1.95
C GLY B 17 11.71 -0.21 -2.49
N ILE B 18 10.37 -0.18 -2.64
CA ILE B 18 9.66 1.01 -3.16
C ILE B 18 9.57 2.07 -2.05
N GLN B 19 9.77 3.33 -2.42
CA GLN B 19 9.78 4.48 -1.51
C GLN B 19 8.58 5.43 -1.75
N PRO B 20 8.17 6.21 -0.75
CA PRO B 20 7.19 7.27 -0.94
C PRO B 20 7.84 8.53 -1.55
N ALA B 21 7.01 9.36 -2.18
CA ALA B 21 7.47 10.59 -2.83
C ALA B 21 7.83 11.69 -1.80
N ARG B 22 7.10 11.77 -0.68
CA ARG B 22 7.41 12.64 0.47
C ARG B 22 8.45 11.98 1.40
N ASN B 23 9.50 11.39 0.83
CA ASN B 23 10.52 10.65 1.59
C ASN B 23 11.23 11.57 2.61
N MET B 24 11.32 11.10 3.86
CA MET B 24 11.83 11.81 5.04
C MET B 24 11.15 13.16 5.37
N ALA B 25 9.99 13.42 4.77
CA ALA B 25 9.19 14.63 4.94
C ALA B 25 7.92 14.36 5.77
N GLU B 26 8.10 14.10 7.07
CA GLU B 26 7.04 14.01 8.08
C GLU B 26 5.96 12.93 7.83
N HIS B 27 6.36 11.81 7.21
CA HIS B 27 5.53 10.60 7.01
C HIS B 27 5.28 9.84 8.32
N ILE B 28 4.42 8.80 8.28
CA ILE B 28 4.18 7.88 9.41
C ILE B 28 5.34 6.89 9.62
N PRO B 29 6.04 6.90 10.78
CA PRO B 29 7.20 6.04 10.98
C PRO B 29 6.82 4.57 11.22
N PRO B 30 7.42 3.60 10.49
CA PRO B 30 7.29 2.17 10.80
C PRO B 30 8.10 1.82 12.05
N ALA B 31 7.68 0.76 12.76
CA ALA B 31 8.26 0.33 14.05
C ALA B 31 8.54 1.51 15.01
N PRO B 32 7.51 2.33 15.33
CA PRO B 32 7.65 3.56 16.14
C PRO B 32 8.07 3.27 17.59
N ASN B 33 8.41 4.33 18.32
CA ASN B 33 8.69 4.26 19.75
C ASN B 33 7.42 3.93 20.54
N TRP B 34 7.55 3.42 21.76
CA TRP B 34 6.40 3.29 22.67
C TRP B 34 5.90 4.68 23.06
N PRO B 35 4.58 4.95 23.13
CA PRO B 35 4.07 6.24 23.58
C PRO B 35 4.47 6.56 25.03
N ALA B 36 4.54 7.84 25.39
CA ALA B 36 4.79 8.28 26.77
C ALA B 36 3.68 7.76 27.71
N PRO B 37 4.00 7.03 28.81
CA PRO B 37 2.99 6.45 29.70
C PRO B 37 2.12 7.48 30.42
N THR B 38 0.90 7.05 30.79
CA THR B 38 -0.09 7.85 31.50
C THR B 38 0.21 7.84 33.02
N PRO B 39 0.33 9.01 33.68
CA PRO B 39 0.64 9.13 35.11
C PRO B 39 -0.51 8.65 36.02
N PRO B 40 -0.28 8.41 37.33
CA PRO B 40 -1.31 7.92 38.25
C PRO B 40 -2.52 8.85 38.37
N VAL B 41 -3.73 8.29 38.32
CA VAL B 41 -5.00 9.01 38.49
C VAL B 41 -6.12 8.08 39.00
N GLN B 42 -6.91 8.56 39.96
CA GLN B 42 -8.14 7.91 40.45
C GLN B 42 -9.28 8.92 40.54
N ASN B 43 -10.48 8.57 40.08
CA ASN B 43 -11.63 9.48 40.00
C ASN B 43 -13.01 8.85 40.30
N GLU B 44 -13.14 7.52 40.25
CA GLU B 44 -14.36 6.82 40.72
C GLU B 44 -14.42 6.70 42.26
N GLN B 45 -15.63 6.65 42.80
CA GLN B 45 -15.96 6.33 44.20
C GLN B 45 -17.24 5.45 44.27
N SER B 46 -17.08 4.17 44.58
CA SER B 46 -18.20 3.21 44.68
C SER B 46 -19.17 3.54 45.83
N ARG B 47 -20.47 3.34 45.61
CA ARG B 47 -21.57 3.58 46.59
C ARG B 47 -22.71 2.56 46.45
N PRO B 48 -23.47 2.23 47.52
CA PRO B 48 -24.59 1.26 47.50
C PRO B 48 -25.72 1.54 46.50
N GLY A 1 -19.23 -23.11 0.62
CA GLY A 1 -17.94 -22.50 1.03
C GLY A 1 -17.54 -21.36 0.13
N SER A 2 -16.33 -20.84 0.30
CA SER A 2 -15.70 -19.87 -0.62
C SER A 2 -15.33 -20.55 -1.94
N HIS A 3 -15.45 -19.82 -3.05
CA HIS A 3 -15.29 -20.35 -4.42
C HIS A 3 -13.84 -20.67 -4.81
N MET A 4 -13.55 -21.96 -5.04
CA MET A 4 -12.27 -22.42 -5.55
C MET A 4 -12.09 -22.04 -7.04
N SER A 5 -10.85 -21.72 -7.44
CA SER A 5 -10.48 -21.33 -8.81
C SER A 5 -11.32 -20.17 -9.40
N ASN A 6 -11.57 -19.12 -8.61
CA ASN A 6 -12.28 -17.90 -8.97
C ASN A 6 -11.68 -16.68 -8.25
N PHE A 7 -11.63 -15.50 -8.89
CA PHE A 7 -11.14 -14.25 -8.29
C PHE A 7 -12.19 -13.57 -7.37
N GLN A 8 -12.60 -14.28 -6.31
CA GLN A 8 -13.44 -13.80 -5.19
C GLN A 8 -12.59 -13.00 -4.17
N HIS A 9 -13.18 -12.07 -3.43
CA HIS A 9 -12.50 -11.23 -2.41
C HIS A 9 -11.31 -10.40 -2.96
N ILE A 10 -11.44 -9.92 -4.21
CA ILE A 10 -10.45 -9.06 -4.89
C ILE A 10 -10.99 -7.62 -5.01
N GLY A 11 -10.15 -6.63 -4.70
CA GLY A 11 -10.55 -5.22 -4.63
C GLY A 11 -10.87 -4.58 -5.99
N HIS A 12 -11.99 -3.86 -6.06
CA HIS A 12 -12.44 -3.11 -7.24
C HIS A 12 -11.85 -1.69 -7.30
N VAL A 13 -11.30 -1.31 -8.46
CA VAL A 13 -10.64 0.00 -8.70
C VAL A 13 -10.30 0.16 -10.19
N GLY A 14 -10.19 1.40 -10.71
CA GLY A 14 -9.72 1.67 -12.07
C GLY A 14 -8.20 1.47 -12.30
N TRP A 15 -7.57 0.47 -11.68
CA TRP A 15 -6.17 0.12 -11.95
C TRP A 15 -6.01 -0.69 -13.24
N ASP A 16 -4.93 -0.44 -13.98
CA ASP A 16 -4.51 -1.22 -15.15
C ASP A 16 -2.99 -1.46 -15.17
N PRO A 17 -2.51 -2.62 -15.63
CA PRO A 17 -1.08 -2.86 -15.89
C PRO A 17 -0.52 -2.00 -17.03
N ASN A 18 -1.38 -1.20 -17.68
CA ASN A 18 -1.10 -0.30 -18.78
C ASN A 18 -0.61 1.10 -18.33
N THR A 19 -1.04 1.56 -17.14
CA THR A 19 -0.75 2.92 -16.63
C THR A 19 -0.80 3.06 -15.10
N GLY A 20 -1.26 2.04 -14.37
CA GLY A 20 -1.48 2.08 -12.93
C GLY A 20 -2.89 2.51 -12.55
N PHE A 21 -3.03 3.23 -11.43
CA PHE A 21 -4.33 3.63 -10.87
C PHE A 21 -4.99 4.80 -11.61
N ASP A 22 -6.29 4.70 -11.93
CA ASP A 22 -7.08 5.85 -12.40
C ASP A 22 -7.47 6.74 -11.21
N LEU A 23 -6.83 7.90 -11.09
CA LEU A 23 -6.99 8.83 -9.96
C LEU A 23 -8.42 9.37 -9.79
N ASN A 24 -9.22 9.35 -10.86
CA ASN A 24 -10.62 9.78 -10.83
C ASN A 24 -11.55 8.72 -10.18
N ASN A 25 -11.14 7.45 -10.20
CA ASN A 25 -11.88 6.28 -9.70
C ASN A 25 -11.24 5.62 -8.46
N LEU A 26 -10.12 6.16 -7.97
CA LEU A 26 -9.45 5.70 -6.75
C LEU A 26 -10.27 6.10 -5.52
N ASP A 27 -10.53 5.15 -4.61
CA ASP A 27 -11.36 5.37 -3.42
C ASP A 27 -10.65 6.30 -2.42
N PRO A 28 -11.34 7.28 -1.82
CA PRO A 28 -10.72 8.25 -0.92
C PRO A 28 -10.34 7.63 0.43
N GLU A 29 -11.03 6.57 0.87
CA GLU A 29 -10.64 5.80 2.05
C GLU A 29 -9.36 5.00 1.79
N LEU A 30 -9.26 4.34 0.62
CA LEU A 30 -7.99 3.69 0.24
C LEU A 30 -6.85 4.72 0.05
N LYS A 31 -7.16 5.91 -0.45
CA LYS A 31 -6.20 7.03 -0.59
C LYS A 31 -5.67 7.52 0.75
N ASN A 32 -6.42 7.38 1.85
CA ASN A 32 -5.95 7.76 3.18
C ASN A 32 -4.61 7.08 3.50
N LEU A 33 -4.51 5.78 3.26
CA LEU A 33 -3.32 4.99 3.56
C LEU A 33 -2.15 5.41 2.69
N PHE A 34 -2.41 5.63 1.40
CA PHE A 34 -1.41 6.04 0.42
C PHE A 34 -0.75 7.36 0.85
N ASP A 35 -1.59 8.32 1.24
CA ASP A 35 -1.15 9.66 1.63
C ASP A 35 -0.49 9.67 3.02
N MET A 36 -1.02 8.94 4.01
CA MET A 36 -0.39 8.80 5.33
C MET A 36 1.02 8.17 5.25
N CYS A 37 1.24 7.27 4.29
CA CYS A 37 2.57 6.72 3.97
C CYS A 37 3.48 7.68 3.19
N GLY A 38 2.94 8.73 2.57
CA GLY A 38 3.68 9.69 1.75
C GLY A 38 3.77 9.33 0.26
N ILE A 39 3.05 8.31 -0.21
CA ILE A 39 2.93 7.99 -1.64
C ILE A 39 2.10 9.10 -2.29
N SER A 40 2.46 9.54 -3.50
CA SER A 40 1.70 10.54 -4.27
C SER A 40 1.36 10.05 -5.68
N GLU A 41 0.49 10.79 -6.37
CA GLU A 41 -0.11 10.51 -7.67
C GLU A 41 0.87 9.98 -8.71
N ALA A 42 2.04 10.61 -8.79
CA ALA A 42 3.16 10.17 -9.63
C ALA A 42 3.52 8.68 -9.47
N GLN A 43 3.59 8.18 -8.23
CA GLN A 43 3.87 6.77 -7.92
C GLN A 43 2.70 5.85 -8.31
N LEU A 44 1.47 6.39 -8.27
CA LEU A 44 0.23 5.67 -8.59
C LEU A 44 0.03 5.52 -10.11
N LYS A 45 0.58 6.44 -10.91
CA LYS A 45 0.65 6.39 -12.38
C LYS A 45 1.90 5.70 -12.95
N ASP A 46 2.76 5.14 -12.10
CA ASP A 46 3.88 4.29 -12.52
C ASP A 46 3.44 2.82 -12.55
N ARG A 47 3.56 2.13 -13.70
CA ARG A 47 3.11 0.73 -13.86
C ARG A 47 3.75 -0.26 -12.89
N GLU A 48 5.05 -0.18 -12.71
CA GLU A 48 5.82 -1.14 -11.89
C GLU A 48 5.64 -0.86 -10.39
N THR A 49 5.59 0.42 -10.00
CA THR A 49 5.33 0.86 -8.61
C THR A 49 3.89 0.61 -8.18
N SER A 50 2.90 1.07 -8.96
CA SER A 50 1.47 0.91 -8.62
C SER A 50 1.04 -0.55 -8.50
N LYS A 51 1.69 -1.46 -9.26
CA LYS A 51 1.55 -2.92 -9.13
C LYS A 51 1.93 -3.43 -7.73
N VAL A 52 3.04 -2.94 -7.15
CA VAL A 52 3.45 -3.29 -5.78
C VAL A 52 2.46 -2.73 -4.75
N ILE A 53 1.95 -1.52 -5.00
CA ILE A 53 0.96 -0.87 -4.13
C ILE A 53 -0.38 -1.62 -4.15
N TYR A 54 -0.92 -1.94 -5.33
CA TYR A 54 -2.18 -2.70 -5.47
C TYR A 54 -2.12 -4.05 -4.77
N ASP A 55 -0.96 -4.70 -4.81
CA ASP A 55 -0.71 -6.00 -4.20
C ASP A 55 -1.07 -6.03 -2.70
N PHE A 56 -0.88 -4.91 -1.98
CA PHE A 56 -1.22 -4.82 -0.56
C PHE A 56 -2.73 -4.86 -0.33
N ILE A 57 -3.48 -4.15 -1.19
CA ILE A 57 -4.93 -4.04 -1.11
C ILE A 57 -5.57 -5.41 -1.29
N GLU A 58 -5.31 -6.07 -2.41
CA GLU A 58 -5.81 -7.45 -2.61
C GLU A 58 -5.31 -8.43 -1.54
N LYS A 59 -4.09 -8.24 -0.99
CA LYS A 59 -3.50 -9.14 0.02
C LYS A 59 -4.30 -9.21 1.31
N THR A 60 -4.69 -8.06 1.84
CA THR A 60 -5.55 -7.98 3.05
C THR A 60 -7.00 -8.39 2.77
N GLY A 61 -7.44 -8.36 1.50
CA GLY A 61 -8.82 -8.70 1.10
C GLY A 61 -9.53 -7.70 0.17
N GLY A 62 -8.78 -6.96 -0.66
CA GLY A 62 -9.30 -5.90 -1.52
C GLY A 62 -9.58 -4.58 -0.79
N VAL A 63 -10.28 -3.67 -1.47
CA VAL A 63 -10.58 -2.34 -0.95
C VAL A 63 -11.49 -2.41 0.28
N GLU A 64 -12.48 -3.32 0.29
CA GLU A 64 -13.41 -3.52 1.40
C GLU A 64 -12.71 -4.00 2.67
N ALA A 65 -11.52 -4.59 2.54
CA ALA A 65 -10.68 -4.92 3.68
C ALA A 65 -9.97 -3.67 4.21
N VAL A 66 -9.14 -3.00 3.42
CA VAL A 66 -8.37 -1.82 3.88
C VAL A 66 -9.26 -0.71 4.44
N LYS A 67 -10.42 -0.47 3.82
CA LYS A 67 -11.44 0.50 4.27
C LYS A 67 -11.94 0.22 5.69
N ASN A 68 -12.00 -1.06 6.08
CA ASN A 68 -12.42 -1.54 7.39
C ASN A 68 -11.26 -1.76 8.37
N GLU A 69 -10.07 -2.05 7.86
CA GLU A 69 -8.84 -2.18 8.65
C GLU A 69 -8.42 -0.82 9.21
N LEU A 70 -8.30 0.21 8.35
CA LEU A 70 -7.82 1.55 8.75
C LEU A 70 -8.78 2.27 9.71
N ARG A 71 -10.05 1.85 9.77
CA ARG A 71 -11.10 2.37 10.66
C ARG A 71 -10.72 2.30 12.16
N ARG A 72 -9.89 1.33 12.55
CA ARG A 72 -9.52 1.05 13.95
C ARG A 72 -8.77 2.19 14.64
N GLN A 73 -8.99 2.35 15.95
CA GLN A 73 -8.39 3.42 16.78
C GLN A 73 -6.96 3.08 17.22
N GLY B 1 -4.32 5.66 19.99
CA GLY B 1 -4.38 5.01 18.67
C GLY B 1 -3.58 5.78 17.64
N LEU B 2 -3.17 5.10 16.57
CA LEU B 2 -2.50 5.69 15.40
C LEU B 2 -2.76 4.86 14.12
N PRO B 3 -2.42 5.34 12.92
CA PRO B 3 -2.59 4.59 11.68
C PRO B 3 -1.51 3.51 11.49
N ASP B 4 -1.66 2.38 12.21
CA ASP B 4 -0.81 1.18 12.08
C ASP B 4 -1.10 0.36 10.80
N VAL B 5 -2.22 0.60 10.12
CA VAL B 5 -2.52 0.02 8.78
C VAL B 5 -1.64 0.65 7.69
N ALA B 6 -1.31 1.95 7.82
CA ALA B 6 -0.32 2.60 6.96
C ALA B 6 1.08 1.97 7.13
N GLN B 7 1.45 1.61 8.35
CA GLN B 7 2.72 0.93 8.64
C GLN B 7 2.78 -0.45 7.95
N ARG B 8 1.65 -1.17 7.84
CA ARG B 8 1.56 -2.42 7.06
C ARG B 8 1.72 -2.21 5.54
N LEU B 9 1.16 -1.13 4.97
CA LEU B 9 1.41 -0.75 3.57
C LEU B 9 2.90 -0.48 3.33
N MET B 10 3.57 0.26 4.23
CA MET B 10 5.02 0.51 4.14
C MET B 10 5.84 -0.78 4.16
N GLN B 11 5.51 -1.73 5.04
CA GLN B 11 6.14 -3.06 5.12
C GLN B 11 5.97 -3.87 3.82
N HIS B 12 4.80 -3.82 3.19
CA HIS B 12 4.51 -4.60 1.98
C HIS B 12 5.32 -4.11 0.76
N LEU B 13 5.52 -2.78 0.65
CA LEU B 13 6.39 -2.14 -0.35
C LEU B 13 7.88 -2.45 -0.14
N ALA B 14 8.32 -2.68 1.11
CA ALA B 14 9.73 -2.92 1.44
C ALA B 14 10.26 -4.23 0.84
N GLU B 15 9.37 -5.18 0.55
CA GLU B 15 9.69 -6.47 -0.08
C GLU B 15 10.10 -6.33 -1.56
N HIS B 16 9.68 -5.25 -2.23
CA HIS B 16 10.07 -4.92 -3.60
C HIS B 16 11.06 -3.74 -3.67
N GLY B 17 11.26 -3.01 -2.57
CA GLY B 17 12.16 -1.86 -2.48
C GLY B 17 11.54 -0.52 -2.88
N ILE B 18 10.22 -0.33 -2.67
CA ILE B 18 9.51 0.90 -3.04
C ILE B 18 9.56 1.92 -1.88
N GLN B 19 9.71 3.21 -2.21
CA GLN B 19 9.72 4.35 -1.28
C GLN B 19 8.57 5.34 -1.57
N PRO B 20 8.19 6.20 -0.59
CA PRO B 20 7.21 7.26 -0.81
C PRO B 20 7.77 8.51 -1.51
N ALA B 21 6.87 9.33 -2.05
CA ALA B 21 7.16 10.60 -2.72
C ALA B 21 7.36 11.80 -1.76
N ARG B 22 6.67 11.82 -0.61
CA ARG B 22 6.84 12.82 0.45
C ARG B 22 7.94 12.35 1.42
N ASN B 23 9.17 12.32 0.93
CA ASN B 23 10.35 11.80 1.61
C ASN B 23 10.96 12.76 2.65
N MET B 24 11.78 12.24 3.58
CA MET B 24 12.49 12.99 4.60
C MET B 24 13.95 12.51 4.75
N ALA B 25 14.73 13.29 5.50
CA ALA B 25 16.18 13.13 5.71
C ALA B 25 16.61 11.93 6.58
N GLU B 26 15.66 11.21 7.15
CA GLU B 26 15.83 10.07 8.06
C GLU B 26 14.89 8.92 7.67
N HIS B 27 14.97 7.79 8.36
CA HIS B 27 14.09 6.64 8.21
C HIS B 27 13.88 5.93 9.56
N ILE B 28 12.69 5.37 9.80
CA ILE B 28 12.39 4.56 10.99
C ILE B 28 11.65 3.27 10.63
N PRO B 29 11.86 2.14 11.36
CA PRO B 29 11.18 0.88 11.08
C PRO B 29 9.65 0.99 11.25
N PRO B 30 8.82 0.65 10.25
CA PRO B 30 7.35 0.66 10.37
C PRO B 30 6.85 -0.43 11.33
N ALA B 31 6.00 -0.06 12.28
CA ALA B 31 5.47 -0.90 13.37
C ALA B 31 6.57 -1.68 14.13
N PRO B 32 7.39 -0.99 14.95
CA PRO B 32 8.39 -1.60 15.82
C PRO B 32 7.73 -2.20 17.06
N ASN B 33 6.91 -3.24 16.84
CA ASN B 33 6.24 -4.00 17.90
C ASN B 33 7.24 -4.89 18.67
N TRP B 34 6.97 -5.14 19.96
CA TRP B 34 7.86 -5.98 20.78
C TRP B 34 7.49 -7.46 20.61
N PRO B 35 8.44 -8.37 20.34
CA PRO B 35 8.14 -9.77 20.03
C PRO B 35 7.63 -10.58 21.23
N ALA B 36 6.80 -11.58 20.94
CA ALA B 36 6.36 -12.61 21.89
C ALA B 36 7.50 -13.63 22.16
N PRO B 37 7.37 -14.52 23.18
CA PRO B 37 8.40 -15.52 23.49
C PRO B 37 8.67 -16.52 22.35
N THR B 38 9.94 -16.89 22.13
CA THR B 38 10.36 -17.88 21.15
C THR B 38 10.42 -19.30 21.74
N PRO B 39 10.05 -20.34 20.98
CA PRO B 39 10.00 -21.73 21.43
C PRO B 39 11.39 -22.40 21.57
N PRO B 40 11.49 -23.51 22.33
CA PRO B 40 12.73 -24.28 22.44
C PRO B 40 13.08 -25.06 21.17
N VAL B 41 14.35 -25.39 20.99
CA VAL B 41 14.87 -26.26 19.92
C VAL B 41 16.04 -27.14 20.39
N GLN B 42 16.21 -28.31 19.76
CA GLN B 42 17.24 -29.32 20.04
C GLN B 42 17.20 -29.92 21.47
N ASN B 43 16.08 -29.74 22.20
CA ASN B 43 15.80 -30.40 23.47
C ASN B 43 15.24 -31.83 23.28
N GLU B 44 14.83 -32.50 24.36
CA GLU B 44 14.26 -33.86 24.30
C GLU B 44 12.91 -33.92 23.55
N GLN B 45 12.66 -35.04 22.88
CA GLN B 45 11.35 -35.35 22.26
C GLN B 45 10.31 -35.80 23.30
N SER B 46 9.05 -35.38 23.13
CA SER B 46 7.91 -35.69 24.01
C SER B 46 7.19 -36.97 23.56
N ARG B 47 7.77 -38.15 23.83
CA ARG B 47 7.13 -39.45 23.56
C ARG B 47 5.93 -39.69 24.52
N PRO B 48 4.77 -40.15 24.02
CA PRO B 48 3.52 -40.29 24.78
C PRO B 48 3.49 -41.46 25.78
N GLY A 1 1.51 -24.03 -8.11
CA GLY A 1 0.69 -25.21 -7.79
C GLY A 1 -0.48 -24.82 -6.91
N SER A 2 -0.31 -24.85 -5.58
CA SER A 2 -1.38 -24.62 -4.60
C SER A 2 -1.86 -23.15 -4.53
N HIS A 3 -3.12 -22.94 -4.15
CA HIS A 3 -3.78 -21.63 -4.15
C HIS A 3 -3.43 -20.77 -2.92
N MET A 4 -2.72 -19.66 -3.13
CA MET A 4 -2.29 -18.72 -2.07
C MET A 4 -3.18 -17.46 -1.94
N SER A 5 -4.23 -17.34 -2.77
CA SER A 5 -5.21 -16.25 -2.80
C SER A 5 -6.50 -16.71 -3.52
N ASN A 6 -7.49 -15.84 -3.72
CA ASN A 6 -8.75 -16.17 -4.43
C ASN A 6 -9.38 -14.92 -5.10
N PHE A 7 -9.95 -15.06 -6.31
CA PHE A 7 -10.54 -13.92 -7.04
C PHE A 7 -11.80 -13.32 -6.35
N GLN A 8 -12.42 -14.06 -5.43
CA GLN A 8 -13.48 -13.53 -4.56
C GLN A 8 -13.00 -12.36 -3.68
N HIS A 9 -11.69 -12.29 -3.38
CA HIS A 9 -11.08 -11.33 -2.45
C HIS A 9 -10.08 -10.39 -3.16
N ILE A 10 -10.50 -9.85 -4.30
CA ILE A 10 -9.80 -8.87 -5.14
C ILE A 10 -10.32 -7.46 -4.88
N GLY A 11 -9.46 -6.44 -4.91
CA GLY A 11 -9.85 -5.03 -4.81
C GLY A 11 -10.51 -4.45 -6.06
N HIS A 12 -11.79 -4.09 -5.95
CA HIS A 12 -12.53 -3.32 -6.97
C HIS A 12 -12.08 -1.85 -6.99
N VAL A 13 -11.30 -1.50 -8.02
CA VAL A 13 -10.76 -0.16 -8.33
C VAL A 13 -10.35 -0.12 -9.81
N GLY A 14 -10.35 1.06 -10.44
CA GLY A 14 -10.05 1.23 -11.87
C GLY A 14 -8.59 1.01 -12.33
N TRP A 15 -7.76 0.26 -11.60
CA TRP A 15 -6.34 0.03 -11.94
C TRP A 15 -6.14 -0.76 -13.25
N ASP A 16 -5.08 -0.44 -13.99
CA ASP A 16 -4.67 -1.10 -15.24
C ASP A 16 -3.15 -1.28 -15.34
N PRO A 17 -2.63 -2.40 -15.88
CA PRO A 17 -1.20 -2.63 -16.06
C PRO A 17 -0.52 -1.69 -17.09
N ASN A 18 -1.29 -0.85 -17.77
CA ASN A 18 -0.82 0.11 -18.78
C ASN A 18 -0.42 1.48 -18.20
N THR A 19 -1.11 1.95 -17.15
CA THR A 19 -0.94 3.30 -16.56
C THR A 19 -1.21 3.32 -15.03
N GLY A 20 -1.44 2.17 -14.41
CA GLY A 20 -1.61 2.04 -12.96
C GLY A 20 -2.99 2.45 -12.47
N PHE A 21 -3.05 3.10 -11.30
CA PHE A 21 -4.31 3.54 -10.68
C PHE A 21 -4.99 4.63 -11.52
N ASP A 22 -6.32 4.56 -11.58
CA ASP A 22 -7.19 5.59 -12.13
C ASP A 22 -7.60 6.59 -11.05
N LEU A 23 -7.16 7.84 -11.20
CA LEU A 23 -7.36 8.93 -10.24
C LEU A 23 -8.84 9.29 -10.04
N ASN A 24 -9.68 9.19 -11.08
CA ASN A 24 -11.12 9.47 -10.99
C ASN A 24 -11.94 8.30 -10.41
N ASN A 25 -11.41 7.08 -10.45
CA ASN A 25 -12.02 5.89 -9.81
C ASN A 25 -11.39 5.54 -8.45
N LEU A 26 -10.51 6.39 -7.90
CA LEU A 26 -9.80 6.14 -6.65
C LEU A 26 -10.70 6.35 -5.41
N ASP A 27 -10.66 5.42 -4.47
CA ASP A 27 -11.40 5.50 -3.20
C ASP A 27 -10.71 6.45 -2.20
N PRO A 28 -11.44 7.29 -1.46
CA PRO A 28 -10.86 8.28 -0.55
C PRO A 28 -10.25 7.62 0.71
N GLU A 29 -10.81 6.50 1.16
CA GLU A 29 -10.29 5.74 2.31
C GLU A 29 -9.09 4.88 1.90
N LEU A 30 -9.06 4.34 0.68
CA LEU A 30 -7.82 3.72 0.19
C LEU A 30 -6.72 4.79 0.02
N LYS A 31 -7.08 6.01 -0.42
CA LYS A 31 -6.15 7.14 -0.57
C LYS A 31 -5.59 7.65 0.77
N ASN A 32 -6.35 7.57 1.86
CA ASN A 32 -5.87 7.93 3.20
C ASN A 32 -4.60 7.17 3.60
N LEU A 33 -4.56 5.87 3.31
CA LEU A 33 -3.39 5.03 3.57
C LEU A 33 -2.20 5.43 2.69
N PHE A 34 -2.47 5.74 1.43
CA PHE A 34 -1.44 6.18 0.48
C PHE A 34 -0.80 7.50 0.97
N ASP A 35 -1.65 8.39 1.45
CA ASP A 35 -1.27 9.74 1.88
C ASP A 35 -0.49 9.73 3.21
N MET A 36 -0.93 8.94 4.19
CA MET A 36 -0.22 8.75 5.48
C MET A 36 1.14 8.07 5.32
N CYS A 37 1.38 7.37 4.22
CA CYS A 37 2.70 6.86 3.83
C CYS A 37 3.59 7.88 3.11
N GLY A 38 3.02 8.96 2.58
CA GLY A 38 3.73 9.97 1.79
C GLY A 38 3.76 9.69 0.29
N ILE A 39 2.81 8.95 -0.26
CA ILE A 39 2.74 8.65 -1.70
C ILE A 39 2.05 9.83 -2.45
N SER A 40 2.36 9.99 -3.73
CA SER A 40 1.84 11.04 -4.64
C SER A 40 1.40 10.42 -5.97
N GLU A 41 0.60 11.14 -6.78
CA GLU A 41 0.03 10.64 -8.05
C GLU A 41 1.10 10.03 -8.97
N ALA A 42 2.28 10.63 -9.04
CA ALA A 42 3.42 10.14 -9.82
C ALA A 42 3.75 8.65 -9.56
N GLN A 43 3.73 8.23 -8.29
CA GLN A 43 3.98 6.84 -7.88
C GLN A 43 2.80 5.92 -8.26
N LEU A 44 1.58 6.47 -8.26
CA LEU A 44 0.34 5.74 -8.55
C LEU A 44 0.11 5.55 -10.07
N LYS A 45 0.68 6.45 -10.90
CA LYS A 45 0.69 6.39 -12.36
C LYS A 45 1.84 5.56 -12.96
N ASP A 46 2.83 5.15 -12.17
CA ASP A 46 3.84 4.18 -12.60
C ASP A 46 3.26 2.76 -12.56
N ARG A 47 3.48 1.98 -13.62
CA ARG A 47 3.03 0.59 -13.73
C ARG A 47 3.59 -0.29 -12.63
N GLU A 48 4.91 -0.38 -12.54
CA GLU A 48 5.63 -1.29 -11.63
C GLU A 48 5.40 -0.92 -10.15
N THR A 49 5.45 0.37 -9.83
CA THR A 49 5.20 0.89 -8.48
C THR A 49 3.75 0.63 -8.05
N SER A 50 2.76 1.05 -8.86
CA SER A 50 1.35 0.83 -8.53
C SER A 50 0.97 -0.66 -8.45
N LYS A 51 1.63 -1.54 -9.21
CA LYS A 51 1.52 -3.00 -9.12
C LYS A 51 1.96 -3.55 -7.76
N VAL A 52 3.01 -2.97 -7.13
CA VAL A 52 3.42 -3.35 -5.76
C VAL A 52 2.45 -2.78 -4.73
N ILE A 53 1.98 -1.54 -4.92
CA ILE A 53 1.02 -0.91 -4.02
C ILE A 53 -0.31 -1.68 -4.01
N TYR A 54 -0.87 -2.00 -5.19
CA TYR A 54 -2.13 -2.73 -5.33
C TYR A 54 -2.08 -4.11 -4.67
N ASP A 55 -0.92 -4.77 -4.72
CA ASP A 55 -0.67 -6.07 -4.08
C ASP A 55 -1.09 -6.11 -2.61
N PHE A 56 -0.91 -5.00 -1.88
CA PHE A 56 -1.24 -4.87 -0.46
C PHE A 56 -2.75 -4.89 -0.21
N ILE A 57 -3.52 -4.31 -1.14
CA ILE A 57 -4.98 -4.20 -1.08
C ILE A 57 -5.62 -5.57 -1.33
N GLU A 58 -5.32 -6.21 -2.47
CA GLU A 58 -5.82 -7.58 -2.72
C GLU A 58 -5.35 -8.58 -1.63
N LYS A 59 -4.15 -8.39 -1.03
CA LYS A 59 -3.58 -9.28 0.01
C LYS A 59 -4.45 -9.38 1.25
N THR A 60 -4.94 -8.26 1.76
CA THR A 60 -5.90 -8.25 2.88
C THR A 60 -7.30 -8.74 2.46
N GLY A 61 -7.65 -8.58 1.17
CA GLY A 61 -8.94 -9.00 0.59
C GLY A 61 -9.68 -7.96 -0.25
N GLY A 62 -8.96 -7.07 -0.94
CA GLY A 62 -9.53 -5.95 -1.70
C GLY A 62 -9.70 -4.65 -0.90
N VAL A 63 -10.41 -3.69 -1.49
CA VAL A 63 -10.55 -2.33 -0.92
C VAL A 63 -11.41 -2.34 0.32
N GLU A 64 -12.47 -3.16 0.33
CA GLU A 64 -13.38 -3.37 1.46
C GLU A 64 -12.65 -3.77 2.73
N ALA A 65 -11.59 -4.57 2.55
CA ALA A 65 -10.74 -5.02 3.64
C ALA A 65 -9.92 -3.88 4.25
N VAL A 66 -9.10 -3.16 3.47
CA VAL A 66 -8.31 -2.01 3.97
C VAL A 66 -9.19 -0.90 4.53
N LYS A 67 -10.34 -0.64 3.90
CA LYS A 67 -11.38 0.30 4.36
C LYS A 67 -11.99 -0.09 5.71
N ASN A 68 -11.93 -1.36 6.10
CA ASN A 68 -12.27 -1.83 7.44
C ASN A 68 -11.06 -1.86 8.39
N GLU A 69 -9.85 -2.10 7.90
CA GLU A 69 -8.64 -2.12 8.72
C GLU A 69 -8.29 -0.71 9.25
N LEU A 70 -8.44 0.34 8.44
CA LEU A 70 -8.33 1.73 8.95
C LEU A 70 -9.57 2.25 9.67
N ARG A 71 -10.70 1.52 9.64
CA ARG A 71 -11.90 1.78 10.46
C ARG A 71 -11.73 1.25 11.90
N ARG A 72 -10.84 0.26 12.14
CA ARG A 72 -10.46 -0.22 13.48
C ARG A 72 -9.99 0.91 14.39
N GLN A 73 -10.16 0.73 15.70
CA GLN A 73 -9.79 1.67 16.78
C GLN A 73 -10.41 3.06 16.58
N GLY B 1 -3.44 6.11 20.18
CA GLY B 1 -3.43 5.07 19.14
C GLY B 1 -2.29 5.28 18.17
N LEU B 2 -2.15 4.39 17.16
CA LEU B 2 -1.13 4.46 16.10
C LEU B 2 -1.63 3.83 14.77
N PRO B 3 -1.17 4.32 13.60
CA PRO B 3 -1.66 3.90 12.28
C PRO B 3 -1.01 2.61 11.73
N ASP B 4 -1.17 1.49 12.43
CA ASP B 4 -0.59 0.18 12.06
C ASP B 4 -0.92 -0.25 10.60
N VAL B 5 -2.16 -0.06 10.16
CA VAL B 5 -2.62 -0.31 8.77
C VAL B 5 -1.81 0.45 7.71
N ALA B 6 -1.35 1.67 8.01
CA ALA B 6 -0.51 2.46 7.10
C ALA B 6 0.98 2.07 7.22
N GLN B 7 1.45 1.70 8.41
CA GLN B 7 2.81 1.18 8.62
C GLN B 7 3.03 -0.11 7.80
N ARG B 8 2.03 -1.01 7.78
CA ARG B 8 2.07 -2.24 6.97
C ARG B 8 2.13 -1.98 5.46
N LEU B 9 1.61 -0.86 4.95
CA LEU B 9 1.72 -0.50 3.53
C LEU B 9 3.19 -0.19 3.14
N MET B 10 3.92 0.56 3.98
CA MET B 10 5.37 0.80 3.79
C MET B 10 6.18 -0.50 3.91
N GLN B 11 5.88 -1.33 4.93
CA GLN B 11 6.50 -2.63 5.15
C GLN B 11 6.20 -3.65 4.02
N HIS B 12 5.09 -3.48 3.30
CA HIS B 12 4.73 -4.28 2.11
C HIS B 12 5.58 -3.87 0.90
N LEU B 13 5.72 -2.57 0.64
CA LEU B 13 6.58 -2.03 -0.43
C LEU B 13 8.05 -2.41 -0.23
N ALA B 14 8.50 -2.61 1.01
CA ALA B 14 9.84 -3.08 1.35
C ALA B 14 10.15 -4.52 0.87
N GLU B 15 9.14 -5.33 0.55
CA GLU B 15 9.31 -6.67 -0.04
C GLU B 15 9.83 -6.62 -1.48
N HIS B 16 9.55 -5.52 -2.20
CA HIS B 16 10.09 -5.27 -3.54
C HIS B 16 11.20 -4.21 -3.56
N GLY B 17 11.19 -3.27 -2.61
CA GLY B 17 12.12 -2.15 -2.51
C GLY B 17 11.55 -0.79 -2.94
N ILE B 18 10.24 -0.57 -2.82
CA ILE B 18 9.57 0.68 -3.22
C ILE B 18 9.47 1.64 -2.02
N GLN B 19 9.51 2.96 -2.27
CA GLN B 19 9.46 4.01 -1.24
C GLN B 19 8.46 5.15 -1.58
N PRO B 20 8.11 6.03 -0.62
CA PRO B 20 7.15 7.12 -0.85
C PRO B 20 7.79 8.39 -1.48
N ALA B 21 6.94 9.26 -2.03
CA ALA B 21 7.34 10.56 -2.56
C ALA B 21 7.83 11.55 -1.48
N ARG B 22 7.20 11.54 -0.29
CA ARG B 22 7.54 12.40 0.87
C ARG B 22 8.56 11.76 1.82
N ASN B 23 9.55 11.03 1.28
CA ASN B 23 10.51 10.26 2.09
C ASN B 23 11.43 11.14 2.96
N MET B 24 11.68 10.72 4.21
CA MET B 24 12.54 11.38 5.20
C MET B 24 13.60 10.40 5.76
N ALA B 25 14.46 10.89 6.64
CA ALA B 25 15.63 10.19 7.23
C ALA B 25 15.35 8.93 8.10
N GLU B 26 14.10 8.49 8.22
CA GLU B 26 13.69 7.30 9.00
C GLU B 26 14.12 5.96 8.38
N HIS B 27 14.54 5.97 7.12
CA HIS B 27 15.10 4.84 6.37
C HIS B 27 16.11 5.33 5.30
N ILE B 28 17.05 4.47 4.89
CA ILE B 28 17.93 4.73 3.74
C ILE B 28 17.19 4.38 2.43
N PRO B 29 17.03 5.30 1.45
CA PRO B 29 16.25 5.09 0.22
C PRO B 29 16.54 3.78 -0.54
N PRO B 30 15.60 2.80 -0.56
CA PRO B 30 15.72 1.57 -1.33
C PRO B 30 15.35 1.78 -2.81
N ALA B 31 15.75 0.83 -3.65
CA ALA B 31 15.32 0.71 -5.05
C ALA B 31 14.99 -0.76 -5.38
N PRO B 32 13.99 -1.02 -6.25
CA PRO B 32 13.65 -2.38 -6.68
C PRO B 32 14.69 -2.96 -7.65
N ASN B 33 14.67 -4.28 -7.84
CA ASN B 33 15.46 -4.94 -8.88
C ASN B 33 14.63 -5.01 -10.17
N TRP B 34 14.77 -3.99 -11.02
CA TRP B 34 14.01 -3.87 -12.27
C TRP B 34 14.30 -5.02 -13.26
N PRO B 35 13.27 -5.66 -13.86
CA PRO B 35 13.44 -6.61 -14.94
C PRO B 35 13.90 -5.93 -16.24
N ALA B 36 14.35 -6.72 -17.21
CA ALA B 36 14.77 -6.23 -18.52
C ALA B 36 13.59 -5.64 -19.32
N PRO B 37 13.71 -4.44 -19.91
CA PRO B 37 12.66 -3.86 -20.75
C PRO B 37 12.40 -4.66 -22.04
N THR B 38 11.13 -4.72 -22.46
CA THR B 38 10.68 -5.26 -23.75
C THR B 38 9.81 -4.21 -24.48
N PRO B 39 10.41 -3.09 -24.97
CA PRO B 39 9.69 -2.04 -25.69
C PRO B 39 9.31 -2.44 -27.13
N PRO B 40 8.33 -1.77 -27.75
CA PRO B 40 7.94 -2.00 -29.15
C PRO B 40 9.02 -1.50 -30.12
N VAL B 41 9.50 -2.37 -31.02
CA VAL B 41 10.62 -2.11 -31.94
C VAL B 41 10.44 -2.72 -33.33
N GLN B 42 11.18 -2.20 -34.31
CA GLN B 42 11.24 -2.71 -35.68
C GLN B 42 11.85 -4.12 -35.75
N ASN B 43 11.17 -5.05 -36.44
CA ASN B 43 11.66 -6.41 -36.68
C ASN B 43 12.69 -6.47 -37.83
N GLU B 44 13.59 -7.45 -37.80
CA GLU B 44 14.55 -7.72 -38.88
C GLU B 44 14.73 -9.24 -39.09
N GLN B 45 14.96 -9.63 -40.35
CA GLN B 45 15.05 -11.02 -40.82
C GLN B 45 16.11 -11.21 -41.93
N SER B 46 16.52 -10.13 -42.62
CA SER B 46 17.50 -10.14 -43.71
C SER B 46 18.96 -10.30 -43.22
N ARG B 47 19.85 -10.63 -44.17
CA ARG B 47 21.32 -10.62 -44.03
C ARG B 47 21.86 -9.19 -44.25
N PRO B 48 22.59 -8.58 -43.30
CA PRO B 48 23.11 -7.22 -43.43
C PRO B 48 24.32 -7.10 -44.37
N GLY A 1 -20.74 -21.80 -18.57
CA GLY A 1 -21.32 -22.87 -17.75
C GLY A 1 -20.24 -23.56 -16.94
N SER A 2 -20.54 -23.88 -15.67
CA SER A 2 -19.66 -24.62 -14.75
C SER A 2 -18.27 -24.01 -14.48
N HIS A 3 -18.13 -22.68 -14.51
CA HIS A 3 -16.89 -21.97 -14.18
C HIS A 3 -17.12 -20.57 -13.59
N MET A 4 -16.09 -20.01 -12.93
CA MET A 4 -16.03 -18.62 -12.45
C MET A 4 -14.57 -18.12 -12.40
N SER A 5 -14.35 -16.80 -12.44
CA SER A 5 -13.00 -16.22 -12.46
C SER A 5 -12.26 -16.40 -11.12
N ASN A 6 -10.98 -16.75 -11.18
CA ASN A 6 -10.09 -16.78 -10.01
C ASN A 6 -9.93 -15.38 -9.36
N PHE A 7 -10.17 -14.30 -10.12
CA PHE A 7 -10.06 -12.90 -9.67
C PHE A 7 -11.43 -12.26 -9.32
N GLN A 8 -12.52 -13.03 -9.22
CA GLN A 8 -13.88 -12.51 -9.01
C GLN A 8 -14.07 -11.64 -7.75
N HIS A 9 -13.23 -11.81 -6.72
CA HIS A 9 -13.30 -11.10 -5.43
C HIS A 9 -12.11 -10.14 -5.19
N ILE A 10 -11.37 -9.80 -6.25
CA ILE A 10 -10.34 -8.74 -6.21
C ILE A 10 -11.00 -7.37 -6.03
N GLY A 11 -10.40 -6.52 -5.18
CA GLY A 11 -10.94 -5.21 -4.81
C GLY A 11 -11.08 -4.24 -5.97
N HIS A 12 -12.27 -3.67 -6.13
CA HIS A 12 -12.63 -2.80 -7.26
C HIS A 12 -11.94 -1.43 -7.23
N VAL A 13 -11.19 -1.14 -8.31
CA VAL A 13 -10.59 0.16 -8.65
C VAL A 13 -10.08 0.10 -10.10
N GLY A 14 -10.02 1.24 -10.81
CA GLY A 14 -9.57 1.34 -12.21
C GLY A 14 -8.07 1.17 -12.46
N TRP A 15 -7.38 0.30 -11.69
CA TRP A 15 -5.97 -0.03 -11.91
C TRP A 15 -5.78 -0.91 -13.16
N ASP A 16 -4.69 -0.69 -13.90
CA ASP A 16 -4.25 -1.50 -15.05
C ASP A 16 -2.72 -1.68 -15.06
N PRO A 17 -2.20 -2.84 -15.51
CA PRO A 17 -0.77 -3.07 -15.72
C PRO A 17 -0.17 -2.23 -16.88
N ASN A 18 -1.01 -1.43 -17.53
CA ASN A 18 -0.70 -0.50 -18.61
C ASN A 18 -0.32 0.92 -18.13
N THR A 19 -0.97 1.39 -17.06
CA THR A 19 -0.84 2.80 -16.59
C THR A 19 -0.95 2.98 -15.07
N GLY A 20 -1.11 1.89 -14.31
CA GLY A 20 -1.34 1.95 -12.88
C GLY A 20 -2.77 2.39 -12.55
N PHE A 21 -2.93 3.17 -11.49
CA PHE A 21 -4.24 3.61 -11.00
C PHE A 21 -4.90 4.67 -11.90
N ASP A 22 -6.21 4.54 -12.16
CA ASP A 22 -7.04 5.60 -12.78
C ASP A 22 -7.51 6.54 -11.65
N LEU A 23 -6.91 7.72 -11.54
CA LEU A 23 -7.15 8.67 -10.44
C LEU A 23 -8.60 9.16 -10.32
N ASN A 24 -9.38 9.06 -11.40
CA ASN A 24 -10.80 9.45 -11.43
C ASN A 24 -11.72 8.46 -10.70
N ASN A 25 -11.24 7.24 -10.47
CA ASN A 25 -11.94 6.14 -9.79
C ASN A 25 -11.21 5.64 -8.54
N LEU A 26 -10.19 6.37 -8.07
CA LEU A 26 -9.50 6.03 -6.83
C LEU A 26 -10.40 6.28 -5.61
N ASP A 27 -10.39 5.37 -4.64
CA ASP A 27 -11.20 5.48 -3.43
C ASP A 27 -10.56 6.41 -2.37
N PRO A 28 -11.32 7.29 -1.70
CA PRO A 28 -10.80 8.22 -0.72
C PRO A 28 -10.45 7.54 0.61
N GLU A 29 -11.11 6.43 0.97
CA GLU A 29 -10.73 5.66 2.15
C GLU A 29 -9.45 4.87 1.87
N LEU A 30 -9.27 4.30 0.66
CA LEU A 30 -7.97 3.73 0.26
C LEU A 30 -6.86 4.80 0.17
N LYS A 31 -7.20 6.03 -0.28
CA LYS A 31 -6.27 7.17 -0.39
C LYS A 31 -5.68 7.60 0.97
N ASN A 32 -6.41 7.41 2.07
CA ASN A 32 -5.92 7.71 3.42
C ASN A 32 -4.58 7.04 3.70
N LEU A 33 -4.46 5.76 3.32
CA LEU A 33 -3.29 4.94 3.57
C LEU A 33 -2.11 5.39 2.69
N PHE A 34 -2.40 5.65 1.41
CA PHE A 34 -1.41 6.07 0.41
C PHE A 34 -0.76 7.39 0.84
N ASP A 35 -1.58 8.31 1.33
CA ASP A 35 -1.14 9.63 1.78
C ASP A 35 -0.39 9.57 3.12
N MET A 36 -0.82 8.75 4.07
CA MET A 36 -0.09 8.53 5.33
C MET A 36 1.29 7.90 5.11
N CYS A 37 1.48 7.10 4.06
CA CYS A 37 2.81 6.63 3.65
C CYS A 37 3.67 7.71 2.97
N GLY A 38 3.03 8.72 2.36
CA GLY A 38 3.66 9.77 1.58
C GLY A 38 3.75 9.48 0.09
N ILE A 39 2.84 8.67 -0.47
CA ILE A 39 2.80 8.38 -1.91
C ILE A 39 2.05 9.51 -2.64
N SER A 40 2.56 9.96 -3.79
CA SER A 40 1.95 11.00 -4.63
C SER A 40 1.42 10.41 -5.94
N GLU A 41 0.56 11.13 -6.67
CA GLU A 41 -0.12 10.67 -7.91
C GLU A 41 0.83 10.07 -8.95
N ALA A 42 2.03 10.63 -9.11
CA ALA A 42 3.06 10.16 -10.04
C ALA A 42 3.55 8.73 -9.77
N GLN A 43 3.58 8.31 -8.50
CA GLN A 43 3.90 6.94 -8.13
C GLN A 43 2.73 5.99 -8.44
N LEU A 44 1.50 6.49 -8.33
CA LEU A 44 0.27 5.75 -8.65
C LEU A 44 0.10 5.54 -10.18
N LYS A 45 0.68 6.43 -11.00
CA LYS A 45 0.81 6.32 -12.46
C LYS A 45 2.07 5.58 -12.96
N ASP A 46 2.94 5.12 -12.06
CA ASP A 46 4.07 4.25 -12.41
C ASP A 46 3.60 2.78 -12.44
N ARG A 47 3.79 2.10 -13.58
CA ARG A 47 3.36 0.71 -13.81
C ARG A 47 3.87 -0.28 -12.75
N GLU A 48 5.15 -0.25 -12.45
CA GLU A 48 5.82 -1.19 -11.54
C GLU A 48 5.55 -0.88 -10.06
N THR A 49 5.55 0.40 -9.72
CA THR A 49 5.27 0.91 -8.36
C THR A 49 3.82 0.64 -7.98
N SER A 50 2.87 1.11 -8.81
CA SER A 50 1.44 0.91 -8.54
C SER A 50 1.04 -0.57 -8.45
N LYS A 51 1.72 -1.46 -9.17
CA LYS A 51 1.59 -2.92 -9.04
C LYS A 51 1.90 -3.42 -7.61
N VAL A 52 2.98 -2.92 -6.99
CA VAL A 52 3.40 -3.29 -5.61
C VAL A 52 2.47 -2.66 -4.57
N ILE A 53 1.98 -1.45 -4.83
CA ILE A 53 0.98 -0.78 -4.00
C ILE A 53 -0.35 -1.55 -4.02
N TYR A 54 -0.90 -1.84 -5.21
CA TYR A 54 -2.17 -2.56 -5.34
C TYR A 54 -2.12 -3.95 -4.69
N ASP A 55 -0.96 -4.61 -4.75
CA ASP A 55 -0.72 -5.91 -4.14
C ASP A 55 -1.11 -5.97 -2.66
N PHE A 56 -0.98 -4.85 -1.93
CA PHE A 56 -1.31 -4.76 -0.52
C PHE A 56 -2.83 -4.79 -0.28
N ILE A 57 -3.60 -4.17 -1.18
CA ILE A 57 -5.06 -4.10 -1.12
C ILE A 57 -5.66 -5.48 -1.34
N GLU A 58 -5.34 -6.15 -2.45
CA GLU A 58 -5.79 -7.53 -2.66
C GLU A 58 -5.34 -8.48 -1.52
N LYS A 59 -4.15 -8.26 -0.92
CA LYS A 59 -3.57 -9.13 0.11
C LYS A 59 -4.41 -9.18 1.39
N THR A 60 -4.93 -8.05 1.84
CA THR A 60 -5.88 -8.02 2.97
C THR A 60 -7.30 -8.50 2.57
N GLY A 61 -7.63 -8.49 1.27
CA GLY A 61 -8.92 -8.92 0.72
C GLY A 61 -9.67 -7.86 -0.09
N GLY A 62 -8.96 -7.10 -0.93
CA GLY A 62 -9.50 -5.99 -1.70
C GLY A 62 -9.74 -4.70 -0.89
N VAL A 63 -10.47 -3.76 -1.50
CA VAL A 63 -10.69 -2.43 -0.92
C VAL A 63 -11.58 -2.48 0.32
N GLU A 64 -12.58 -3.35 0.35
CA GLU A 64 -13.49 -3.51 1.50
C GLU A 64 -12.75 -3.99 2.76
N ALA A 65 -11.60 -4.65 2.59
CA ALA A 65 -10.75 -5.02 3.69
C ALA A 65 -9.96 -3.82 4.24
N VAL A 66 -9.19 -3.09 3.42
CA VAL A 66 -8.40 -1.93 3.88
C VAL A 66 -9.28 -0.83 4.49
N LYS A 67 -10.47 -0.60 3.92
CA LYS A 67 -11.48 0.33 4.43
C LYS A 67 -11.92 0.00 5.87
N ASN A 68 -12.01 -1.29 6.20
CA ASN A 68 -12.35 -1.80 7.52
C ASN A 68 -11.13 -1.97 8.45
N GLU A 69 -9.95 -2.22 7.89
CA GLU A 69 -8.71 -2.31 8.66
C GLU A 69 -8.33 -0.95 9.27
N LEU A 70 -8.36 0.14 8.49
CA LEU A 70 -8.03 1.49 8.99
C LEU A 70 -9.09 2.08 9.93
N ARG A 71 -10.24 1.40 10.09
CA ARG A 71 -11.28 1.67 11.10
C ARG A 71 -10.97 1.05 12.48
N ARG A 72 -10.09 0.03 12.56
CA ARG A 72 -9.65 -0.65 13.81
C ARG A 72 -8.74 0.22 14.68
N GLN A 73 -8.68 -0.05 15.99
CA GLN A 73 -7.76 0.57 16.96
C GLN A 73 -6.27 0.36 16.63
N GLY B 1 1.37 10.70 13.45
CA GLY B 1 0.69 9.65 14.22
C GLY B 1 1.35 8.31 13.98
N LEU B 2 0.85 7.25 14.63
CA LEU B 2 1.31 5.85 14.42
C LEU B 2 0.19 4.95 13.80
N PRO B 3 -0.26 5.22 12.56
CA PRO B 3 -1.30 4.42 11.87
C PRO B 3 -0.76 3.05 11.43
N ASP B 4 -1.26 1.97 12.05
CA ASP B 4 -0.75 0.61 11.79
C ASP B 4 -0.95 0.14 10.35
N VAL B 5 -2.08 0.46 9.72
CA VAL B 5 -2.40 -0.05 8.36
C VAL B 5 -1.51 0.62 7.30
N ALA B 6 -1.13 1.89 7.50
CA ALA B 6 -0.14 2.56 6.66
C ALA B 6 1.29 2.04 6.93
N GLN B 7 1.64 1.72 8.17
CA GLN B 7 2.91 1.05 8.49
C GLN B 7 3.00 -0.34 7.84
N ARG B 8 1.90 -1.12 7.82
CA ARG B 8 1.80 -2.38 7.06
C ARG B 8 1.95 -2.16 5.53
N LEU B 9 1.39 -1.09 4.96
CA LEU B 9 1.64 -0.71 3.56
C LEU B 9 3.13 -0.40 3.31
N MET B 10 3.79 0.36 4.19
CA MET B 10 5.23 0.66 4.11
C MET B 10 6.12 -0.59 4.20
N GLN B 11 5.77 -1.55 5.06
CA GLN B 11 6.45 -2.85 5.16
C GLN B 11 6.23 -3.74 3.93
N HIS B 12 5.07 -3.64 3.25
CA HIS B 12 4.80 -4.39 2.02
C HIS B 12 5.59 -3.86 0.82
N LEU B 13 5.69 -2.54 0.65
CA LEU B 13 6.52 -1.92 -0.38
C LEU B 13 8.02 -2.27 -0.19
N ALA B 14 8.46 -2.46 1.06
CA ALA B 14 9.83 -2.86 1.37
C ALA B 14 10.22 -4.25 0.84
N GLU B 15 9.26 -5.14 0.54
CA GLU B 15 9.58 -6.45 -0.08
C GLU B 15 10.20 -6.29 -1.48
N HIS B 16 9.75 -5.28 -2.23
CA HIS B 16 10.19 -4.95 -3.60
C HIS B 16 11.12 -3.73 -3.68
N GLY B 17 11.29 -3.01 -2.57
CA GLY B 17 12.19 -1.85 -2.43
C GLY B 17 11.58 -0.51 -2.84
N ILE B 18 10.25 -0.39 -2.83
CA ILE B 18 9.54 0.81 -3.31
C ILE B 18 9.54 1.92 -2.25
N GLN B 19 9.71 3.17 -2.68
CA GLN B 19 9.80 4.35 -1.82
C GLN B 19 8.61 5.32 -2.00
N PRO B 20 8.26 6.13 -0.97
CA PRO B 20 7.24 7.16 -1.07
C PRO B 20 7.82 8.48 -1.60
N ALA B 21 6.98 9.33 -2.19
CA ALA B 21 7.40 10.62 -2.75
C ALA B 21 7.59 11.71 -1.68
N ARG B 22 6.89 11.63 -0.53
CA ARG B 22 6.85 12.68 0.52
C ARG B 22 7.51 12.32 1.86
N ASN B 23 7.92 11.06 2.06
CA ASN B 23 8.56 10.55 3.28
C ASN B 23 7.85 10.93 4.61
N MET B 24 6.51 10.81 4.67
CA MET B 24 5.68 11.03 5.85
C MET B 24 6.21 10.25 7.06
N ALA B 25 6.34 10.99 8.16
CA ALA B 25 6.78 10.55 9.48
C ALA B 25 5.80 9.60 10.24
N GLU B 26 4.84 9.01 9.54
CA GLU B 26 3.93 7.97 10.07
C GLU B 26 4.60 6.58 10.17
N HIS B 27 5.67 6.36 9.38
CA HIS B 27 6.51 5.15 9.47
C HIS B 27 7.52 5.26 10.62
N ILE B 28 7.79 4.12 11.27
CA ILE B 28 8.82 3.93 12.30
C ILE B 28 9.43 2.52 12.21
N PRO B 29 10.73 2.33 12.54
CA PRO B 29 11.31 1.01 12.71
C PRO B 29 10.67 0.23 13.88
N PRO B 30 10.81 -1.11 13.91
CA PRO B 30 10.29 -1.95 14.99
C PRO B 30 10.83 -1.57 16.38
N ALA B 31 9.94 -1.34 17.33
CA ALA B 31 10.24 -1.16 18.76
C ALA B 31 10.19 -2.49 19.54
N PRO B 32 10.83 -2.59 20.72
CA PRO B 32 10.66 -3.73 21.63
C PRO B 32 9.20 -3.90 22.07
N ASN B 33 8.74 -5.15 22.21
CA ASN B 33 7.33 -5.47 22.52
C ASN B 33 6.95 -5.18 23.99
N TRP B 34 7.94 -5.12 24.90
CA TRP B 34 7.88 -4.66 26.30
C TRP B 34 6.58 -5.08 27.05
N PRO B 35 6.37 -6.37 27.33
CA PRO B 35 5.15 -6.85 27.98
C PRO B 35 5.02 -6.41 29.44
N ALA B 36 3.78 -6.31 29.92
CA ALA B 36 3.42 -5.98 31.31
C ALA B 36 2.00 -6.53 31.67
N PRO B 37 1.74 -7.84 31.51
CA PRO B 37 0.39 -8.41 31.70
C PRO B 37 -0.14 -8.32 33.13
N THR B 38 -1.43 -8.00 33.27
CA THR B 38 -2.24 -8.08 34.50
C THR B 38 -3.72 -7.98 34.09
N PRO B 39 -4.55 -9.01 34.30
CA PRO B 39 -5.93 -9.02 33.83
C PRO B 39 -6.82 -8.05 34.63
N PRO B 40 -7.73 -7.29 33.97
CA PRO B 40 -8.62 -6.32 34.60
C PRO B 40 -9.83 -6.98 35.30
N VAL B 41 -9.54 -7.83 36.30
CA VAL B 41 -10.47 -8.63 37.10
C VAL B 41 -10.16 -8.52 38.60
N GLN B 42 -11.13 -8.85 39.45
CA GLN B 42 -10.93 -9.01 40.91
C GLN B 42 -10.11 -10.26 41.25
N ASN B 43 -9.43 -10.27 42.41
CA ASN B 43 -8.61 -11.40 42.88
C ASN B 43 -8.31 -11.33 44.40
N GLU B 44 -9.33 -11.02 45.22
CA GLU B 44 -9.21 -10.89 46.68
C GLU B 44 -9.26 -12.23 47.44
N GLN B 45 -9.12 -12.17 48.77
CA GLN B 45 -9.36 -13.29 49.68
C GLN B 45 -10.88 -13.59 49.80
N SER B 46 -11.32 -14.78 49.39
CA SER B 46 -12.74 -15.20 49.43
C SER B 46 -13.19 -15.69 50.81
N ARG B 47 -14.45 -15.41 51.16
CA ARG B 47 -15.08 -15.80 52.45
C ARG B 47 -15.76 -17.18 52.37
N PRO B 48 -15.55 -18.10 53.32
CA PRO B 48 -16.14 -19.45 53.32
C PRO B 48 -17.62 -19.47 53.76
#